data_1OCP
#
_entry.id   1OCP
#
_cell.length_a   1.000
_cell.length_b   1.000
_cell.length_c   1.000
_cell.angle_alpha   90.00
_cell.angle_beta   90.00
_cell.angle_gamma   90.00
#
_symmetry.space_group_name_H-M   'P 1'
#
_entity_poly.entity_id   1
_entity_poly.type   'polypeptide(L)'
_entity_poly.pdbx_seq_one_letter_code
;METLVQARKRKRTSIENRVRWSLETMFLKCPKPSLQQITHIANQLGLEKDVVRVWFCNRRQKGKRSS
;
_entity_poly.pdbx_strand_id   A
#
# COMPACT_ATOMS: atom_id res chain seq x y z
N MET A 1 -9.58 23.40 -7.91
CA MET A 1 -9.61 22.48 -9.08
C MET A 1 -8.17 22.19 -9.53
N GLU A 2 -7.38 23.22 -9.70
CA GLU A 2 -5.97 23.02 -10.15
C GLU A 2 -5.05 23.09 -8.93
N THR A 3 -5.35 22.36 -7.89
CA THR A 3 -4.49 22.37 -6.67
C THR A 3 -4.08 20.94 -6.30
N LEU A 4 -2.94 20.78 -5.70
CA LEU A 4 -2.48 19.41 -5.32
C LEU A 4 -1.91 19.43 -3.89
N VAL A 5 -2.67 19.95 -2.96
CA VAL A 5 -2.17 20.00 -1.54
C VAL A 5 -3.36 19.90 -0.58
N GLN A 6 -4.44 19.28 -1.00
CA GLN A 6 -5.63 19.15 -0.11
C GLN A 6 -6.33 17.81 -0.39
N ALA A 7 -5.60 16.73 -0.36
CA ALA A 7 -6.20 15.40 -0.61
C ALA A 7 -7.04 14.97 0.61
N ARG A 8 -7.65 13.82 0.53
CA ARG A 8 -8.49 13.34 1.66
C ARG A 8 -7.68 12.37 2.53
N LYS A 9 -7.05 11.40 1.92
CA LYS A 9 -6.24 10.43 2.69
C LYS A 9 -4.76 10.60 2.36
N ARG A 10 -4.43 10.58 1.09
CA ARG A 10 -3.01 10.76 0.68
C ARG A 10 -2.94 11.26 -0.76
N LYS A 11 -3.30 10.45 -1.70
CA LYS A 11 -3.26 10.88 -3.13
C LYS A 11 -4.15 9.97 -3.98
N ARG A 12 -4.50 10.41 -5.16
CA ARG A 12 -5.36 9.59 -6.06
C ARG A 12 -4.85 9.68 -7.50
N THR A 13 -3.64 10.14 -7.70
CA THR A 13 -3.09 10.24 -9.08
C THR A 13 -2.61 8.85 -9.51
N SER A 14 -2.20 8.04 -8.57
CA SER A 14 -1.74 6.66 -8.89
C SER A 14 -1.95 5.76 -7.67
N ILE A 15 -2.97 6.05 -6.90
CA ILE A 15 -3.27 5.23 -5.70
C ILE A 15 -4.78 5.27 -5.42
N GLU A 16 -5.55 4.62 -6.26
CA GLU A 16 -7.02 4.59 -6.04
C GLU A 16 -7.27 3.79 -4.77
N ASN A 17 -8.37 4.03 -4.12
CA ASN A 17 -8.69 3.28 -2.86
C ASN A 17 -8.76 1.78 -3.17
N ARG A 18 -9.04 1.43 -4.41
CA ARG A 18 -9.11 0.00 -4.78
C ARG A 18 -7.69 -0.52 -5.00
N VAL A 19 -6.78 0.32 -5.45
CA VAL A 19 -5.38 -0.14 -5.68
C VAL A 19 -4.76 -0.55 -4.35
N ARG A 20 -4.94 0.25 -3.33
CA ARG A 20 -4.35 -0.08 -2.01
C ARG A 20 -4.90 -1.41 -1.51
N TRP A 21 -6.18 -1.61 -1.58
CA TRP A 21 -6.74 -2.91 -1.11
C TRP A 21 -6.52 -3.99 -2.17
N SER A 22 -6.03 -3.62 -3.33
CA SER A 22 -5.65 -4.63 -4.34
C SER A 22 -4.32 -5.20 -3.82
N LEU A 23 -3.48 -4.34 -3.27
CA LEU A 23 -2.20 -4.81 -2.65
C LEU A 23 -2.57 -5.84 -1.60
N GLU A 24 -3.55 -5.51 -0.79
CA GLU A 24 -4.00 -6.41 0.32
C GLU A 24 -4.24 -7.83 -0.18
N THR A 25 -5.05 -8.01 -1.19
CA THR A 25 -5.33 -9.39 -1.70
C THR A 25 -4.03 -10.03 -2.20
N MET A 26 -3.10 -9.22 -2.66
CA MET A 26 -1.80 -9.78 -3.15
C MET A 26 -0.91 -10.19 -1.96
N PHE A 27 -1.10 -9.57 -0.82
CA PHE A 27 -0.26 -9.92 0.37
C PHE A 27 -0.93 -11.04 1.19
N LEU A 28 -2.21 -11.27 0.99
CA LEU A 28 -2.92 -12.32 1.78
C LEU A 28 -2.88 -13.67 1.05
N LYS A 29 -1.92 -13.87 0.18
CA LYS A 29 -1.82 -15.18 -0.54
C LYS A 29 -0.75 -16.02 0.17
N CYS A 30 0.31 -15.38 0.54
CA CYS A 30 1.40 -16.07 1.26
C CYS A 30 1.93 -15.11 2.34
N PRO A 31 2.35 -15.64 3.47
CA PRO A 31 2.88 -14.81 4.56
C PRO A 31 4.37 -14.52 4.34
N LYS A 32 4.90 -14.88 3.18
CA LYS A 32 6.35 -14.66 2.93
C LYS A 32 6.57 -13.80 1.67
N PRO A 33 6.14 -12.55 1.68
CA PRO A 33 6.36 -11.66 0.52
C PRO A 33 7.81 -11.21 0.51
N SER A 34 8.49 -11.41 -0.58
CA SER A 34 9.92 -11.02 -0.68
C SER A 34 10.02 -9.54 -0.97
N LEU A 35 11.11 -8.92 -0.56
CA LEU A 35 11.29 -7.47 -0.87
C LEU A 35 11.33 -7.33 -2.41
N GLN A 36 11.65 -8.41 -3.10
CA GLN A 36 11.66 -8.37 -4.59
C GLN A 36 10.21 -8.26 -5.02
N GLN A 37 9.34 -8.98 -4.36
CA GLN A 37 7.89 -8.89 -4.66
C GLN A 37 7.41 -7.49 -4.28
N ILE A 38 8.09 -6.84 -3.35
CA ILE A 38 7.69 -5.46 -2.96
C ILE A 38 8.06 -4.53 -4.13
N THR A 39 9.09 -4.87 -4.86
CA THR A 39 9.48 -4.04 -6.04
C THR A 39 8.36 -4.18 -7.07
N HIS A 40 7.90 -5.39 -7.29
CA HIS A 40 6.78 -5.62 -8.25
C HIS A 40 5.51 -5.01 -7.67
N ILE A 41 5.46 -4.81 -6.37
CA ILE A 41 4.27 -4.19 -5.76
C ILE A 41 4.25 -2.73 -6.19
N ALA A 42 5.39 -2.09 -6.16
CA ALA A 42 5.48 -0.66 -6.56
C ALA A 42 5.08 -0.51 -8.02
N ASN A 43 5.68 -1.28 -8.88
CA ASN A 43 5.29 -1.25 -10.32
C ASN A 43 3.83 -1.71 -10.43
N GLN A 44 3.33 -2.40 -9.42
CA GLN A 44 1.93 -2.89 -9.45
C GLN A 44 0.95 -1.72 -9.20
N LEU A 45 1.34 -0.72 -8.44
CA LEU A 45 0.42 0.44 -8.19
C LEU A 45 1.17 1.78 -8.36
N GLY A 46 2.23 1.78 -9.13
CA GLY A 46 3.01 3.05 -9.41
C GLY A 46 3.19 3.94 -8.17
N LEU A 47 3.30 3.37 -6.99
CA LEU A 47 3.50 4.24 -5.77
C LEU A 47 4.98 4.24 -5.36
N GLU A 48 5.30 4.97 -4.32
CA GLU A 48 6.70 5.02 -3.82
C GLU A 48 6.86 3.92 -2.75
N LYS A 49 8.00 3.30 -2.68
CA LYS A 49 8.22 2.22 -1.67
C LYS A 49 7.93 2.74 -0.26
N ASP A 50 7.98 4.03 -0.06
CA ASP A 50 7.73 4.59 1.30
C ASP A 50 6.24 4.49 1.66
N VAL A 51 5.35 4.72 0.71
CA VAL A 51 3.90 4.62 1.02
C VAL A 51 3.47 3.14 1.01
N VAL A 52 4.22 2.32 0.32
CA VAL A 52 3.87 0.87 0.27
C VAL A 52 4.34 0.18 1.56
N ARG A 53 5.37 0.71 2.18
CA ARG A 53 5.88 0.09 3.44
C ARG A 53 4.96 0.50 4.59
N VAL A 54 4.63 1.77 4.69
CA VAL A 54 3.73 2.23 5.78
C VAL A 54 2.34 1.64 5.57
N TRP A 55 1.97 1.42 4.33
CA TRP A 55 0.64 0.82 4.04
C TRP A 55 0.68 -0.67 4.42
N PHE A 56 1.80 -1.33 4.23
CA PHE A 56 1.87 -2.77 4.62
C PHE A 56 2.18 -2.88 6.12
N CYS A 57 2.54 -1.79 6.77
CA CYS A 57 2.81 -1.86 8.23
C CYS A 57 1.49 -2.16 8.92
N ASN A 58 0.44 -1.50 8.50
CA ASN A 58 -0.89 -1.77 9.09
C ASN A 58 -1.35 -3.15 8.63
N ARG A 59 -1.12 -3.49 7.37
CA ARG A 59 -1.53 -4.84 6.87
C ARG A 59 -0.77 -5.92 7.65
N ARG A 60 0.33 -5.56 8.27
CA ARG A 60 1.13 -6.56 9.03
C ARG A 60 0.55 -6.72 10.44
N GLN A 61 0.09 -5.64 11.02
CA GLN A 61 -0.48 -5.72 12.40
C GLN A 61 -1.97 -5.36 12.38
N LYS A 62 -2.76 -6.10 11.62
CA LYS A 62 -4.21 -5.83 11.57
C LYS A 62 -4.88 -6.49 12.78
N GLY A 63 -4.34 -7.58 13.24
CA GLY A 63 -4.92 -8.29 14.41
C GLY A 63 -4.23 -9.63 14.62
N LYS A 64 -2.93 -9.67 14.46
CA LYS A 64 -2.19 -10.95 14.65
C LYS A 64 -1.73 -11.07 16.11
N ARG A 65 -1.52 -9.96 16.77
CA ARG A 65 -1.08 -10.01 18.19
C ARG A 65 -1.88 -9.00 19.01
N SER A 66 -3.13 -9.32 19.30
CA SER A 66 -3.98 -8.38 20.08
C SER A 66 -3.90 -8.74 21.56
N SER A 67 -3.72 -7.75 22.41
CA SER A 67 -3.63 -8.02 23.87
C SER A 67 -4.53 -7.03 24.62
N MET A 1 -17.68 -4.14 -19.02
CA MET A 1 -16.65 -5.17 -19.31
C MET A 1 -15.54 -5.10 -18.26
N GLU A 2 -14.96 -3.95 -18.06
CA GLU A 2 -13.87 -3.81 -17.05
C GLU A 2 -14.35 -2.93 -15.89
N THR A 3 -15.63 -3.00 -15.58
CA THR A 3 -16.16 -2.17 -14.45
C THR A 3 -16.28 -3.03 -13.20
N LEU A 4 -15.37 -3.95 -13.00
CA LEU A 4 -15.42 -4.83 -11.80
C LEU A 4 -14.00 -5.12 -11.31
N VAL A 5 -13.13 -4.15 -11.38
CA VAL A 5 -11.73 -4.35 -10.92
C VAL A 5 -11.65 -4.16 -9.39
N GLN A 6 -12.54 -3.38 -8.84
CA GLN A 6 -12.52 -3.14 -7.37
C GLN A 6 -13.73 -3.85 -6.73
N ALA A 7 -13.64 -5.13 -6.53
CA ALA A 7 -14.77 -5.89 -5.92
C ALA A 7 -15.00 -5.39 -4.49
N ARG A 8 -15.78 -6.12 -3.73
CA ARG A 8 -16.06 -5.71 -2.33
C ARG A 8 -15.45 -6.73 -1.36
N LYS A 9 -15.62 -8.00 -1.62
CA LYS A 9 -15.07 -9.04 -0.73
C LYS A 9 -14.87 -10.35 -1.50
N ARG A 10 -14.69 -10.27 -2.80
CA ARG A 10 -14.49 -11.50 -3.61
C ARG A 10 -13.02 -11.90 -3.56
N LYS A 11 -12.14 -10.94 -3.53
CA LYS A 11 -10.67 -11.24 -3.48
C LYS A 11 -9.92 -10.01 -2.95
N ARG A 12 -8.62 -9.99 -3.13
CA ARG A 12 -7.83 -8.82 -2.64
C ARG A 12 -7.55 -7.87 -3.81
N THR A 13 -8.52 -7.68 -4.66
CA THR A 13 -8.33 -6.76 -5.83
C THR A 13 -8.50 -5.31 -5.37
N SER A 14 -9.34 -5.10 -4.38
CA SER A 14 -9.56 -3.71 -3.87
C SER A 14 -8.67 -3.48 -2.64
N ILE A 15 -8.93 -2.42 -1.91
CA ILE A 15 -8.11 -2.14 -0.70
C ILE A 15 -8.71 -2.84 0.51
N GLU A 16 -8.34 -4.07 0.73
CA GLU A 16 -8.85 -4.82 1.90
C GLU A 16 -8.02 -4.38 3.10
N ASN A 17 -8.54 -4.51 4.29
CA ASN A 17 -7.76 -4.10 5.49
C ASN A 17 -6.48 -4.95 5.57
N ARG A 18 -6.47 -6.09 4.94
CA ARG A 18 -5.26 -6.95 4.95
C ARG A 18 -4.30 -6.46 3.85
N VAL A 19 -4.83 -5.91 2.77
CA VAL A 19 -3.94 -5.42 1.68
C VAL A 19 -3.12 -4.23 2.20
N ARG A 20 -3.75 -3.32 2.89
CA ARG A 20 -3.01 -2.15 3.42
C ARG A 20 -1.94 -2.62 4.39
N TRP A 21 -2.23 -3.62 5.16
CA TRP A 21 -1.21 -4.13 6.11
C TRP A 21 -0.29 -5.15 5.41
N SER A 22 -0.62 -5.50 4.19
CA SER A 22 0.32 -6.35 3.40
C SER A 22 1.42 -5.37 2.98
N LEU A 23 1.03 -4.14 2.65
CA LEU A 23 2.03 -3.08 2.31
C LEU A 23 2.99 -2.96 3.50
N GLU A 24 2.41 -2.82 4.67
CA GLU A 24 3.20 -2.67 5.93
C GLU A 24 4.30 -3.74 6.02
N THR A 25 4.04 -4.94 5.56
CA THR A 25 5.08 -6.00 5.63
C THR A 25 6.20 -5.66 4.65
N MET A 26 5.84 -5.26 3.47
CA MET A 26 6.87 -4.91 2.44
C MET A 26 7.73 -3.73 2.91
N PHE A 27 7.20 -2.84 3.71
CA PHE A 27 7.99 -1.66 4.17
C PHE A 27 8.73 -1.98 5.48
N LEU A 28 8.26 -2.95 6.23
CA LEU A 28 8.90 -3.30 7.52
C LEU A 28 9.95 -4.41 7.33
N LYS A 29 10.18 -4.87 6.13
CA LYS A 29 11.20 -5.94 5.92
C LYS A 29 12.49 -5.29 5.44
N CYS A 30 12.36 -4.25 4.65
CA CYS A 30 13.56 -3.55 4.13
C CYS A 30 13.25 -2.04 4.14
N PRO A 31 14.16 -1.23 4.67
CA PRO A 31 13.97 0.24 4.71
C PRO A 31 14.47 0.88 3.42
N LYS A 32 14.49 0.13 2.34
CA LYS A 32 15.01 0.69 1.06
C LYS A 32 13.92 0.65 -0.05
N PRO A 33 12.71 1.13 0.22
CA PRO A 33 11.66 1.15 -0.81
C PRO A 33 11.92 2.26 -1.82
N SER A 34 12.40 1.90 -2.98
CA SER A 34 12.69 2.93 -4.02
C SER A 34 11.37 3.45 -4.58
N LEU A 35 11.38 4.62 -5.16
CA LEU A 35 10.13 5.15 -5.78
C LEU A 35 9.67 4.14 -6.85
N GLN A 36 10.59 3.36 -7.35
CA GLN A 36 10.23 2.33 -8.36
C GLN A 36 9.46 1.25 -7.62
N GLN A 37 9.94 0.88 -6.46
CA GLN A 37 9.24 -0.15 -5.64
C GLN A 37 7.87 0.40 -5.23
N ILE A 38 7.72 1.71 -5.18
CA ILE A 38 6.39 2.28 -4.81
C ILE A 38 5.46 2.10 -6.02
N THR A 39 6.01 2.13 -7.20
CA THR A 39 5.18 1.91 -8.43
C THR A 39 4.67 0.47 -8.38
N HIS A 40 5.52 -0.43 -7.97
CA HIS A 40 5.11 -1.87 -7.84
C HIS A 40 4.20 -2.02 -6.63
N ILE A 41 4.27 -1.11 -5.68
CA ILE A 41 3.40 -1.19 -4.49
C ILE A 41 1.97 -0.91 -4.97
N ALA A 42 1.81 0.09 -5.80
CA ALA A 42 0.46 0.45 -6.32
C ALA A 42 -0.11 -0.72 -7.10
N ASN A 43 0.62 -1.22 -8.06
CA ASN A 43 0.15 -2.41 -8.82
C ASN A 43 0.04 -3.60 -7.85
N GLN A 44 0.69 -3.50 -6.71
CA GLN A 44 0.63 -4.61 -5.71
C GLN A 44 -0.73 -4.62 -5.01
N LEU A 45 -1.36 -3.47 -4.85
CA LEU A 45 -2.70 -3.45 -4.18
C LEU A 45 -3.74 -2.69 -5.03
N GLY A 46 -3.49 -2.53 -6.30
CA GLY A 46 -4.47 -1.84 -7.21
C GLY A 46 -5.04 -0.54 -6.63
N LEU A 47 -4.29 0.18 -5.83
CA LEU A 47 -4.81 1.47 -5.28
C LEU A 47 -4.26 2.65 -6.10
N GLU A 48 -4.62 3.84 -5.72
CA GLU A 48 -4.12 5.05 -6.43
C GLU A 48 -2.82 5.50 -5.74
N LYS A 49 -1.87 5.97 -6.50
CA LYS A 49 -0.58 6.42 -5.89
C LYS A 49 -0.82 7.46 -4.78
N ASP A 50 -1.96 8.12 -4.80
CA ASP A 50 -2.25 9.15 -3.76
C ASP A 50 -2.59 8.50 -2.42
N VAL A 51 -3.31 7.40 -2.43
CA VAL A 51 -3.65 6.75 -1.13
C VAL A 51 -2.45 5.91 -0.66
N VAL A 52 -1.54 5.59 -1.55
CA VAL A 52 -0.36 4.79 -1.16
C VAL A 52 0.68 5.71 -0.50
N ARG A 53 0.76 6.94 -0.95
CA ARG A 53 1.74 7.90 -0.35
C ARG A 53 1.21 8.40 0.99
N VAL A 54 -0.08 8.60 1.08
CA VAL A 54 -0.68 9.08 2.36
C VAL A 54 -0.69 7.93 3.37
N TRP A 55 -0.85 6.73 2.89
CA TRP A 55 -0.85 5.54 3.79
C TRP A 55 0.58 5.29 4.28
N PHE A 56 1.57 5.57 3.46
CA PHE A 56 2.97 5.35 3.91
C PHE A 56 3.50 6.62 4.58
N CYS A 57 2.80 7.73 4.47
CA CYS A 57 3.26 8.97 5.15
C CYS A 57 3.13 8.75 6.65
N ASN A 58 2.08 8.09 7.05
CA ASN A 58 1.88 7.78 8.49
C ASN A 58 2.82 6.64 8.86
N ARG A 59 2.94 5.67 7.97
CA ARG A 59 3.84 4.52 8.25
C ARG A 59 5.30 5.01 8.32
N ARG A 60 5.57 6.20 7.81
CA ARG A 60 6.96 6.74 7.86
C ARG A 60 7.16 7.43 9.21
N GLN A 61 6.22 8.24 9.62
CA GLN A 61 6.34 8.93 10.93
C GLN A 61 5.33 8.36 11.91
N LYS A 62 5.47 7.09 12.22
CA LYS A 62 4.52 6.44 13.18
C LYS A 62 4.91 6.82 14.61
N GLY A 63 6.16 7.13 14.84
CA GLY A 63 6.59 7.51 16.22
C GLY A 63 8.10 7.29 16.37
N LYS A 64 8.89 8.08 15.68
CA LYS A 64 10.37 7.92 15.78
C LYS A 64 11.04 9.28 15.56
N ARG A 65 10.64 9.98 14.54
CA ARG A 65 11.25 11.31 14.26
C ARG A 65 10.16 12.39 14.28
N SER A 66 10.28 13.34 15.18
CA SER A 66 9.26 14.42 15.27
C SER A 66 9.88 15.63 15.97
N SER A 67 9.51 16.82 15.57
CA SER A 67 10.06 18.04 16.20
C SER A 67 9.13 19.23 15.94
N MET A 1 11.37 -30.33 -4.09
CA MET A 1 11.12 -28.98 -4.64
C MET A 1 9.68 -28.58 -4.38
N GLU A 2 9.41 -27.31 -4.26
CA GLU A 2 8.02 -26.83 -4.00
C GLU A 2 7.73 -25.58 -4.82
N THR A 3 8.66 -24.65 -4.85
CA THR A 3 8.44 -23.40 -5.63
C THR A 3 8.90 -23.61 -7.07
N LEU A 4 8.35 -22.87 -7.98
CA LEU A 4 8.73 -23.00 -9.42
C LEU A 4 8.71 -21.63 -10.09
N VAL A 5 8.97 -21.59 -11.37
CA VAL A 5 8.97 -20.28 -12.09
C VAL A 5 7.92 -20.32 -13.21
N GLN A 6 6.66 -20.27 -12.84
CA GLN A 6 5.58 -20.30 -13.87
C GLN A 6 4.37 -19.51 -13.37
N ALA A 7 4.58 -18.56 -12.49
CA ALA A 7 3.44 -17.75 -11.97
C ALA A 7 3.05 -16.70 -13.00
N ARG A 8 2.10 -15.86 -12.68
CA ARG A 8 1.66 -14.81 -13.63
C ARG A 8 2.08 -13.43 -13.11
N LYS A 9 1.84 -13.15 -11.85
CA LYS A 9 2.22 -11.83 -11.30
C LYS A 9 2.87 -12.02 -9.93
N ARG A 10 4.01 -12.67 -9.89
CA ARG A 10 4.70 -12.89 -8.60
C ARG A 10 5.87 -11.91 -8.47
N LYS A 11 5.57 -10.63 -8.48
CA LYS A 11 6.64 -9.61 -8.37
C LYS A 11 6.11 -8.40 -7.59
N ARG A 12 6.15 -8.47 -6.29
CA ARG A 12 5.65 -7.34 -5.46
C ARG A 12 6.84 -6.57 -4.86
N THR A 13 7.98 -6.63 -5.50
CA THR A 13 9.18 -5.91 -4.99
C THR A 13 9.16 -4.45 -5.49
N SER A 14 8.11 -4.03 -6.17
CA SER A 14 8.05 -2.63 -6.66
C SER A 14 6.64 -2.07 -6.39
N ILE A 15 6.35 -0.91 -6.90
CA ILE A 15 5.01 -0.30 -6.68
C ILE A 15 4.08 -0.68 -7.84
N GLU A 16 3.50 -1.86 -7.79
CA GLU A 16 2.55 -2.26 -8.85
C GLU A 16 1.32 -1.39 -8.68
N ASN A 17 0.58 -1.15 -9.74
CA ASN A 17 -0.64 -0.28 -9.62
C ASN A 17 -1.62 -0.94 -8.65
N ARG A 18 -1.56 -2.23 -8.49
CA ARG A 18 -2.48 -2.91 -7.55
C ARG A 18 -1.92 -2.81 -6.13
N VAL A 19 -0.61 -2.69 -5.99
CA VAL A 19 -0.01 -2.58 -4.63
C VAL A 19 -0.43 -1.25 -4.01
N ARG A 20 -0.36 -0.18 -4.76
CA ARG A 20 -0.75 1.14 -4.20
C ARG A 20 -2.21 1.11 -3.77
N TRP A 21 -3.10 0.68 -4.63
CA TRP A 21 -4.52 0.64 -4.23
C TRP A 21 -4.77 -0.58 -3.34
N SER A 22 -3.75 -1.43 -3.18
CA SER A 22 -3.88 -2.55 -2.22
C SER A 22 -3.71 -1.91 -0.83
N LEU A 23 -2.83 -0.92 -0.75
CA LEU A 23 -2.67 -0.15 0.52
C LEU A 23 -4.04 0.44 0.85
N GLU A 24 -4.67 0.95 -0.18
CA GLU A 24 -6.02 1.56 -0.03
C GLU A 24 -7.04 0.52 0.45
N THR A 25 -6.86 -0.72 0.06
CA THR A 25 -7.81 -1.79 0.47
C THR A 25 -7.63 -2.10 1.96
N MET A 26 -6.46 -1.90 2.48
CA MET A 26 -6.21 -2.21 3.92
C MET A 26 -6.59 -1.01 4.81
N PHE A 27 -6.51 0.18 4.29
CA PHE A 27 -6.82 1.39 5.13
C PHE A 27 -8.31 1.77 5.02
N LEU A 28 -8.99 1.34 3.99
CA LEU A 28 -10.43 1.70 3.83
C LEU A 28 -11.35 0.67 4.52
N LYS A 29 -10.79 -0.32 5.17
CA LYS A 29 -11.66 -1.32 5.87
C LYS A 29 -11.73 -0.94 7.35
N CYS A 30 -10.62 -0.48 7.87
CA CYS A 30 -10.56 -0.06 9.29
C CYS A 30 -9.67 1.21 9.35
N PRO A 31 -10.16 2.29 9.93
CA PRO A 31 -9.38 3.54 10.03
C PRO A 31 -8.52 3.53 11.29
N LYS A 32 -8.05 2.37 11.72
CA LYS A 32 -7.23 2.33 12.96
C LYS A 32 -5.83 1.70 12.71
N PRO A 33 -5.13 2.12 11.66
CA PRO A 33 -3.78 1.58 11.40
C PRO A 33 -2.76 2.22 12.35
N SER A 34 -1.77 1.48 12.76
CA SER A 34 -0.74 2.03 13.68
C SER A 34 0.40 2.64 12.87
N LEU A 35 1.03 3.66 13.39
CA LEU A 35 2.20 4.25 12.64
C LEU A 35 3.27 3.15 12.51
N GLN A 36 3.22 2.15 13.37
CA GLN A 36 4.18 1.02 13.27
C GLN A 36 3.83 0.27 12.00
N GLN A 37 2.55 0.08 11.77
CA GLN A 37 2.11 -0.60 10.53
C GLN A 37 2.47 0.29 9.34
N ILE A 38 2.63 1.59 9.56
CA ILE A 38 3.01 2.48 8.43
C ILE A 38 4.46 2.13 8.05
N THR A 39 5.26 1.79 9.03
CA THR A 39 6.66 1.38 8.74
C THR A 39 6.62 0.10 7.90
N HIS A 40 5.83 -0.84 8.35
CA HIS A 40 5.67 -2.12 7.58
C HIS A 40 4.93 -1.83 6.26
N ILE A 41 4.29 -0.69 6.17
CA ILE A 41 3.58 -0.33 4.90
C ILE A 41 4.68 -0.05 3.88
N ALA A 42 5.69 0.67 4.29
CA ALA A 42 6.83 0.99 3.40
C ALA A 42 7.47 -0.30 2.91
N ASN A 43 7.85 -1.15 3.83
CA ASN A 43 8.43 -2.47 3.42
C ASN A 43 7.37 -3.24 2.61
N GLN A 44 6.11 -2.87 2.78
CA GLN A 44 5.01 -3.56 2.06
C GLN A 44 5.00 -3.16 0.57
N LEU A 45 5.39 -1.95 0.25
CA LEU A 45 5.40 -1.54 -1.19
C LEU A 45 6.76 -0.93 -1.58
N GLY A 46 7.80 -1.23 -0.83
CA GLY A 46 9.17 -0.72 -1.15
C GLY A 46 9.20 0.78 -1.51
N LEU A 47 8.30 1.57 -0.99
CA LEU A 47 8.33 3.04 -1.31
C LEU A 47 8.99 3.82 -0.16
N GLU A 48 9.11 5.10 -0.31
CA GLU A 48 9.72 5.95 0.75
C GLU A 48 8.60 6.41 1.68
N LYS A 49 8.88 6.50 2.95
CA LYS A 49 7.83 6.95 3.93
C LYS A 49 7.27 8.32 3.52
N ASP A 50 7.98 9.07 2.72
CA ASP A 50 7.49 10.42 2.29
C ASP A 50 6.37 10.28 1.25
N VAL A 51 6.47 9.32 0.34
CA VAL A 51 5.39 9.17 -0.67
C VAL A 51 4.21 8.41 -0.03
N VAL A 52 4.48 7.63 0.98
CA VAL A 52 3.39 6.86 1.65
C VAL A 52 2.53 7.84 2.48
N ARG A 53 3.15 8.85 3.05
CA ARG A 53 2.40 9.81 3.89
C ARG A 53 1.59 10.77 3.01
N VAL A 54 2.20 11.30 1.97
CA VAL A 54 1.47 12.23 1.06
C VAL A 54 0.24 11.54 0.47
N TRP A 55 0.40 10.34 -0.02
CA TRP A 55 -0.79 9.64 -0.60
C TRP A 55 -1.77 9.32 0.54
N PHE A 56 -1.28 8.99 1.71
CA PHE A 56 -2.22 8.67 2.83
C PHE A 56 -2.75 9.94 3.48
N CYS A 57 -2.29 11.10 3.07
CA CYS A 57 -2.85 12.35 3.63
C CYS A 57 -4.17 12.57 2.90
N ASN A 58 -4.17 12.29 1.62
CA ASN A 58 -5.42 12.42 0.82
C ASN A 58 -6.23 11.11 0.94
N ARG A 59 -5.59 10.01 1.34
CA ARG A 59 -6.35 8.72 1.49
C ARG A 59 -6.97 8.65 2.88
N ARG A 60 -6.46 9.43 3.83
CA ARG A 60 -7.05 9.42 5.20
C ARG A 60 -8.16 10.48 5.26
N GLN A 61 -8.03 11.52 4.48
CA GLN A 61 -9.06 12.59 4.46
C GLN A 61 -9.33 13.00 3.01
N LYS A 62 -9.92 12.10 2.24
CA LYS A 62 -10.22 12.42 0.81
C LYS A 62 -11.50 13.26 0.71
N GLY A 63 -12.29 13.31 1.75
CA GLY A 63 -13.55 14.11 1.70
C GLY A 63 -13.25 15.61 1.72
N LYS A 64 -12.00 16.00 1.93
CA LYS A 64 -11.67 17.46 1.97
C LYS A 64 -11.16 17.92 0.60
N ARG A 65 -11.66 17.34 -0.46
CA ARG A 65 -11.21 17.75 -1.82
C ARG A 65 -12.42 17.89 -2.74
N SER A 66 -13.32 16.94 -2.70
CA SER A 66 -14.53 17.01 -3.57
C SER A 66 -15.71 17.53 -2.73
N SER A 67 -15.72 18.80 -2.43
CA SER A 67 -16.82 19.38 -1.62
C SER A 67 -17.52 20.49 -2.41
N MET A 1 -26.78 16.87 1.43
CA MET A 1 -26.15 15.99 0.40
C MET A 1 -25.15 15.06 1.07
N GLU A 2 -24.63 14.10 0.33
CA GLU A 2 -23.64 13.15 0.92
C GLU A 2 -24.25 12.42 2.13
N THR A 3 -25.48 11.99 2.00
CA THR A 3 -26.15 11.28 3.14
C THR A 3 -26.03 9.77 2.91
N LEU A 4 -26.76 9.25 1.95
CA LEU A 4 -26.72 7.80 1.67
C LEU A 4 -26.41 7.58 0.18
N VAL A 5 -25.55 8.40 -0.38
CA VAL A 5 -25.21 8.25 -1.83
C VAL A 5 -23.72 8.56 -2.03
N GLN A 6 -22.87 7.94 -1.24
CA GLN A 6 -21.39 8.18 -1.37
C GLN A 6 -20.70 6.88 -1.77
N ALA A 7 -20.70 5.90 -0.90
CA ALA A 7 -20.05 4.60 -1.23
C ALA A 7 -20.94 3.82 -2.19
N ARG A 8 -20.81 4.05 -3.46
CA ARG A 8 -21.64 3.33 -4.46
C ARG A 8 -20.91 2.09 -4.97
N LYS A 9 -19.70 2.25 -5.43
CA LYS A 9 -18.93 1.09 -5.95
C LYS A 9 -17.43 1.30 -5.71
N ARG A 10 -17.09 1.86 -4.58
CA ARG A 10 -15.64 2.10 -4.27
C ARG A 10 -15.46 2.18 -2.75
N LYS A 11 -15.44 1.05 -2.08
CA LYS A 11 -15.27 1.04 -0.61
C LYS A 11 -13.78 0.96 -0.28
N ARG A 12 -13.04 1.96 -0.66
CA ARG A 12 -11.57 1.97 -0.39
C ARG A 12 -11.19 3.31 0.26
N THR A 13 -11.96 3.76 1.20
CA THR A 13 -11.66 5.05 1.87
C THR A 13 -10.57 4.82 2.92
N SER A 14 -10.55 3.64 3.51
CA SER A 14 -9.52 3.34 4.54
C SER A 14 -8.60 2.23 4.03
N ILE A 15 -7.71 1.76 4.87
CA ILE A 15 -6.77 0.68 4.45
C ILE A 15 -7.49 -0.67 4.53
N GLU A 16 -8.15 -1.03 3.46
CA GLU A 16 -8.86 -2.32 3.42
C GLU A 16 -7.82 -3.43 3.42
N ASN A 17 -8.16 -4.59 3.89
CA ASN A 17 -7.19 -5.71 3.89
C ASN A 17 -6.77 -6.04 2.46
N ARG A 18 -7.57 -5.63 1.49
CA ARG A 18 -7.21 -5.90 0.08
C ARG A 18 -6.31 -4.79 -0.41
N VAL A 19 -6.45 -3.59 0.12
CA VAL A 19 -5.56 -2.48 -0.32
C VAL A 19 -4.14 -2.79 0.11
N ARG A 20 -3.96 -3.21 1.34
CA ARG A 20 -2.59 -3.54 1.84
C ARG A 20 -1.96 -4.59 0.94
N TRP A 21 -2.62 -5.68 0.73
CA TRP A 21 -2.01 -6.73 -0.13
C TRP A 21 -1.96 -6.21 -1.57
N SER A 22 -2.70 -5.15 -1.87
CA SER A 22 -2.62 -4.55 -3.23
C SER A 22 -1.21 -3.95 -3.32
N LEU A 23 -0.76 -3.35 -2.22
CA LEU A 23 0.63 -2.79 -2.16
C LEU A 23 1.59 -3.93 -2.49
N GLU A 24 1.33 -5.07 -1.88
CA GLU A 24 2.19 -6.28 -2.10
C GLU A 24 2.25 -6.61 -3.61
N THR A 25 1.17 -6.42 -4.31
CA THR A 25 1.14 -6.74 -5.76
C THR A 25 2.02 -5.76 -6.56
N MET A 26 1.93 -4.50 -6.28
CA MET A 26 2.74 -3.49 -7.04
C MET A 26 4.21 -3.49 -6.57
N PHE A 27 4.50 -4.06 -5.43
CA PHE A 27 5.92 -4.07 -4.95
C PHE A 27 6.64 -5.33 -5.42
N LEU A 28 5.91 -6.39 -5.69
CA LEU A 28 6.57 -7.65 -6.14
C LEU A 28 6.94 -7.59 -7.63
N LYS A 29 6.71 -6.48 -8.29
CA LYS A 29 7.09 -6.36 -9.72
C LYS A 29 8.42 -5.61 -9.80
N CYS A 30 8.52 -4.55 -9.05
CA CYS A 30 9.75 -3.74 -9.08
C CYS A 30 10.46 -3.81 -7.71
N PRO A 31 11.63 -4.45 -7.67
CA PRO A 31 12.42 -4.52 -6.43
C PRO A 31 13.31 -3.27 -6.34
N LYS A 32 12.98 -2.22 -7.09
CA LYS A 32 13.80 -1.00 -7.10
C LYS A 32 12.92 0.23 -6.77
N PRO A 33 12.17 0.19 -5.67
CA PRO A 33 11.31 1.33 -5.31
C PRO A 33 12.15 2.48 -4.74
N SER A 34 11.88 3.69 -5.18
CA SER A 34 12.62 4.87 -4.67
C SER A 34 11.91 5.41 -3.46
N LEU A 35 12.61 6.08 -2.59
CA LEU A 35 11.95 6.69 -1.40
C LEU A 35 10.89 7.67 -1.89
N GLN A 36 11.06 8.17 -3.10
CA GLN A 36 10.05 9.10 -3.67
C GLN A 36 8.82 8.28 -4.01
N GLN A 37 9.03 7.10 -4.53
CA GLN A 37 7.88 6.22 -4.87
C GLN A 37 7.18 5.77 -3.60
N ILE A 38 7.89 5.72 -2.49
CA ILE A 38 7.22 5.31 -1.20
C ILE A 38 6.39 6.50 -0.72
N THR A 39 6.80 7.69 -1.04
CA THR A 39 5.99 8.89 -0.65
C THR A 39 4.68 8.83 -1.44
N HIS A 40 4.76 8.37 -2.68
CA HIS A 40 3.55 8.23 -3.53
C HIS A 40 2.78 6.98 -3.12
N ILE A 41 3.43 6.04 -2.47
CA ILE A 41 2.73 4.82 -2.02
C ILE A 41 1.79 5.26 -0.88
N ALA A 42 2.27 6.11 -0.01
CA ALA A 42 1.43 6.59 1.13
C ALA A 42 0.24 7.34 0.57
N ASN A 43 0.49 8.30 -0.28
CA ASN A 43 -0.63 9.04 -0.92
C ASN A 43 -1.49 8.03 -1.74
N GLN A 44 -0.90 6.90 -2.07
CA GLN A 44 -1.63 5.87 -2.85
C GLN A 44 -2.66 5.15 -1.97
N LEU A 45 -2.40 4.96 -0.69
CA LEU A 45 -3.41 4.26 0.18
C LEU A 45 -3.75 5.11 1.42
N GLY A 46 -3.49 6.39 1.38
CA GLY A 46 -3.83 7.30 2.51
C GLY A 46 -3.36 6.75 3.88
N LEU A 47 -2.31 5.98 3.91
CA LEU A 47 -1.81 5.46 5.24
C LEU A 47 -0.62 6.31 5.72
N GLU A 48 -0.11 5.99 6.87
CA GLU A 48 1.06 6.72 7.41
C GLU A 48 2.32 5.99 6.95
N LYS A 49 3.37 6.70 6.65
CA LYS A 49 4.62 6.02 6.19
C LYS A 49 5.11 5.02 7.24
N ASP A 50 4.65 5.13 8.47
CA ASP A 50 5.10 4.18 9.53
C ASP A 50 4.49 2.80 9.30
N VAL A 51 3.26 2.72 8.84
CA VAL A 51 2.64 1.39 8.60
C VAL A 51 3.06 0.87 7.21
N VAL A 52 3.41 1.76 6.31
CA VAL A 52 3.85 1.33 4.96
C VAL A 52 5.31 0.83 5.04
N ARG A 53 6.06 1.31 6.00
CA ARG A 53 7.48 0.88 6.13
C ARG A 53 7.54 -0.44 6.92
N VAL A 54 6.73 -0.57 7.95
CA VAL A 54 6.74 -1.82 8.75
C VAL A 54 6.28 -2.98 7.86
N TRP A 55 5.21 -2.81 7.12
CA TRP A 55 4.75 -3.90 6.22
C TRP A 55 5.83 -4.12 5.15
N PHE A 56 6.36 -3.06 4.59
CA PHE A 56 7.38 -3.25 3.53
C PHE A 56 8.74 -3.59 4.15
N CYS A 57 8.84 -3.62 5.45
CA CYS A 57 10.12 -4.03 6.09
C CYS A 57 10.17 -5.56 5.97
N ASN A 58 9.03 -6.19 6.10
CA ASN A 58 8.96 -7.67 5.95
C ASN A 58 8.81 -8.01 4.47
N ARG A 59 8.25 -7.12 3.67
CA ARG A 59 8.09 -7.41 2.20
C ARG A 59 9.42 -7.18 1.50
N ARG A 60 10.31 -6.39 2.07
CA ARG A 60 11.63 -6.17 1.41
C ARG A 60 12.61 -7.26 1.83
N GLN A 61 12.43 -7.81 3.01
CA GLN A 61 13.34 -8.88 3.49
C GLN A 61 12.55 -10.18 3.69
N LYS A 62 11.93 -10.65 2.65
CA LYS A 62 11.13 -11.91 2.76
C LYS A 62 12.10 -13.10 2.71
N GLY A 63 13.25 -12.93 2.12
CA GLY A 63 14.23 -14.04 2.05
C GLY A 63 15.54 -13.53 1.43
N LYS A 64 16.11 -12.50 1.99
CA LYS A 64 17.38 -11.94 1.44
C LYS A 64 18.49 -12.05 2.49
N ARG A 65 18.40 -13.01 3.38
CA ARG A 65 19.46 -13.15 4.42
C ARG A 65 19.41 -14.57 5.00
N SER A 66 19.00 -15.54 4.21
CA SER A 66 18.95 -16.94 4.71
C SER A 66 19.01 -17.92 3.52
N SER A 67 17.94 -18.06 2.80
CA SER A 67 17.94 -18.99 1.63
C SER A 67 16.93 -18.49 0.59
N MET A 1 -13.41 20.39 1.81
CA MET A 1 -12.60 20.70 0.60
C MET A 1 -11.31 19.89 0.63
N GLU A 2 -10.74 19.70 1.80
CA GLU A 2 -9.48 18.91 1.91
C GLU A 2 -9.52 18.09 3.20
N THR A 3 -10.70 17.69 3.62
CA THR A 3 -10.81 16.88 4.86
C THR A 3 -11.08 15.41 4.50
N LEU A 4 -10.05 14.68 4.19
CA LEU A 4 -10.22 13.24 3.83
C LEU A 4 -9.79 12.36 5.00
N VAL A 5 -8.82 12.81 5.75
CA VAL A 5 -8.34 12.01 6.92
C VAL A 5 -7.99 12.98 8.06
N GLN A 6 -8.99 13.51 8.72
CA GLN A 6 -8.74 14.46 9.84
C GLN A 6 -8.47 13.67 11.13
N ALA A 7 -9.13 12.55 11.28
CA ALA A 7 -8.94 11.72 12.51
C ALA A 7 -7.52 11.16 12.53
N ARG A 8 -7.23 10.35 13.52
CA ARG A 8 -5.87 9.74 13.62
C ARG A 8 -5.93 8.51 14.53
N LYS A 9 -7.03 7.79 14.48
CA LYS A 9 -7.18 6.59 15.32
C LYS A 9 -8.19 5.64 14.67
N ARG A 10 -8.10 5.47 13.38
CA ARG A 10 -9.04 4.58 12.65
C ARG A 10 -8.41 4.20 11.31
N LYS A 11 -7.75 3.07 11.25
CA LYS A 11 -7.10 2.63 9.98
C LYS A 11 -8.06 1.77 9.17
N ARG A 12 -9.32 2.15 9.10
CA ARG A 12 -10.31 1.37 8.31
C ARG A 12 -11.30 2.31 7.62
N THR A 13 -11.00 3.59 7.57
CA THR A 13 -11.92 4.55 6.87
C THR A 13 -11.66 4.42 5.37
N SER A 14 -10.44 4.08 5.01
CA SER A 14 -10.11 3.90 3.57
C SER A 14 -9.05 2.81 3.46
N ILE A 15 -9.09 1.85 4.36
CA ILE A 15 -8.11 0.73 4.32
C ILE A 15 -8.82 -0.56 4.77
N GLU A 16 -9.72 -1.03 3.95
CA GLU A 16 -10.42 -2.28 4.27
C GLU A 16 -9.45 -3.44 4.07
N ASN A 17 -9.77 -4.60 4.55
CA ASN A 17 -8.86 -5.76 4.38
C ASN A 17 -8.72 -6.09 2.90
N ARG A 18 -9.70 -5.73 2.11
CA ARG A 18 -9.62 -6.02 0.65
C ARG A 18 -8.71 -4.97 -0.02
N VAL A 19 -8.60 -3.80 0.56
CA VAL A 19 -7.74 -2.74 -0.06
C VAL A 19 -6.28 -3.18 0.04
N ARG A 20 -5.88 -3.66 1.19
CA ARG A 20 -4.45 -4.07 1.37
C ARG A 20 -4.12 -5.20 0.40
N TRP A 21 -4.95 -6.19 0.31
CA TRP A 21 -4.65 -7.30 -0.64
C TRP A 21 -5.09 -6.90 -2.05
N SER A 22 -5.65 -5.73 -2.20
CA SER A 22 -5.95 -5.21 -3.55
C SER A 22 -4.60 -4.64 -4.04
N LEU A 23 -3.84 -4.04 -3.11
CA LEU A 23 -2.48 -3.53 -3.44
C LEU A 23 -1.68 -4.71 -3.96
N GLU A 24 -1.78 -5.82 -3.25
CA GLU A 24 -1.03 -7.05 -3.63
C GLU A 24 -1.42 -7.47 -5.05
N THR A 25 -2.68 -7.41 -5.39
CA THR A 25 -3.12 -7.81 -6.75
C THR A 25 -2.48 -6.89 -7.78
N MET A 26 -2.19 -5.67 -7.41
CA MET A 26 -1.56 -4.70 -8.37
C MET A 26 -0.04 -4.84 -8.37
N PHE A 27 0.55 -5.37 -7.32
CA PHE A 27 2.04 -5.51 -7.27
C PHE A 27 2.47 -6.88 -7.82
N LEU A 28 1.56 -7.81 -7.94
CA LEU A 28 1.94 -9.16 -8.45
C LEU A 28 1.79 -9.24 -9.97
N LYS A 29 1.81 -8.12 -10.66
CA LYS A 29 1.70 -8.14 -12.14
C LYS A 29 3.11 -8.01 -12.72
N CYS A 30 3.87 -7.11 -12.18
CA CYS A 30 5.26 -6.89 -12.62
C CYS A 30 6.11 -6.59 -11.37
N PRO A 31 7.33 -7.11 -11.30
CA PRO A 31 8.21 -6.87 -10.16
C PRO A 31 8.97 -5.55 -10.35
N LYS A 32 8.59 -4.74 -11.32
CA LYS A 32 9.31 -3.48 -11.57
C LYS A 32 8.34 -2.27 -11.53
N PRO A 33 7.75 -1.99 -10.38
CA PRO A 33 6.83 -0.86 -10.26
C PRO A 33 7.62 0.45 -10.20
N SER A 34 7.03 1.54 -10.62
CA SER A 34 7.73 2.85 -10.60
C SER A 34 7.50 3.53 -9.27
N LEU A 35 8.45 4.33 -8.85
CA LEU A 35 8.26 5.08 -7.57
C LEU A 35 7.06 6.01 -7.74
N GLN A 36 6.76 6.36 -8.97
CA GLN A 36 5.58 7.22 -9.24
C GLN A 36 4.33 6.36 -9.02
N GLN A 37 4.41 5.11 -9.40
CA GLN A 37 3.26 4.19 -9.20
C GLN A 37 3.04 3.99 -7.70
N ILE A 38 4.10 4.08 -6.92
CA ILE A 38 3.92 3.91 -5.45
C ILE A 38 3.20 5.16 -4.93
N THR A 39 3.44 6.29 -5.53
CA THR A 39 2.73 7.54 -5.10
C THR A 39 1.24 7.35 -5.35
N HIS A 40 0.88 6.98 -6.55
CA HIS A 40 -0.57 6.74 -6.88
C HIS A 40 -1.06 5.54 -6.07
N ILE A 41 -0.17 4.71 -5.57
CA ILE A 41 -0.58 3.55 -4.75
C ILE A 41 -1.14 4.12 -3.45
N ALA A 42 -0.46 5.09 -2.91
CA ALA A 42 -0.90 5.74 -1.64
C ALA A 42 -2.26 6.37 -1.86
N ASN A 43 -2.40 7.20 -2.85
CA ASN A 43 -3.71 7.81 -3.16
C ASN A 43 -4.70 6.68 -3.53
N GLN A 44 -4.17 5.52 -3.88
CA GLN A 44 -5.04 4.37 -4.25
C GLN A 44 -5.73 3.84 -2.98
N LEU A 45 -5.05 3.83 -1.86
CA LEU A 45 -5.69 3.33 -0.59
C LEU A 45 -5.63 4.41 0.52
N GLY A 46 -5.47 5.65 0.14
CA GLY A 46 -5.45 6.77 1.14
C GLY A 46 -4.57 6.47 2.36
N LEU A 47 -3.52 5.70 2.20
CA LEU A 47 -2.63 5.42 3.38
C LEU A 47 -1.38 6.31 3.32
N GLU A 48 -0.53 6.21 4.31
CA GLU A 48 0.72 7.01 4.32
C GLU A 48 1.83 6.21 3.63
N LYS A 49 2.73 6.88 2.97
CA LYS A 49 3.85 6.17 2.27
C LYS A 49 4.63 5.28 3.26
N ASP A 50 4.53 5.57 4.53
CA ASP A 50 5.28 4.74 5.53
C ASP A 50 4.61 3.38 5.71
N VAL A 51 3.30 3.31 5.69
CA VAL A 51 2.63 1.98 5.85
C VAL A 51 2.61 1.26 4.50
N VAL A 52 2.74 2.00 3.42
CA VAL A 52 2.74 1.37 2.07
C VAL A 52 4.13 0.75 1.81
N ARG A 53 5.16 1.34 2.37
CA ARG A 53 6.54 0.81 2.18
C ARG A 53 6.72 -0.42 3.06
N VAL A 54 6.35 -0.34 4.31
CA VAL A 54 6.49 -1.51 5.23
C VAL A 54 5.56 -2.63 4.75
N TRP A 55 4.43 -2.28 4.20
CA TRP A 55 3.47 -3.31 3.71
C TRP A 55 4.07 -3.94 2.44
N PHE A 56 4.78 -3.17 1.65
CA PHE A 56 5.39 -3.76 0.43
C PHE A 56 6.81 -4.28 0.74
N CYS A 57 7.29 -4.10 1.96
CA CYS A 57 8.64 -4.62 2.30
C CYS A 57 8.52 -6.12 2.49
N ASN A 58 7.41 -6.55 3.05
CA ASN A 58 7.18 -8.01 3.24
C ASN A 58 6.66 -8.57 1.91
N ARG A 59 5.89 -7.78 1.21
CA ARG A 59 5.33 -8.25 -0.11
C ARG A 59 6.46 -8.37 -1.15
N ARG A 60 7.55 -7.66 -0.98
CA ARG A 60 8.66 -7.76 -1.97
C ARG A 60 9.61 -8.90 -1.57
N GLN A 61 9.65 -9.25 -0.31
CA GLN A 61 10.54 -10.35 0.14
C GLN A 61 9.70 -11.56 0.54
N LYS A 62 8.76 -11.94 -0.30
CA LYS A 62 7.89 -13.10 0.02
C LYS A 62 8.62 -14.40 -0.33
N GLY A 63 9.57 -14.35 -1.23
CA GLY A 63 10.31 -15.59 -1.62
C GLY A 63 10.46 -15.63 -3.14
N LYS A 64 11.17 -14.68 -3.70
CA LYS A 64 11.35 -14.65 -5.18
C LYS A 64 12.63 -15.39 -5.55
N ARG A 65 13.75 -14.89 -5.10
CA ARG A 65 15.04 -15.55 -5.42
C ARG A 65 15.59 -16.24 -4.17
N SER A 66 16.10 -17.44 -4.32
CA SER A 66 16.65 -18.17 -3.15
C SER A 66 17.64 -19.24 -3.64
N SER A 67 18.79 -18.82 -4.11
CA SER A 67 19.80 -19.80 -4.62
C SER A 67 20.91 -19.97 -3.57
N MET A 1 9.45 -25.74 -16.03
CA MET A 1 8.02 -26.13 -15.90
C MET A 1 7.15 -24.87 -15.98
N GLU A 2 7.24 -24.02 -14.98
CA GLU A 2 6.43 -22.78 -14.97
C GLU A 2 7.30 -21.60 -15.43
N THR A 3 7.77 -21.65 -16.65
CA THR A 3 8.64 -20.56 -17.17
C THR A 3 7.79 -19.58 -18.00
N LEU A 4 7.86 -18.31 -17.69
CA LEU A 4 7.07 -17.30 -18.45
C LEU A 4 8.02 -16.36 -19.18
N VAL A 5 7.50 -15.40 -19.90
CA VAL A 5 8.38 -14.43 -20.63
C VAL A 5 7.87 -13.01 -20.42
N GLN A 6 6.59 -12.81 -20.55
CA GLN A 6 6.01 -11.45 -20.36
C GLN A 6 5.18 -11.41 -19.08
N ALA A 7 5.71 -10.83 -18.03
CA ALA A 7 4.96 -10.76 -16.75
C ALA A 7 3.73 -9.87 -16.93
N ARG A 8 3.02 -9.62 -15.87
CA ARG A 8 1.80 -8.77 -15.96
C ARG A 8 2.18 -7.32 -15.60
N LYS A 9 2.91 -7.14 -14.53
CA LYS A 9 3.32 -5.77 -14.13
C LYS A 9 4.53 -5.88 -13.19
N ARG A 10 4.36 -6.48 -12.04
CA ARG A 10 5.48 -6.61 -11.08
C ARG A 10 5.17 -7.74 -10.08
N LYS A 11 4.07 -7.62 -9.37
CA LYS A 11 3.70 -8.67 -8.37
C LYS A 11 2.20 -8.56 -8.08
N ARG A 12 1.55 -9.67 -7.80
CA ARG A 12 0.09 -9.63 -7.50
C ARG A 12 -0.33 -10.90 -6.76
N THR A 13 0.49 -11.36 -5.85
CA THR A 13 0.13 -12.59 -5.07
C THR A 13 -0.89 -12.21 -4.00
N SER A 14 -0.75 -11.03 -3.45
CA SER A 14 -1.71 -10.57 -2.41
C SER A 14 -1.68 -9.04 -2.32
N ILE A 15 -1.34 -8.39 -3.40
CA ILE A 15 -1.28 -6.90 -3.43
C ILE A 15 -1.51 -6.44 -4.87
N GLU A 16 -2.74 -6.41 -5.30
CA GLU A 16 -3.04 -5.94 -6.68
C GLU A 16 -2.59 -4.49 -6.80
N ASN A 17 -2.20 -4.07 -7.96
CA ASN A 17 -1.74 -2.66 -8.13
C ASN A 17 -2.88 -1.70 -7.76
N ARG A 18 -4.11 -2.16 -7.83
CA ARG A 18 -5.25 -1.29 -7.46
C ARG A 18 -5.45 -1.36 -5.95
N VAL A 19 -5.10 -2.47 -5.34
CA VAL A 19 -5.28 -2.58 -3.86
C VAL A 19 -4.33 -1.60 -3.18
N ARG A 20 -3.09 -1.57 -3.58
CA ARG A 20 -2.11 -0.63 -2.95
C ARG A 20 -2.57 0.81 -3.13
N TRP A 21 -2.88 1.20 -4.33
CA TRP A 21 -3.33 2.61 -4.50
C TRP A 21 -4.72 2.75 -3.89
N SER A 22 -5.38 1.65 -3.56
CA SER A 22 -6.68 1.73 -2.85
C SER A 22 -6.34 2.19 -1.44
N LEU A 23 -5.25 1.68 -0.89
CA LEU A 23 -4.79 2.13 0.47
C LEU A 23 -4.67 3.64 0.43
N GLU A 24 -4.11 4.13 -0.65
CA GLU A 24 -3.92 5.60 -0.83
C GLU A 24 -5.27 6.32 -0.72
N THR A 25 -6.23 5.90 -1.49
CA THR A 25 -7.57 6.56 -1.46
C THR A 25 -8.14 6.59 -0.04
N MET A 26 -7.76 5.65 0.79
CA MET A 26 -8.30 5.61 2.18
C MET A 26 -7.44 6.46 3.14
N PHE A 27 -6.17 6.65 2.84
CA PHE A 27 -5.30 7.45 3.76
C PHE A 27 -5.27 8.92 3.38
N LEU A 28 -5.78 9.28 2.23
CA LEU A 28 -5.77 10.71 1.82
C LEU A 28 -6.87 11.48 2.54
N LYS A 29 -7.87 10.79 3.04
CA LYS A 29 -8.96 11.48 3.79
C LYS A 29 -8.70 11.29 5.30
N CYS A 30 -8.06 10.22 5.66
CA CYS A 30 -7.81 9.97 7.10
C CYS A 30 -6.31 10.07 7.43
N PRO A 31 -5.84 11.26 7.75
CA PRO A 31 -4.45 11.46 8.16
C PRO A 31 -4.34 11.15 9.66
N LYS A 32 -5.45 10.74 10.28
CA LYS A 32 -5.46 10.44 11.72
C LYS A 32 -5.86 8.95 11.97
N PRO A 33 -5.26 8.00 11.27
CA PRO A 33 -5.60 6.58 11.46
C PRO A 33 -4.99 6.05 12.76
N SER A 34 -5.64 5.10 13.38
CA SER A 34 -5.10 4.52 14.63
C SER A 34 -4.23 3.32 14.28
N LEU A 35 -3.29 2.97 15.13
CA LEU A 35 -2.45 1.78 14.84
C LEU A 35 -3.37 0.56 14.74
N GLN A 36 -4.54 0.65 15.33
CA GLN A 36 -5.52 -0.47 15.24
C GLN A 36 -6.07 -0.49 13.83
N GLN A 37 -6.34 0.68 13.28
CA GLN A 37 -6.88 0.77 11.89
C GLN A 37 -5.80 0.24 10.93
N ILE A 38 -4.54 0.43 11.25
CA ILE A 38 -3.47 -0.10 10.37
C ILE A 38 -3.49 -1.62 10.46
N THR A 39 -3.85 -2.14 11.60
CA THR A 39 -3.94 -3.62 11.76
C THR A 39 -5.06 -4.12 10.83
N HIS A 40 -6.11 -3.35 10.72
CA HIS A 40 -7.22 -3.72 9.80
C HIS A 40 -6.80 -3.45 8.36
N ILE A 41 -5.81 -2.61 8.16
CA ILE A 41 -5.32 -2.33 6.79
C ILE A 41 -4.63 -3.61 6.30
N ALA A 42 -3.84 -4.23 7.14
CA ALA A 42 -3.14 -5.49 6.74
C ALA A 42 -4.18 -6.56 6.43
N ASN A 43 -5.09 -6.79 7.34
CA ASN A 43 -6.16 -7.78 7.09
C ASN A 43 -7.00 -7.29 5.89
N GLN A 44 -6.90 -6.02 5.56
CA GLN A 44 -7.68 -5.46 4.42
C GLN A 44 -7.03 -5.85 3.09
N LEU A 45 -5.72 -6.00 3.03
CA LEU A 45 -5.07 -6.40 1.74
C LEU A 45 -4.09 -7.57 1.94
N GLY A 46 -4.30 -8.35 2.98
CA GLY A 46 -3.45 -9.55 3.24
C GLY A 46 -1.94 -9.29 3.09
N LEU A 47 -1.48 -8.08 3.34
CA LEU A 47 -0.01 -7.82 3.23
C LEU A 47 0.63 -7.81 4.63
N GLU A 48 1.93 -7.67 4.69
CA GLU A 48 2.63 -7.62 5.99
C GLU A 48 2.72 -6.15 6.44
N LYS A 49 2.68 -5.90 7.71
CA LYS A 49 2.75 -4.49 8.21
C LYS A 49 4.04 -3.81 7.71
N ASP A 50 5.03 -4.58 7.29
CA ASP A 50 6.30 -3.97 6.82
C ASP A 50 6.13 -3.35 5.43
N VAL A 51 5.33 -3.93 4.58
CA VAL A 51 5.13 -3.34 3.22
C VAL A 51 4.06 -2.25 3.30
N VAL A 52 3.17 -2.34 4.26
CA VAL A 52 2.12 -1.31 4.40
C VAL A 52 2.74 -0.05 5.02
N ARG A 53 3.75 -0.22 5.85
CA ARG A 53 4.41 0.95 6.49
C ARG A 53 5.35 1.61 5.49
N VAL A 54 6.06 0.84 4.69
CA VAL A 54 6.99 1.44 3.69
C VAL A 54 6.20 2.29 2.70
N TRP A 55 5.10 1.79 2.19
CA TRP A 55 4.29 2.61 1.23
C TRP A 55 3.77 3.86 1.99
N PHE A 56 3.22 3.69 3.17
CA PHE A 56 2.69 4.88 3.88
C PHE A 56 3.80 5.67 4.57
N CYS A 57 5.04 5.25 4.43
CA CYS A 57 6.14 6.04 5.04
C CYS A 57 6.42 7.21 4.10
N ASN A 58 6.34 6.97 2.82
CA ASN A 58 6.55 8.04 1.83
C ASN A 58 5.19 8.73 1.57
N ARG A 59 4.11 8.01 1.73
CA ARG A 59 2.77 8.61 1.52
C ARG A 59 2.46 9.53 2.71
N ARG A 60 3.06 9.29 3.85
CA ARG A 60 2.81 10.16 5.03
C ARG A 60 3.82 11.32 5.00
N GLN A 61 5.01 11.06 4.52
CA GLN A 61 6.05 12.12 4.43
C GLN A 61 6.43 12.34 2.97
N LYS A 62 5.46 12.67 2.16
CA LYS A 62 5.72 12.90 0.71
C LYS A 62 6.26 14.32 0.51
N GLY A 63 5.93 15.23 1.38
CA GLY A 63 6.42 16.64 1.24
C GLY A 63 5.28 17.60 1.54
N LYS A 64 4.87 17.70 2.78
CA LYS A 64 3.76 18.62 3.15
C LYS A 64 4.34 19.91 3.75
N ARG A 65 5.54 20.27 3.35
CA ARG A 65 6.15 21.51 3.90
C ARG A 65 6.35 22.54 2.78
N SER A 66 6.53 22.08 1.57
CA SER A 66 6.74 23.03 0.43
C SER A 66 6.20 22.40 -0.86
N SER A 67 6.02 23.19 -1.88
CA SER A 67 5.50 22.65 -3.18
C SER A 67 6.68 22.29 -4.08
N MET A 1 -8.63 6.98 -15.99
CA MET A 1 -9.10 6.29 -17.23
C MET A 1 -9.41 7.34 -18.31
N GLU A 2 -10.43 8.13 -18.08
CA GLU A 2 -10.78 9.19 -19.08
C GLU A 2 -9.90 10.42 -18.89
N THR A 3 -9.35 10.60 -17.70
CA THR A 3 -8.48 11.78 -17.46
C THR A 3 -7.06 11.47 -17.92
N LEU A 4 -6.56 12.21 -18.89
CA LEU A 4 -5.18 11.96 -19.40
C LEU A 4 -4.23 12.97 -18.76
N VAL A 5 -3.11 12.49 -18.26
CA VAL A 5 -2.12 13.41 -17.61
C VAL A 5 -0.75 13.23 -18.27
N GLN A 6 -0.36 12.00 -18.50
CA GLN A 6 0.97 11.74 -19.13
C GLN A 6 0.78 11.10 -20.51
N ALA A 7 1.84 10.89 -21.24
CA ALA A 7 1.74 10.28 -22.58
C ALA A 7 1.17 8.86 -22.46
N ARG A 8 1.85 7.99 -21.76
CA ARG A 8 1.37 6.60 -21.59
C ARG A 8 2.05 5.96 -20.38
N LYS A 9 2.40 6.75 -19.40
CA LYS A 9 3.07 6.20 -18.19
C LYS A 9 2.07 6.14 -17.03
N ARG A 10 0.82 5.89 -17.33
CA ARG A 10 -0.22 5.82 -16.27
C ARG A 10 -0.50 4.35 -15.92
N LYS A 11 0.52 3.54 -15.87
CA LYS A 11 0.33 2.10 -15.54
C LYS A 11 0.20 1.94 -14.03
N ARG A 12 0.26 0.72 -13.54
CA ARG A 12 0.13 0.48 -12.07
C ARG A 12 1.49 0.02 -11.53
N THR A 13 2.56 0.48 -12.10
CA THR A 13 3.92 0.08 -11.62
C THR A 13 4.33 0.99 -10.46
N SER A 14 3.88 2.22 -10.47
CA SER A 14 4.24 3.16 -9.38
C SER A 14 3.20 3.07 -8.26
N ILE A 15 3.23 3.98 -7.31
CA ILE A 15 2.24 3.94 -6.21
C ILE A 15 1.04 4.79 -6.58
N GLU A 16 0.09 4.21 -7.27
CA GLU A 16 -1.14 4.96 -7.63
C GLU A 16 -1.91 5.20 -6.34
N ASN A 17 -2.70 6.24 -6.27
CA ASN A 17 -3.46 6.52 -5.02
C ASN A 17 -4.40 5.34 -4.72
N ARG A 18 -4.77 4.60 -5.74
CA ARG A 18 -5.67 3.43 -5.52
C ARG A 18 -4.84 2.23 -5.08
N VAL A 19 -3.59 2.17 -5.47
CA VAL A 19 -2.73 1.02 -5.07
C VAL A 19 -2.42 1.12 -3.58
N ARG A 20 -2.09 2.30 -3.13
CA ARG A 20 -1.77 2.49 -1.69
C ARG A 20 -3.00 2.17 -0.86
N TRP A 21 -4.13 2.74 -1.18
CA TRP A 21 -5.33 2.45 -0.38
C TRP A 21 -5.81 1.02 -0.72
N SER A 22 -5.27 0.42 -1.77
CA SER A 22 -5.62 -0.99 -2.07
C SER A 22 -4.89 -1.81 -0.99
N LEU A 23 -3.69 -1.40 -0.63
CA LEU A 23 -2.94 -2.08 0.46
C LEU A 23 -3.83 -2.06 1.71
N GLU A 24 -4.40 -0.91 1.97
CA GLU A 24 -5.30 -0.73 3.15
C GLU A 24 -6.41 -1.80 3.15
N THR A 25 -7.12 -1.93 2.06
CA THR A 25 -8.23 -2.93 2.01
C THR A 25 -7.71 -4.34 2.26
N MET A 26 -6.47 -4.61 1.93
CA MET A 26 -5.91 -5.98 2.15
C MET A 26 -5.41 -6.15 3.58
N PHE A 27 -5.06 -5.07 4.25
CA PHE A 27 -4.53 -5.18 5.64
C PHE A 27 -5.67 -5.06 6.67
N LEU A 28 -6.83 -4.61 6.27
CA LEU A 28 -7.95 -4.44 7.25
C LEU A 28 -8.80 -5.72 7.35
N LYS A 29 -8.26 -6.85 6.98
CA LYS A 29 -9.05 -8.12 7.08
C LYS A 29 -8.55 -8.89 8.32
N CYS A 30 -7.26 -8.95 8.49
CA CYS A 30 -6.68 -9.65 9.66
C CYS A 30 -5.46 -8.83 10.14
N PRO A 31 -5.35 -8.59 11.44
CA PRO A 31 -4.23 -7.81 12.00
C PRO A 31 -3.03 -8.73 12.27
N LYS A 32 -2.93 -9.84 11.58
CA LYS A 32 -1.81 -10.78 11.84
C LYS A 32 -1.00 -11.09 10.55
N PRO A 33 -0.56 -10.06 9.83
CA PRO A 33 0.22 -10.29 8.60
C PRO A 33 1.66 -10.70 8.95
N SER A 34 2.26 -11.52 8.13
CA SER A 34 3.65 -11.97 8.40
C SER A 34 4.64 -11.02 7.75
N LEU A 35 5.81 -10.89 8.31
CA LEU A 35 6.85 -10.01 7.68
C LEU A 35 7.16 -10.56 6.30
N GLN A 36 6.95 -11.84 6.12
CA GLN A 36 7.20 -12.46 4.79
C GLN A 36 6.09 -11.96 3.87
N GLN A 37 4.90 -11.85 4.39
CA GLN A 37 3.77 -11.34 3.58
C GLN A 37 4.05 -9.89 3.18
N ILE A 38 4.79 -9.18 4.01
CA ILE A 38 5.13 -7.76 3.66
C ILE A 38 6.08 -7.81 2.46
N THR A 39 6.92 -8.80 2.41
CA THR A 39 7.86 -8.94 1.25
C THR A 39 7.02 -9.15 -0.01
N HIS A 40 6.01 -9.98 0.08
CA HIS A 40 5.11 -10.21 -1.08
C HIS A 40 4.26 -8.97 -1.32
N ILE A 41 4.13 -8.12 -0.33
CA ILE A 41 3.35 -6.87 -0.50
C ILE A 41 4.14 -5.98 -1.47
N ALA A 42 5.44 -5.88 -1.27
CA ALA A 42 6.29 -5.03 -2.17
C ALA A 42 6.20 -5.56 -3.58
N ASN A 43 6.46 -6.82 -3.77
CA ASN A 43 6.34 -7.41 -5.14
C ASN A 43 4.87 -7.29 -5.60
N GLN A 44 3.96 -7.09 -4.66
CA GLN A 44 2.53 -6.96 -5.01
C GLN A 44 2.22 -5.57 -5.59
N LEU A 45 2.92 -4.54 -5.18
CA LEU A 45 2.65 -3.17 -5.75
C LEU A 45 3.95 -2.48 -6.21
N GLY A 46 4.97 -3.25 -6.46
CA GLY A 46 6.27 -2.68 -6.95
C GLY A 46 6.76 -1.48 -6.10
N LEU A 47 6.40 -1.40 -4.84
CA LEU A 47 6.89 -0.25 -4.01
C LEU A 47 8.08 -0.70 -3.14
N GLU A 48 8.68 0.22 -2.44
CA GLU A 48 9.81 -0.13 -1.54
C GLU A 48 9.26 -0.41 -0.14
N LYS A 49 9.91 -1.26 0.59
CA LYS A 49 9.43 -1.58 1.97
C LYS A 49 9.43 -0.32 2.85
N ASP A 50 10.08 0.74 2.43
CA ASP A 50 10.11 1.98 3.26
C ASP A 50 8.78 2.73 3.12
N VAL A 51 8.14 2.67 1.96
CA VAL A 51 6.85 3.39 1.81
C VAL A 51 5.73 2.47 2.30
N VAL A 52 5.93 1.17 2.20
CA VAL A 52 4.89 0.22 2.66
C VAL A 52 4.92 0.13 4.19
N ARG A 53 6.07 0.38 4.78
CA ARG A 53 6.18 0.30 6.27
C ARG A 53 5.71 1.62 6.90
N VAL A 54 6.06 2.74 6.31
CA VAL A 54 5.62 4.04 6.88
C VAL A 54 4.10 4.14 6.81
N TRP A 55 3.51 3.76 5.70
CA TRP A 55 2.03 3.81 5.60
C TRP A 55 1.45 2.81 6.61
N PHE A 56 2.03 1.63 6.72
CA PHE A 56 1.48 0.64 7.68
C PHE A 56 1.83 1.01 9.11
N CYS A 57 2.69 1.98 9.32
CA CYS A 57 2.99 2.40 10.71
C CYS A 57 1.76 3.16 11.20
N ASN A 58 1.15 3.90 10.32
CA ASN A 58 -0.09 4.65 10.68
C ASN A 58 -1.29 3.70 10.57
N ARG A 59 -1.20 2.69 9.72
CA ARG A 59 -2.33 1.72 9.58
C ARG A 59 -2.28 0.69 10.72
N ARG A 60 -1.18 0.61 11.44
CA ARG A 60 -1.07 -0.36 12.57
C ARG A 60 -1.72 0.24 13.82
N GLN A 61 -1.36 1.45 14.16
CA GLN A 61 -1.95 2.10 15.37
C GLN A 61 -3.12 2.99 14.97
N LYS A 62 -4.03 2.43 14.22
CA LYS A 62 -5.23 3.21 13.80
C LYS A 62 -6.24 3.25 14.95
N GLY A 63 -6.16 2.30 15.86
CA GLY A 63 -7.11 2.27 17.00
C GLY A 63 -6.40 1.73 18.24
N LYS A 64 -5.53 2.50 18.83
CA LYS A 64 -4.79 2.03 20.05
C LYS A 64 -4.38 3.25 20.89
N ARG A 65 -3.65 4.15 20.31
CA ARG A 65 -3.21 5.36 21.06
C ARG A 65 -3.54 6.61 20.25
N SER A 66 -4.72 7.16 20.43
CA SER A 66 -5.10 8.38 19.67
C SER A 66 -4.66 9.62 20.44
N SER A 67 -3.56 10.20 20.06
CA SER A 67 -3.06 11.42 20.76
C SER A 67 -3.18 12.64 19.84
N MET A 1 -30.68 -1.48 -12.35
CA MET A 1 -29.31 -0.90 -12.24
C MET A 1 -28.45 -1.80 -11.36
N GLU A 2 -28.08 -2.96 -11.86
CA GLU A 2 -27.24 -3.90 -11.06
C GLU A 2 -25.88 -4.04 -11.73
N THR A 3 -25.86 -4.24 -13.03
CA THR A 3 -24.57 -4.38 -13.75
C THR A 3 -24.04 -3.00 -14.12
N LEU A 4 -23.50 -2.29 -13.16
CA LEU A 4 -22.97 -0.92 -13.45
C LEU A 4 -21.62 -0.75 -12.76
N VAL A 5 -21.59 -0.87 -11.47
CA VAL A 5 -20.31 -0.71 -10.72
C VAL A 5 -19.71 -2.09 -10.42
N GLN A 6 -19.93 -3.05 -11.28
CA GLN A 6 -19.39 -4.42 -11.05
C GLN A 6 -18.03 -4.55 -11.74
N ALA A 7 -16.97 -4.55 -10.98
CA ALA A 7 -15.61 -4.67 -11.58
C ALA A 7 -15.45 -6.05 -12.23
N ARG A 8 -14.23 -6.45 -12.52
CA ARG A 8 -14.00 -7.77 -13.15
C ARG A 8 -12.84 -8.48 -12.44
N LYS A 9 -11.78 -7.77 -12.17
CA LYS A 9 -10.62 -8.39 -11.47
C LYS A 9 -9.87 -7.32 -10.67
N ARG A 10 -10.50 -6.79 -9.65
CA ARG A 10 -9.85 -5.74 -8.81
C ARG A 10 -10.48 -5.75 -7.41
N LYS A 11 -11.00 -6.87 -7.00
CA LYS A 11 -11.63 -6.96 -5.65
C LYS A 11 -10.55 -7.14 -4.58
N ARG A 12 -10.93 -7.50 -3.38
CA ARG A 12 -9.93 -7.70 -2.29
C ARG A 12 -9.42 -9.15 -2.34
N THR A 13 -8.70 -9.49 -3.38
CA THR A 13 -8.16 -10.87 -3.50
C THR A 13 -6.92 -10.98 -2.62
N SER A 14 -6.11 -9.95 -2.60
CA SER A 14 -4.89 -9.96 -1.76
C SER A 14 -4.49 -8.52 -1.40
N ILE A 15 -5.43 -7.63 -1.39
CA ILE A 15 -5.15 -6.20 -1.03
C ILE A 15 -6.43 -5.57 -0.46
N GLU A 16 -6.81 -5.99 0.72
CA GLU A 16 -8.01 -5.41 1.36
C GLU A 16 -7.68 -3.97 1.74
N ASN A 17 -8.68 -3.15 1.93
CA ASN A 17 -8.42 -1.74 2.32
C ASN A 17 -7.69 -1.71 3.67
N ARG A 18 -7.84 -2.74 4.46
CA ARG A 18 -7.14 -2.77 5.77
C ARG A 18 -5.68 -3.20 5.56
N VAL A 19 -5.42 -3.96 4.52
CA VAL A 19 -4.01 -4.40 4.27
C VAL A 19 -3.16 -3.17 3.93
N ARG A 20 -3.67 -2.31 3.08
CA ARG A 20 -2.89 -1.10 2.70
C ARG A 20 -2.59 -0.25 3.92
N TRP A 21 -3.59 0.04 4.71
CA TRP A 21 -3.34 0.86 5.93
C TRP A 21 -2.70 -0.01 7.03
N SER A 22 -2.58 -1.30 6.77
CA SER A 22 -1.84 -2.17 7.71
C SER A 22 -0.36 -1.90 7.39
N LEU A 23 -0.05 -1.69 6.11
CA LEU A 23 1.35 -1.33 5.70
C LEU A 23 1.70 -0.07 6.48
N GLU A 24 0.79 0.87 6.49
CA GLU A 24 1.01 2.17 7.19
C GLU A 24 1.37 1.91 8.66
N THR A 25 0.73 0.95 9.29
CA THR A 25 1.04 0.66 10.72
C THR A 25 2.49 0.22 10.84
N MET A 26 2.97 -0.53 9.89
CA MET A 26 4.39 -1.01 9.95
C MET A 26 5.36 0.11 9.55
N PHE A 27 4.92 1.08 8.80
CA PHE A 27 5.83 2.19 8.38
C PHE A 27 5.79 3.35 9.37
N LEU A 28 4.84 3.39 10.27
CA LEU A 28 4.74 4.52 11.23
C LEU A 28 5.54 4.22 12.50
N LYS A 29 6.79 3.89 12.34
CA LYS A 29 7.67 3.61 13.50
C LYS A 29 8.86 4.58 13.38
N CYS A 30 9.56 4.46 12.30
CA CYS A 30 10.71 5.33 12.04
C CYS A 30 10.71 5.65 10.54
N PRO A 31 11.41 6.69 10.13
CA PRO A 31 11.48 7.07 8.72
C PRO A 31 12.54 6.22 8.00
N LYS A 32 13.16 5.29 8.70
CA LYS A 32 14.22 4.46 8.07
C LYS A 32 13.81 2.97 8.06
N PRO A 33 12.90 2.58 7.18
CA PRO A 33 12.48 1.17 7.10
C PRO A 33 13.56 0.36 6.39
N SER A 34 13.57 -0.93 6.59
CA SER A 34 14.61 -1.78 5.94
C SER A 34 14.14 -2.25 4.58
N LEU A 35 15.03 -2.25 3.60
CA LEU A 35 14.64 -2.77 2.25
C LEU A 35 14.27 -4.24 2.42
N GLN A 36 14.85 -4.89 3.40
CA GLN A 36 14.50 -6.31 3.67
C GLN A 36 13.06 -6.32 4.19
N GLN A 37 12.74 -5.34 4.99
CA GLN A 37 11.36 -5.22 5.52
C GLN A 37 10.41 -4.87 4.37
N ILE A 38 10.92 -4.31 3.28
CA ILE A 38 10.03 -3.99 2.13
C ILE A 38 9.73 -5.29 1.40
N THR A 39 10.66 -6.21 1.40
CA THR A 39 10.42 -7.53 0.75
C THR A 39 9.35 -8.26 1.57
N HIS A 40 9.43 -8.16 2.87
CA HIS A 40 8.41 -8.79 3.75
C HIS A 40 7.11 -7.98 3.68
N ILE A 41 7.20 -6.73 3.29
CA ILE A 41 5.99 -5.90 3.15
C ILE A 41 5.19 -6.46 1.97
N ALA A 42 5.88 -6.80 0.92
CA ALA A 42 5.22 -7.37 -0.29
C ALA A 42 4.53 -8.67 0.08
N ASN A 43 5.25 -9.58 0.69
CA ASN A 43 4.62 -10.85 1.15
C ASN A 43 3.54 -10.50 2.18
N GLN A 44 3.63 -9.33 2.77
CA GLN A 44 2.64 -8.90 3.78
C GLN A 44 1.29 -8.63 3.10
N LEU A 45 1.30 -8.09 1.90
CA LEU A 45 0.00 -7.82 1.20
C LEU A 45 -0.01 -8.45 -0.21
N GLY A 46 0.80 -9.45 -0.42
CA GLY A 46 0.82 -10.17 -1.75
C GLY A 46 0.89 -9.20 -2.94
N LEU A 47 1.45 -8.04 -2.80
CA LEU A 47 1.55 -7.09 -3.97
C LEU A 47 2.98 -7.10 -4.53
N GLU A 48 3.21 -6.33 -5.57
CA GLU A 48 4.57 -6.26 -6.18
C GLU A 48 5.36 -5.12 -5.51
N LYS A 49 6.54 -4.82 -6.01
CA LYS A 49 7.34 -3.71 -5.42
C LYS A 49 6.97 -2.39 -6.09
N ASP A 50 6.27 -2.43 -7.21
CA ASP A 50 5.90 -1.16 -7.91
C ASP A 50 4.69 -0.53 -7.23
N VAL A 51 3.70 -1.30 -6.85
CA VAL A 51 2.51 -0.71 -6.17
C VAL A 51 2.86 -0.48 -4.69
N VAL A 52 3.83 -1.20 -4.18
CA VAL A 52 4.23 -1.03 -2.75
C VAL A 52 5.06 0.26 -2.61
N ARG A 53 5.82 0.60 -3.63
CA ARG A 53 6.66 1.83 -3.56
C ARG A 53 5.81 3.07 -3.84
N VAL A 54 4.91 2.99 -4.79
CA VAL A 54 4.04 4.17 -5.10
C VAL A 54 3.13 4.44 -3.91
N TRP A 55 2.60 3.41 -3.31
CA TRP A 55 1.71 3.58 -2.13
C TRP A 55 2.53 4.16 -0.98
N PHE A 56 3.72 3.67 -0.76
CA PHE A 56 4.54 4.24 0.34
C PHE A 56 5.27 5.50 -0.14
N CYS A 57 5.11 5.87 -1.40
CA CYS A 57 5.78 7.11 -1.89
C CYS A 57 5.02 8.30 -1.31
N ASN A 58 3.72 8.23 -1.33
CA ASN A 58 2.90 9.34 -0.75
C ASN A 58 3.00 9.25 0.77
N ARG A 59 2.96 8.03 1.30
CA ARG A 59 3.05 7.86 2.78
C ARG A 59 4.39 8.43 3.28
N ARG A 60 5.39 8.44 2.44
CA ARG A 60 6.73 8.97 2.87
C ARG A 60 6.74 10.50 2.79
N GLN A 61 6.26 11.06 1.71
CA GLN A 61 6.25 12.54 1.57
C GLN A 61 4.85 13.09 1.87
N LYS A 62 4.32 12.75 3.01
CA LYS A 62 2.96 13.26 3.39
C LYS A 62 3.10 14.71 3.87
N GLY A 63 4.27 15.09 4.33
CA GLY A 63 4.49 16.49 4.80
C GLY A 63 5.95 16.88 4.59
N LYS A 64 6.37 16.99 3.36
CA LYS A 64 7.79 17.36 3.06
C LYS A 64 7.93 18.89 3.10
N ARG A 65 7.33 19.56 2.15
CA ARG A 65 7.43 21.05 2.12
C ARG A 65 6.19 21.67 2.79
N SER A 66 5.63 20.99 3.76
CA SER A 66 4.41 21.52 4.46
C SER A 66 4.38 20.98 5.88
N SER A 67 3.33 21.29 6.61
CA SER A 67 3.23 20.80 8.02
C SER A 67 1.76 20.67 8.40
N MET A 1 -16.82 13.69 -20.13
CA MET A 1 -16.12 14.39 -21.26
C MET A 1 -14.83 15.04 -20.73
N GLU A 2 -13.90 15.31 -21.61
CA GLU A 2 -12.62 15.95 -21.17
C GLU A 2 -11.90 15.03 -20.18
N THR A 3 -11.94 13.74 -20.41
CA THR A 3 -11.26 12.79 -19.48
C THR A 3 -9.93 12.37 -20.08
N LEU A 4 -8.84 12.71 -19.43
CA LEU A 4 -7.49 12.33 -19.96
C LEU A 4 -6.58 11.90 -18.82
N VAL A 5 -6.35 12.79 -17.87
CA VAL A 5 -5.48 12.44 -16.71
C VAL A 5 -6.23 12.73 -15.41
N GLN A 6 -7.48 12.38 -15.36
CA GLN A 6 -8.28 12.63 -14.12
C GLN A 6 -8.39 11.34 -13.30
N ALA A 7 -8.38 10.21 -13.96
CA ALA A 7 -8.48 8.91 -13.24
C ALA A 7 -7.30 8.78 -12.26
N ARG A 8 -7.58 8.57 -11.01
CA ARG A 8 -6.50 8.42 -10.00
C ARG A 8 -6.95 7.50 -8.86
N LYS A 9 -8.00 7.87 -8.18
CA LYS A 9 -8.49 7.02 -7.06
C LYS A 9 -10.03 7.00 -7.06
N ARG A 10 -10.62 6.67 -8.18
CA ARG A 10 -12.11 6.62 -8.26
C ARG A 10 -12.56 5.17 -8.47
N LYS A 11 -11.76 4.22 -8.03
CA LYS A 11 -12.13 2.79 -8.20
C LYS A 11 -11.32 1.95 -7.20
N ARG A 12 -11.74 0.72 -6.98
CA ARG A 12 -11.00 -0.16 -6.01
C ARG A 12 -9.83 -0.85 -6.72
N THR A 13 -9.72 -0.76 -8.03
CA THR A 13 -8.59 -1.41 -8.74
C THR A 13 -7.33 -0.56 -8.61
N SER A 14 -7.45 0.71 -8.30
CA SER A 14 -6.26 1.58 -8.16
C SER A 14 -5.87 1.69 -6.69
N ILE A 15 -4.92 2.53 -6.37
CA ILE A 15 -4.49 2.69 -4.94
C ILE A 15 -5.46 3.63 -4.22
N GLU A 16 -6.59 3.12 -3.81
CA GLU A 16 -7.56 3.97 -3.07
C GLU A 16 -7.07 4.10 -1.64
N ASN A 17 -7.69 4.94 -0.86
CA ASN A 17 -7.26 5.11 0.54
C ASN A 17 -7.60 3.84 1.33
N ARG A 18 -8.60 3.12 0.90
CA ARG A 18 -8.99 1.87 1.60
C ARG A 18 -8.08 0.71 1.15
N VAL A 19 -7.25 0.92 0.15
CA VAL A 19 -6.34 -0.16 -0.31
C VAL A 19 -5.04 -0.06 0.49
N ARG A 20 -4.53 1.14 0.60
CA ARG A 20 -3.26 1.32 1.35
C ARG A 20 -3.47 0.94 2.82
N TRP A 21 -4.58 1.34 3.39
CA TRP A 21 -4.82 0.97 4.81
C TRP A 21 -5.40 -0.45 4.90
N SER A 22 -5.57 -1.10 3.77
CA SER A 22 -5.97 -2.52 3.76
C SER A 22 -4.64 -3.26 3.92
N LEU A 23 -3.59 -2.76 3.27
CA LEU A 23 -2.22 -3.35 3.41
C LEU A 23 -1.86 -3.36 4.89
N GLU A 24 -2.06 -2.23 5.53
CA GLU A 24 -1.71 -2.09 6.97
C GLU A 24 -2.48 -3.12 7.80
N THR A 25 -3.71 -3.39 7.47
CA THR A 25 -4.49 -4.39 8.24
C THR A 25 -3.83 -5.76 8.08
N MET A 26 -3.22 -5.99 6.95
CA MET A 26 -2.54 -7.32 6.71
C MET A 26 -1.10 -7.29 7.24
N PHE A 27 -0.53 -6.13 7.48
CA PHE A 27 0.87 -6.07 7.99
C PHE A 27 0.89 -6.08 9.51
N LEU A 28 -0.19 -5.71 10.16
CA LEU A 28 -0.21 -5.70 11.65
C LEU A 28 -0.74 -7.03 12.20
N LYS A 29 -0.47 -8.11 11.51
CA LYS A 29 -0.93 -9.44 12.02
C LYS A 29 0.26 -10.12 12.70
N CYS A 30 1.41 -10.03 12.08
CA CYS A 30 2.64 -10.61 12.65
C CYS A 30 3.79 -9.66 12.28
N PRO A 31 4.79 -9.54 13.14
CA PRO A 31 5.95 -8.68 12.88
C PRO A 31 6.99 -9.46 12.07
N LYS A 32 6.63 -10.59 11.51
CA LYS A 32 7.61 -11.38 10.75
C LYS A 32 7.07 -11.75 9.34
N PRO A 33 6.72 -10.77 8.53
CA PRO A 33 6.21 -11.03 7.17
C PRO A 33 7.39 -11.40 6.25
N SER A 34 7.15 -12.26 5.30
CA SER A 34 8.24 -12.69 4.37
C SER A 34 8.30 -11.78 3.16
N LEU A 35 9.47 -11.64 2.59
CA LEU A 35 9.60 -10.82 1.35
C LEU A 35 8.73 -11.46 0.27
N GLN A 36 8.47 -12.74 0.40
CA GLN A 36 7.60 -13.44 -0.57
C GLN A 36 6.19 -12.90 -0.35
N GLN A 37 5.81 -12.71 0.89
CA GLN A 37 4.47 -12.16 1.19
C GLN A 37 4.40 -10.73 0.65
N ILE A 38 5.52 -10.05 0.54
CA ILE A 38 5.48 -8.66 -0.01
C ILE A 38 5.18 -8.78 -1.51
N THR A 39 5.65 -9.83 -2.13
CA THR A 39 5.34 -10.04 -3.59
C THR A 39 3.83 -10.25 -3.70
N HIS A 40 3.28 -10.97 -2.77
CA HIS A 40 1.81 -11.22 -2.74
C HIS A 40 1.09 -9.92 -2.35
N ILE A 41 1.77 -9.02 -1.68
CA ILE A 41 1.15 -7.73 -1.29
C ILE A 41 0.95 -6.91 -2.57
N ALA A 42 1.95 -6.87 -3.42
CA ALA A 42 1.84 -6.10 -4.69
C ALA A 42 0.71 -6.65 -5.53
N ASN A 43 0.71 -7.93 -5.79
CA ASN A 43 -0.41 -8.54 -6.56
C ASN A 43 -1.70 -8.37 -5.74
N GLN A 44 -1.58 -8.11 -4.46
CA GLN A 44 -2.79 -7.95 -3.60
C GLN A 44 -3.43 -6.56 -3.83
N LEU A 45 -2.67 -5.56 -4.18
CA LEU A 45 -3.28 -4.20 -4.42
C LEU A 45 -2.89 -3.63 -5.80
N GLY A 46 -2.40 -4.47 -6.69
CA GLY A 46 -2.04 -4.00 -8.08
C GLY A 46 -1.12 -2.75 -8.06
N LEU A 47 -0.33 -2.55 -7.04
CA LEU A 47 0.59 -1.36 -7.03
C LEU A 47 2.00 -1.80 -7.45
N GLU A 48 2.91 -0.86 -7.55
CA GLU A 48 4.30 -1.21 -7.91
C GLU A 48 5.08 -1.47 -6.62
N LYS A 49 6.02 -2.38 -6.66
CA LYS A 49 6.82 -2.69 -5.43
C LYS A 49 7.50 -1.41 -4.92
N ASP A 50 7.65 -0.41 -5.74
CA ASP A 50 8.31 0.85 -5.31
C ASP A 50 7.40 1.63 -4.35
N VAL A 51 6.11 1.65 -4.60
CA VAL A 51 5.20 2.39 -3.67
C VAL A 51 4.88 1.49 -2.46
N VAL A 52 5.01 0.19 -2.62
CA VAL A 52 4.72 -0.73 -1.48
C VAL A 52 5.93 -0.73 -0.52
N ARG A 53 7.11 -0.45 -1.03
CA ARG A 53 8.32 -0.42 -0.17
C ARG A 53 8.35 0.90 0.60
N VAL A 54 8.09 1.99 -0.08
CA VAL A 54 8.10 3.32 0.61
C VAL A 54 6.85 3.44 1.50
N TRP A 55 5.79 2.73 1.16
CA TRP A 55 4.56 2.79 1.99
C TRP A 55 4.73 1.93 3.25
N PHE A 56 5.43 0.82 3.14
CA PHE A 56 5.63 -0.03 4.35
C PHE A 56 6.87 0.42 5.12
N CYS A 57 7.68 1.27 4.55
CA CYS A 57 8.88 1.77 5.28
C CYS A 57 8.41 2.63 6.43
N ASN A 58 7.39 3.42 6.19
CA ASN A 58 6.83 4.27 7.27
C ASN A 58 5.95 3.38 8.15
N ARG A 59 5.24 2.46 7.55
CA ARG A 59 4.37 1.53 8.36
C ARG A 59 5.26 0.58 9.18
N ARG A 60 6.54 0.52 8.90
CA ARG A 60 7.43 -0.39 9.67
C ARG A 60 7.92 0.33 10.92
N GLN A 61 8.34 1.56 10.78
CA GLN A 61 8.82 2.32 11.97
C GLN A 61 7.72 3.28 12.42
N LYS A 62 6.56 2.76 12.70
CA LYS A 62 5.43 3.60 13.15
C LYS A 62 5.43 3.68 14.69
N GLY A 63 6.47 3.22 15.35
CA GLY A 63 6.52 3.28 16.83
C GLY A 63 7.87 3.85 17.29
N LYS A 64 8.53 4.59 16.43
CA LYS A 64 9.85 5.18 16.80
C LYS A 64 9.76 6.69 16.71
N ARG A 65 9.48 7.20 15.55
CA ARG A 65 9.38 8.68 15.37
C ARG A 65 8.19 9.00 14.45
N SER A 66 7.00 9.03 14.99
CA SER A 66 5.81 9.33 14.14
C SER A 66 4.79 10.11 14.98
N SER A 67 3.91 10.83 14.33
CA SER A 67 2.89 11.63 15.08
C SER A 67 1.73 10.72 15.47
N MET A 1 -20.03 2.95 -25.20
CA MET A 1 -19.36 1.63 -25.26
C MET A 1 -18.12 1.62 -24.37
N GLU A 2 -17.81 0.51 -23.75
CA GLU A 2 -16.61 0.44 -22.86
C GLU A 2 -16.77 1.42 -21.70
N THR A 3 -17.90 1.39 -21.04
CA THR A 3 -18.14 2.32 -19.90
C THR A 3 -18.41 1.51 -18.63
N LEU A 4 -18.41 2.14 -17.49
CA LEU A 4 -18.66 1.42 -16.22
C LEU A 4 -19.27 2.38 -15.18
N VAL A 5 -19.67 1.87 -14.05
CA VAL A 5 -20.27 2.73 -12.99
C VAL A 5 -19.72 2.34 -11.62
N GLN A 6 -19.93 1.11 -11.24
CA GLN A 6 -19.43 0.65 -9.90
C GLN A 6 -18.55 -0.60 -10.09
N ALA A 7 -17.65 -0.56 -11.06
CA ALA A 7 -16.77 -1.73 -11.29
C ALA A 7 -15.49 -1.62 -10.45
N ARG A 8 -15.45 -0.73 -9.49
CA ARG A 8 -14.24 -0.59 -8.64
C ARG A 8 -14.61 0.15 -7.35
N LYS A 9 -15.67 -0.26 -6.71
CA LYS A 9 -16.10 0.40 -5.46
C LYS A 9 -16.93 -0.58 -4.63
N ARG A 10 -16.59 -1.85 -4.68
CA ARG A 10 -17.36 -2.87 -3.92
C ARG A 10 -16.90 -2.85 -2.45
N LYS A 11 -15.67 -3.17 -2.20
CA LYS A 11 -15.16 -3.18 -0.80
C LYS A 11 -13.66 -2.88 -0.80
N ARG A 12 -13.24 -1.95 -1.62
CA ARG A 12 -11.78 -1.59 -1.66
C ARG A 12 -11.64 -0.07 -1.76
N THR A 13 -12.58 0.65 -1.21
CA THR A 13 -12.51 2.14 -1.26
C THR A 13 -11.54 2.63 -0.17
N SER A 14 -11.43 1.89 0.90
CA SER A 14 -10.50 2.27 2.00
C SER A 14 -9.38 1.24 2.11
N ILE A 15 -8.65 1.24 3.19
CA ILE A 15 -7.55 0.26 3.36
C ILE A 15 -8.12 -1.09 3.80
N GLU A 16 -8.32 -1.98 2.85
CA GLU A 16 -8.84 -3.32 3.21
C GLU A 16 -7.73 -4.05 3.96
N ASN A 17 -8.04 -5.15 4.57
CA ASN A 17 -7.00 -5.88 5.33
C ASN A 17 -6.06 -6.56 4.33
N ARG A 18 -6.58 -6.98 3.21
CA ARG A 18 -5.73 -7.63 2.18
C ARG A 18 -4.97 -6.55 1.40
N VAL A 19 -5.45 -5.33 1.40
CA VAL A 19 -4.73 -4.26 0.65
C VAL A 19 -3.51 -3.81 1.45
N ARG A 20 -3.68 -3.60 2.74
CA ARG A 20 -2.55 -3.15 3.57
C ARG A 20 -1.49 -4.25 3.62
N TRP A 21 -1.91 -5.48 3.73
CA TRP A 21 -0.92 -6.58 3.79
C TRP A 21 -0.57 -7.06 2.37
N SER A 22 -1.09 -6.36 1.38
CA SER A 22 -0.68 -6.62 -0.02
C SER A 22 0.52 -5.68 -0.22
N LEU A 23 0.43 -4.48 0.36
CA LEU A 23 1.56 -3.51 0.31
C LEU A 23 2.78 -4.21 0.90
N GLU A 24 2.59 -4.80 2.05
CA GLU A 24 3.70 -5.50 2.75
C GLU A 24 4.25 -6.62 1.87
N THR A 25 3.40 -7.23 1.08
CA THR A 25 3.88 -8.33 0.18
C THR A 25 4.87 -7.74 -0.82
N MET A 26 4.66 -6.51 -1.21
CA MET A 26 5.57 -5.85 -2.19
C MET A 26 6.79 -5.23 -1.49
N PHE A 27 6.67 -4.87 -0.22
CA PHE A 27 7.83 -4.25 0.49
C PHE A 27 8.70 -5.30 1.19
N LEU A 28 8.24 -6.52 1.28
CA LEU A 28 9.06 -7.57 1.97
C LEU A 28 9.97 -8.32 1.00
N LYS A 29 10.57 -7.61 0.07
CA LYS A 29 11.51 -8.26 -0.90
C LYS A 29 12.87 -7.56 -0.76
N CYS A 30 12.84 -6.26 -0.71
CA CYS A 30 14.09 -5.48 -0.56
C CYS A 30 13.77 -4.28 0.35
N PRO A 31 14.71 -3.86 1.19
CA PRO A 31 14.51 -2.72 2.07
C PRO A 31 14.87 -1.41 1.34
N LYS A 32 15.01 -1.46 0.04
CA LYS A 32 15.39 -0.23 -0.72
C LYS A 32 14.34 0.09 -1.81
N PRO A 33 13.14 0.48 -1.42
CA PRO A 33 12.08 0.81 -2.39
C PRO A 33 12.35 2.21 -2.98
N SER A 34 11.91 2.44 -4.19
CA SER A 34 12.13 3.76 -4.84
C SER A 34 10.95 4.68 -4.55
N LEU A 35 11.20 5.97 -4.48
CA LEU A 35 10.06 6.92 -4.25
C LEU A 35 9.08 6.77 -5.42
N GLN A 36 9.57 6.30 -6.54
CA GLN A 36 8.68 6.09 -7.71
C GLN A 36 7.82 4.86 -7.40
N GLN A 37 8.41 3.88 -6.78
CA GLN A 37 7.65 2.65 -6.41
C GLN A 37 6.58 3.02 -5.38
N ILE A 38 6.82 4.05 -4.59
CA ILE A 38 5.81 4.46 -3.59
C ILE A 38 4.65 5.15 -4.33
N THR A 39 4.96 5.82 -5.41
CA THR A 39 3.90 6.48 -6.21
C THR A 39 3.00 5.38 -6.79
N HIS A 40 3.61 4.29 -7.17
CA HIS A 40 2.84 3.14 -7.73
C HIS A 40 2.18 2.37 -6.58
N ILE A 41 2.68 2.53 -5.38
CA ILE A 41 2.06 1.84 -4.21
C ILE A 41 0.72 2.53 -3.96
N ALA A 42 0.69 3.83 -4.06
CA ALA A 42 -0.58 4.59 -3.85
C ALA A 42 -1.58 4.19 -4.93
N ASN A 43 -1.16 4.25 -6.16
CA ASN A 43 -2.07 3.81 -7.27
C ASN A 43 -2.37 2.31 -7.08
N GLN A 44 -1.54 1.62 -6.31
CA GLN A 44 -1.74 0.18 -6.07
C GLN A 44 -2.94 -0.03 -5.12
N LEU A 45 -3.15 0.86 -4.16
CA LEU A 45 -4.32 0.68 -3.23
C LEU A 45 -5.17 1.96 -3.14
N GLY A 46 -5.11 2.80 -4.14
CA GLY A 46 -5.94 4.05 -4.17
C GLY A 46 -5.93 4.82 -2.84
N LEU A 47 -4.87 4.75 -2.07
CA LEU A 47 -4.83 5.51 -0.77
C LEU A 47 -4.03 6.80 -0.96
N GLU A 48 -3.94 7.60 0.07
CA GLU A 48 -3.16 8.85 -0.01
C GLU A 48 -1.72 8.55 0.43
N LYS A 49 -0.76 9.19 -0.19
CA LYS A 49 0.67 8.93 0.16
C LYS A 49 0.91 9.16 1.65
N ASP A 50 0.05 9.90 2.31
CA ASP A 50 0.24 10.15 3.77
C ASP A 50 -0.10 8.89 4.59
N VAL A 51 -1.13 8.16 4.20
CA VAL A 51 -1.48 6.94 4.97
C VAL A 51 -0.54 5.79 4.55
N VAL A 52 0.05 5.89 3.38
CA VAL A 52 0.98 4.83 2.91
C VAL A 52 2.35 5.02 3.59
N ARG A 53 2.69 6.24 3.92
CA ARG A 53 4.00 6.50 4.58
C ARG A 53 3.93 6.08 6.05
N VAL A 54 2.85 6.43 6.72
CA VAL A 54 2.70 6.03 8.15
C VAL A 54 2.56 4.51 8.24
N TRP A 55 1.90 3.91 7.29
CA TRP A 55 1.73 2.42 7.30
C TRP A 55 3.09 1.77 7.05
N PHE A 56 3.91 2.34 6.20
CA PHE A 56 5.25 1.74 5.95
C PHE A 56 6.24 2.21 7.01
N CYS A 57 5.87 3.16 7.84
CA CYS A 57 6.80 3.62 8.91
C CYS A 57 6.95 2.48 9.90
N ASN A 58 5.85 1.90 10.31
CA ASN A 58 5.91 0.76 11.26
C ASN A 58 6.51 -0.43 10.50
N ARG A 59 6.13 -0.61 9.26
CA ARG A 59 6.70 -1.74 8.45
C ARG A 59 8.21 -1.52 8.26
N ARG A 60 8.69 -0.31 8.47
CA ARG A 60 10.14 -0.04 8.30
C ARG A 60 10.87 -0.47 9.58
N GLN A 61 10.28 -0.16 10.72
CA GLN A 61 10.92 -0.54 12.01
C GLN A 61 10.14 -1.70 12.62
N LYS A 62 10.11 -2.82 11.94
CA LYS A 62 9.40 -4.01 12.46
C LYS A 62 10.27 -4.70 13.51
N GLY A 63 11.56 -4.44 13.51
CA GLY A 63 12.46 -5.07 14.52
C GLY A 63 13.88 -4.54 14.33
N LYS A 64 14.19 -3.43 14.95
CA LYS A 64 15.56 -2.85 14.82
C LYS A 64 16.07 -2.43 16.20
N ARG A 65 15.49 -1.40 16.76
CA ARG A 65 15.93 -0.94 18.10
C ARG A 65 14.70 -0.65 18.98
N SER A 66 13.63 -1.36 18.77
CA SER A 66 12.40 -1.13 19.58
C SER A 66 12.05 -2.41 20.36
N SER A 67 12.90 -2.80 21.27
CA SER A 67 12.64 -4.04 22.07
C SER A 67 13.44 -3.97 23.37
N MET A 1 -12.52 20.72 6.15
CA MET A 1 -12.41 19.24 6.27
C MET A 1 -11.34 18.72 5.31
N GLU A 2 -10.26 18.21 5.83
CA GLU A 2 -9.18 17.69 4.95
C GLU A 2 -9.23 16.16 4.91
N THR A 3 -9.12 15.52 6.04
CA THR A 3 -9.17 14.02 6.07
C THR A 3 -9.58 13.55 7.46
N LEU A 4 -10.03 12.32 7.58
CA LEU A 4 -10.45 11.80 8.91
C LEU A 4 -10.10 10.31 8.99
N VAL A 5 -10.17 9.73 10.16
CA VAL A 5 -9.85 8.28 10.31
C VAL A 5 -10.49 7.76 11.61
N GLN A 6 -11.71 7.31 11.52
CA GLN A 6 -12.40 6.77 12.74
C GLN A 6 -12.84 5.33 12.47
N ALA A 7 -13.20 4.61 13.50
CA ALA A 7 -13.63 3.20 13.33
C ALA A 7 -14.99 3.16 12.63
N ARG A 8 -15.01 2.87 11.35
CA ARG A 8 -16.30 2.81 10.61
C ARG A 8 -16.15 1.90 9.39
N LYS A 9 -15.25 2.22 8.50
CA LYS A 9 -15.04 1.37 7.29
C LYS A 9 -13.67 0.70 7.37
N ARG A 10 -13.57 -0.37 8.11
CA ARG A 10 -12.27 -1.09 8.24
C ARG A 10 -12.49 -2.59 8.00
N LYS A 11 -12.76 -2.96 6.77
CA LYS A 11 -13.00 -4.40 6.44
C LYS A 11 -12.41 -4.71 5.07
N ARG A 12 -12.79 -5.83 4.51
CA ARG A 12 -12.27 -6.22 3.16
C ARG A 12 -13.26 -5.75 2.09
N THR A 13 -13.71 -4.53 2.19
CA THR A 13 -14.68 -4.01 1.16
C THR A 13 -13.90 -3.62 -0.08
N SER A 14 -12.71 -3.11 0.10
CA SER A 14 -11.87 -2.73 -1.07
C SER A 14 -10.40 -3.05 -0.78
N ILE A 15 -10.17 -4.00 0.09
CA ILE A 15 -8.77 -4.41 0.42
C ILE A 15 -8.78 -5.88 0.87
N GLU A 16 -8.96 -6.77 -0.06
CA GLU A 16 -8.94 -8.22 0.28
C GLU A 16 -7.53 -8.57 0.74
N ASN A 17 -7.41 -9.62 1.51
CA ASN A 17 -6.06 -10.02 2.00
C ASN A 17 -5.15 -10.36 0.82
N ARG A 18 -5.72 -10.77 -0.28
CA ARG A 18 -4.89 -11.10 -1.47
C ARG A 18 -4.54 -9.82 -2.20
N VAL A 19 -5.35 -8.80 -2.07
CA VAL A 19 -5.04 -7.51 -2.77
C VAL A 19 -3.82 -6.87 -2.12
N ARG A 20 -3.79 -6.83 -0.82
CA ARG A 20 -2.63 -6.20 -0.13
C ARG A 20 -1.36 -6.97 -0.44
N TRP A 21 -1.38 -8.27 -0.29
CA TRP A 21 -0.15 -9.04 -0.60
C TRP A 21 0.04 -9.10 -2.11
N SER A 22 -0.96 -8.71 -2.88
CA SER A 22 -0.78 -8.64 -4.35
C SER A 22 0.12 -7.43 -4.58
N LEU A 23 -0.11 -6.37 -3.82
CA LEU A 23 0.77 -5.16 -3.91
C LEU A 23 2.21 -5.62 -3.71
N GLU A 24 2.39 -6.48 -2.73
CA GLU A 24 3.75 -7.02 -2.42
C GLU A 24 4.37 -7.65 -3.67
N THR A 25 3.69 -8.60 -4.28
CA THR A 25 4.24 -9.27 -5.49
C THR A 25 4.56 -8.25 -6.59
N MET A 26 3.92 -7.11 -6.56
CA MET A 26 4.18 -6.08 -7.62
C MET A 26 5.37 -5.19 -7.23
N PHE A 27 5.64 -5.03 -5.96
CA PHE A 27 6.77 -4.16 -5.53
C PHE A 27 8.07 -4.96 -5.37
N LEU A 28 7.99 -6.27 -5.36
CA LEU A 28 9.24 -7.08 -5.17
C LEU A 28 9.88 -7.43 -6.52
N LYS A 29 9.55 -6.72 -7.58
CA LYS A 29 10.18 -7.01 -8.90
C LYS A 29 11.22 -5.93 -9.21
N CYS A 30 10.87 -4.70 -8.91
CA CYS A 30 11.79 -3.57 -9.14
C CYS A 30 11.67 -2.59 -7.96
N PRO A 31 12.78 -2.20 -7.35
CA PRO A 31 12.75 -1.27 -6.22
C PRO A 31 12.78 0.18 -6.72
N LYS A 32 12.32 0.43 -7.92
CA LYS A 32 12.36 1.82 -8.45
C LYS A 32 10.94 2.36 -8.78
N PRO A 33 9.96 2.19 -7.90
CA PRO A 33 8.60 2.71 -8.16
C PRO A 33 8.56 4.22 -7.93
N SER A 34 7.84 4.94 -8.76
CA SER A 34 7.75 6.41 -8.61
C SER A 34 6.56 6.75 -7.74
N LEU A 35 6.57 7.92 -7.12
CA LEU A 35 5.39 8.33 -6.29
C LEU A 35 4.17 8.38 -7.23
N GLN A 36 4.42 8.56 -8.51
CA GLN A 36 3.30 8.59 -9.49
C GLN A 36 2.76 7.17 -9.57
N GLN A 37 3.64 6.20 -9.58
CA GLN A 37 3.22 4.78 -9.62
C GLN A 37 2.43 4.46 -8.35
N ILE A 38 2.73 5.13 -7.26
CA ILE A 38 1.97 4.88 -6.00
C ILE A 38 0.54 5.39 -6.21
N THR A 39 0.39 6.46 -6.95
CA THR A 39 -0.98 7.00 -7.21
C THR A 39 -1.77 5.95 -8.00
N HIS A 40 -1.20 5.48 -9.09
CA HIS A 40 -1.88 4.43 -9.89
C HIS A 40 -2.04 3.17 -9.04
N ILE A 41 -1.25 3.05 -8.00
CA ILE A 41 -1.35 1.87 -7.10
C ILE A 41 -2.70 2.00 -6.37
N ALA A 42 -3.00 3.20 -5.92
CA ALA A 42 -4.27 3.44 -5.19
C ALA A 42 -5.45 3.09 -6.09
N ASN A 43 -5.51 3.67 -7.25
CA ASN A 43 -6.60 3.32 -8.21
C ASN A 43 -6.49 1.82 -8.54
N GLN A 44 -5.32 1.25 -8.33
CA GLN A 44 -5.10 -0.19 -8.63
C GLN A 44 -5.81 -1.08 -7.59
N LEU A 45 -5.89 -0.65 -6.34
CA LEU A 45 -6.57 -1.50 -5.30
C LEU A 45 -7.64 -0.68 -4.53
N GLY A 46 -8.11 0.38 -5.11
CA GLY A 46 -9.19 1.21 -4.47
C GLY A 46 -8.93 1.48 -2.97
N LEU A 47 -7.70 1.56 -2.55
CA LEU A 47 -7.42 1.85 -1.10
C LEU A 47 -7.07 3.33 -0.91
N GLU A 48 -6.84 3.72 0.32
CA GLU A 48 -6.45 5.13 0.61
C GLU A 48 -4.93 5.20 0.57
N LYS A 49 -4.39 6.29 0.10
CA LYS A 49 -2.89 6.43 0.03
C LYS A 49 -2.28 6.24 1.43
N ASP A 50 -3.07 6.39 2.47
CA ASP A 50 -2.53 6.23 3.85
C ASP A 50 -2.28 4.74 4.16
N VAL A 51 -3.12 3.85 3.69
CA VAL A 51 -2.89 2.40 3.98
C VAL A 51 -1.84 1.85 3.00
N VAL A 52 -1.72 2.47 1.84
CA VAL A 52 -0.73 2.01 0.85
C VAL A 52 0.68 2.43 1.30
N ARG A 53 0.79 3.52 2.02
CA ARG A 53 2.12 3.99 2.49
C ARG A 53 2.53 3.21 3.74
N VAL A 54 1.60 2.97 4.63
CA VAL A 54 1.93 2.20 5.88
C VAL A 54 2.42 0.81 5.50
N TRP A 55 1.73 0.15 4.60
CA TRP A 55 2.19 -1.21 4.19
C TRP A 55 3.53 -1.06 3.46
N PHE A 56 3.71 -0.01 2.68
CA PHE A 56 5.01 0.14 1.97
C PHE A 56 6.05 0.81 2.85
N CYS A 57 5.70 1.14 4.08
CA CYS A 57 6.72 1.73 4.99
C CYS A 57 7.58 0.56 5.47
N ASN A 58 6.94 -0.54 5.76
CA ASN A 58 7.67 -1.75 6.21
C ASN A 58 8.21 -2.48 4.95
N ARG A 59 7.46 -2.46 3.87
CA ARG A 59 7.95 -3.12 2.61
C ARG A 59 9.16 -2.35 2.10
N ARG A 60 9.26 -1.08 2.42
CA ARG A 60 10.43 -0.28 1.95
C ARG A 60 11.64 -0.67 2.80
N GLN A 61 11.50 -0.66 4.09
CA GLN A 61 12.63 -1.04 4.99
C GLN A 61 12.47 -2.50 5.39
N LYS A 62 12.35 -3.37 4.43
CA LYS A 62 12.19 -4.81 4.73
C LYS A 62 13.56 -5.46 4.98
N GLY A 63 14.60 -4.88 4.43
CA GLY A 63 15.97 -5.46 4.63
C GLY A 63 16.73 -5.40 3.31
N LYS A 64 16.83 -4.23 2.72
CA LYS A 64 17.56 -4.10 1.43
C LYS A 64 18.95 -3.50 1.71
N ARG A 65 19.56 -3.88 2.81
CA ARG A 65 20.91 -3.34 3.15
C ARG A 65 21.62 -4.30 4.11
N SER A 66 22.16 -5.38 3.60
CA SER A 66 22.87 -6.35 4.48
C SER A 66 24.12 -6.86 3.76
N SER A 67 25.14 -7.22 4.51
CA SER A 67 26.39 -7.73 3.88
C SER A 67 26.60 -9.19 4.27
N MET A 1 -16.62 12.17 -11.95
CA MET A 1 -17.15 10.95 -12.62
C MET A 1 -16.63 9.71 -11.92
N GLU A 2 -15.35 9.65 -11.67
CA GLU A 2 -14.77 8.45 -10.97
C GLU A 2 -13.87 8.91 -9.82
N THR A 3 -14.16 10.05 -9.25
CA THR A 3 -13.32 10.56 -8.12
C THR A 3 -13.95 10.13 -6.79
N LEU A 4 -13.20 9.46 -5.96
CA LEU A 4 -13.75 9.01 -4.65
C LEU A 4 -13.68 10.15 -3.64
N VAL A 5 -14.83 10.65 -3.23
CA VAL A 5 -14.85 11.77 -2.25
C VAL A 5 -15.25 11.24 -0.87
N GLN A 6 -14.94 9.99 -0.59
CA GLN A 6 -15.30 9.41 0.73
C GLN A 6 -14.05 8.78 1.35
N ALA A 7 -12.89 9.36 1.12
CA ALA A 7 -11.64 8.80 1.68
C ALA A 7 -11.48 9.24 3.14
N ARG A 8 -12.11 8.55 4.05
CA ARG A 8 -12.01 8.93 5.49
C ARG A 8 -10.71 8.37 6.07
N LYS A 9 -10.32 8.83 7.24
CA LYS A 9 -9.06 8.34 7.86
C LYS A 9 -9.38 7.23 8.87
N ARG A 10 -10.32 6.39 8.55
CA ARG A 10 -10.70 5.29 9.47
C ARG A 10 -11.45 4.20 8.68
N LYS A 11 -11.07 3.99 7.45
CA LYS A 11 -11.75 2.97 6.61
C LYS A 11 -11.17 1.58 6.87
N ARG A 12 -11.85 0.78 7.66
CA ARG A 12 -11.37 -0.60 7.93
C ARG A 12 -12.29 -1.62 7.27
N THR A 13 -13.29 -1.19 6.55
CA THR A 13 -14.20 -2.14 5.86
C THR A 13 -13.51 -2.66 4.60
N SER A 14 -12.63 -1.86 4.03
CA SER A 14 -11.89 -2.32 2.81
C SER A 14 -10.39 -2.21 3.04
N ILE A 15 -9.97 -2.23 4.28
CA ILE A 15 -8.51 -2.17 4.60
C ILE A 15 -8.28 -2.91 5.93
N GLU A 16 -8.72 -4.14 5.98
CA GLU A 16 -8.53 -4.94 7.21
C GLU A 16 -7.07 -5.37 7.31
N ASN A 17 -6.72 -6.18 8.27
CA ASN A 17 -5.32 -6.63 8.41
C ASN A 17 -4.94 -7.48 7.19
N ARG A 18 -5.91 -8.10 6.56
CA ARG A 18 -5.62 -8.93 5.36
C ARG A 18 -5.29 -8.02 4.18
N VAL A 19 -5.83 -6.81 4.17
CA VAL A 19 -5.53 -5.88 3.03
C VAL A 19 -4.04 -5.55 3.05
N ARG A 20 -3.56 -5.16 4.20
CA ARG A 20 -2.13 -4.76 4.32
C ARG A 20 -1.23 -5.90 3.88
N TRP A 21 -1.44 -7.08 4.38
CA TRP A 21 -0.56 -8.19 3.98
C TRP A 21 -0.92 -8.60 2.54
N SER A 22 -2.03 -8.13 2.03
CA SER A 22 -2.38 -8.38 0.61
C SER A 22 -1.37 -7.54 -0.20
N LEU A 23 -1.10 -6.34 0.29
CA LEU A 23 -0.07 -5.47 -0.37
C LEU A 23 1.23 -6.26 -0.41
N GLU A 24 1.53 -6.92 0.67
CA GLU A 24 2.77 -7.75 0.77
C GLU A 24 2.86 -8.75 -0.38
N THR A 25 1.84 -9.55 -0.58
CA THR A 25 1.87 -10.57 -1.67
C THR A 25 2.05 -9.88 -3.03
N MET A 26 1.60 -8.66 -3.15
CA MET A 26 1.73 -7.93 -4.46
C MET A 26 3.15 -7.37 -4.63
N PHE A 27 3.81 -7.05 -3.55
CA PHE A 27 5.20 -6.48 -3.64
C PHE A 27 6.27 -7.57 -3.59
N LEU A 28 5.91 -8.77 -3.20
CA LEU A 28 6.92 -9.87 -3.11
C LEU A 28 7.02 -10.66 -4.42
N LYS A 29 6.63 -10.07 -5.52
CA LYS A 29 6.73 -10.78 -6.83
C LYS A 29 7.89 -10.16 -7.62
N CYS A 30 8.00 -8.87 -7.55
CA CYS A 30 9.09 -8.15 -8.25
C CYS A 30 9.59 -7.02 -7.33
N PRO A 31 10.90 -6.88 -7.16
CA PRO A 31 11.47 -5.83 -6.30
C PRO A 31 11.66 -4.55 -7.10
N LYS A 32 10.93 -4.37 -8.18
CA LYS A 32 11.12 -3.14 -9.00
C LYS A 32 9.81 -2.33 -9.14
N PRO A 33 9.12 -2.06 -8.05
CA PRO A 33 7.87 -1.26 -8.12
C PRO A 33 8.22 0.22 -8.29
N SER A 34 7.58 0.87 -9.23
CA SER A 34 7.86 2.33 -9.45
C SER A 34 7.05 3.14 -8.46
N LEU A 35 7.54 4.29 -8.05
CA LEU A 35 6.74 5.13 -7.11
C LEU A 35 5.41 5.49 -7.81
N GLN A 36 5.39 5.44 -9.13
CA GLN A 36 4.13 5.73 -9.86
C GLN A 36 3.22 4.53 -9.61
N GLN A 37 3.80 3.36 -9.64
CA GLN A 37 3.02 2.14 -9.35
C GLN A 37 2.52 2.21 -7.90
N ILE A 38 3.21 2.97 -7.06
CA ILE A 38 2.76 3.11 -5.64
C ILE A 38 1.50 3.97 -5.67
N THR A 39 1.44 4.92 -6.57
CA THR A 39 0.21 5.77 -6.68
C THR A 39 -0.93 4.85 -7.08
N HIS A 40 -0.65 3.90 -7.94
CA HIS A 40 -1.70 2.93 -8.37
C HIS A 40 -2.00 1.98 -7.20
N ILE A 41 -1.06 1.82 -6.30
CA ILE A 41 -1.28 0.93 -5.13
C ILE A 41 -2.32 1.61 -4.23
N ALA A 42 -2.20 2.89 -4.02
CA ALA A 42 -3.16 3.62 -3.15
C ALA A 42 -4.54 3.55 -3.78
N ASN A 43 -4.65 3.93 -5.02
CA ASN A 43 -5.96 3.84 -5.72
C ASN A 43 -6.38 2.35 -5.78
N GLN A 44 -5.43 1.46 -5.60
CA GLN A 44 -5.75 0.01 -5.65
C GLN A 44 -6.49 -0.43 -4.38
N LEU A 45 -6.19 0.15 -3.23
CA LEU A 45 -6.92 -0.26 -1.99
C LEU A 45 -7.62 0.95 -1.31
N GLY A 46 -7.74 2.05 -2.01
CA GLY A 46 -8.44 3.24 -1.43
C GLY A 46 -7.81 3.69 -0.10
N LEU A 47 -6.55 3.42 0.14
CA LEU A 47 -5.91 3.88 1.42
C LEU A 47 -5.12 5.18 1.15
N GLU A 48 -4.59 5.76 2.19
CA GLU A 48 -3.79 7.00 2.03
C GLU A 48 -2.34 6.62 1.80
N LYS A 49 -1.61 7.42 1.07
CA LYS A 49 -0.18 7.11 0.80
C LYS A 49 0.62 7.07 2.11
N ASP A 50 0.07 7.58 3.19
CA ASP A 50 0.81 7.57 4.49
C ASP A 50 0.82 6.16 5.09
N VAL A 51 -0.23 5.39 4.90
CA VAL A 51 -0.22 4.01 5.48
C VAL A 51 0.43 3.06 4.47
N VAL A 52 0.38 3.38 3.20
CA VAL A 52 1.01 2.53 2.17
C VAL A 52 2.54 2.75 2.20
N ARG A 53 2.97 3.91 2.65
CA ARG A 53 4.44 4.19 2.71
C ARG A 53 5.03 3.63 4.01
N VAL A 54 4.34 3.80 5.11
CA VAL A 54 4.87 3.27 6.41
C VAL A 54 4.98 1.75 6.32
N TRP A 55 3.99 1.09 5.78
CA TRP A 55 4.07 -0.39 5.67
C TRP A 55 5.18 -0.73 4.66
N PHE A 56 5.24 -0.04 3.55
CA PHE A 56 6.31 -0.38 2.56
C PHE A 56 7.64 0.24 2.96
N CYS A 57 7.70 0.93 4.08
CA CYS A 57 9.00 1.47 4.53
C CYS A 57 9.74 0.32 5.19
N ASN A 58 9.01 -0.52 5.88
CA ASN A 58 9.63 -1.72 6.50
C ASN A 58 9.66 -2.86 5.48
N ARG A 59 8.76 -2.86 4.51
CA ARG A 59 8.75 -3.94 3.48
C ARG A 59 9.85 -3.65 2.44
N ARG A 60 10.27 -2.41 2.30
CA ARG A 60 11.32 -2.09 1.30
C ARG A 60 12.71 -2.35 1.90
N GLN A 61 12.84 -2.20 3.19
CA GLN A 61 14.17 -2.42 3.83
C GLN A 61 14.14 -3.66 4.72
N LYS A 62 13.73 -4.78 4.17
CA LYS A 62 13.68 -6.04 4.99
C LYS A 62 14.95 -6.86 4.74
N GLY A 63 16.06 -6.21 4.51
CA GLY A 63 17.33 -6.96 4.28
C GLY A 63 17.22 -7.80 3.00
N LYS A 64 16.83 -7.18 1.90
CA LYS A 64 16.72 -7.93 0.62
C LYS A 64 18.00 -7.76 -0.18
N ARG A 65 18.58 -6.58 -0.13
CA ARG A 65 19.83 -6.33 -0.89
C ARG A 65 20.95 -5.95 0.08
N SER A 66 21.06 -6.65 1.19
CA SER A 66 22.12 -6.32 2.18
C SER A 66 23.25 -7.34 2.07
N SER A 67 24.48 -6.87 2.09
CA SER A 67 25.64 -7.80 1.99
C SER A 67 26.74 -7.35 2.95
N MET A 1 -17.67 11.93 -1.90
CA MET A 1 -17.64 11.65 -0.44
C MET A 1 -18.21 10.26 -0.17
N GLU A 2 -17.91 9.32 -1.03
CA GLU A 2 -18.43 7.94 -0.84
C GLU A 2 -17.54 6.94 -1.59
N THR A 3 -16.25 7.18 -1.62
CA THR A 3 -15.32 6.26 -2.33
C THR A 3 -14.53 5.45 -1.32
N LEU A 4 -15.14 4.46 -0.71
CA LEU A 4 -14.42 3.63 0.30
C LEU A 4 -15.08 2.24 0.37
N VAL A 5 -14.62 1.40 1.25
CA VAL A 5 -15.20 0.04 1.37
C VAL A 5 -15.14 -0.42 2.83
N GLN A 6 -16.13 -0.07 3.61
CA GLN A 6 -16.14 -0.47 5.04
C GLN A 6 -17.16 -1.60 5.26
N ALA A 7 -16.78 -2.81 4.95
CA ALA A 7 -17.71 -3.96 5.14
C ALA A 7 -17.79 -4.30 6.63
N ARG A 8 -16.68 -4.68 7.22
CA ARG A 8 -16.67 -5.01 8.67
C ARG A 8 -15.38 -4.47 9.28
N LYS A 9 -15.48 -3.80 10.41
CA LYS A 9 -14.27 -3.24 11.05
C LYS A 9 -13.65 -4.27 12.00
N ARG A 10 -13.47 -5.48 11.54
CA ARG A 10 -12.88 -6.53 12.40
C ARG A 10 -11.34 -6.48 12.29
N LYS A 11 -10.77 -7.15 11.31
CA LYS A 11 -9.29 -7.12 11.14
C LYS A 11 -8.92 -7.58 9.73
N ARG A 12 -9.56 -6.99 8.73
CA ARG A 12 -9.26 -7.38 7.33
C ARG A 12 -9.62 -6.23 6.37
N THR A 13 -10.70 -5.54 6.62
CA THR A 13 -11.08 -4.41 5.72
C THR A 13 -10.20 -3.21 6.04
N SER A 14 -9.80 -3.07 7.27
CA SER A 14 -8.91 -1.94 7.65
C SER A 14 -7.47 -2.29 7.28
N ILE A 15 -6.54 -1.44 7.59
CA ILE A 15 -5.11 -1.73 7.25
C ILE A 15 -4.48 -2.54 8.39
N GLU A 16 -4.64 -3.83 8.35
CA GLU A 16 -4.02 -4.69 9.39
C GLU A 16 -2.51 -4.59 9.25
N ASN A 17 -1.79 -4.81 10.30
CA ASN A 17 -0.30 -4.72 10.22
C ASN A 17 0.22 -5.74 9.21
N ARG A 18 -0.52 -6.80 8.99
CA ARG A 18 -0.09 -7.82 8.01
C ARG A 18 -0.46 -7.36 6.61
N VAL A 19 -1.52 -6.59 6.48
CA VAL A 19 -1.92 -6.11 5.12
C VAL A 19 -0.89 -5.12 4.59
N ARG A 20 -0.47 -4.19 5.41
CA ARG A 20 0.53 -3.19 4.92
C ARG A 20 1.81 -3.89 4.55
N TRP A 21 2.26 -4.85 5.34
CA TRP A 21 3.50 -5.55 4.97
C TRP A 21 3.17 -6.55 3.85
N SER A 22 1.89 -6.79 3.61
CA SER A 22 1.49 -7.64 2.46
C SER A 22 1.80 -6.81 1.21
N LEU A 23 1.55 -5.51 1.29
CA LEU A 23 1.89 -4.59 0.16
C LEU A 23 3.38 -4.76 -0.13
N GLU A 24 4.15 -4.78 0.91
CA GLU A 24 5.64 -4.93 0.77
C GLU A 24 6.00 -6.18 -0.03
N THR A 25 5.58 -7.34 0.40
CA THR A 25 5.91 -8.59 -0.35
C THR A 25 5.42 -8.50 -1.79
N MET A 26 4.45 -7.65 -2.06
CA MET A 26 3.93 -7.54 -3.46
C MET A 26 4.78 -6.55 -4.28
N PHE A 27 5.38 -5.57 -3.63
CA PHE A 27 6.21 -4.57 -4.37
C PHE A 27 7.68 -4.98 -4.43
N LEU A 28 8.08 -5.97 -3.67
CA LEU A 28 9.51 -6.39 -3.69
C LEU A 28 9.74 -7.50 -4.73
N LYS A 29 8.86 -7.62 -5.70
CA LYS A 29 9.06 -8.65 -6.77
C LYS A 29 9.50 -7.93 -8.04
N CYS A 30 8.88 -6.81 -8.31
CA CYS A 30 9.24 -6.01 -9.50
C CYS A 30 9.15 -4.52 -9.11
N PRO A 31 10.18 -3.74 -9.40
CA PRO A 31 10.19 -2.30 -9.06
C PRO A 31 9.56 -1.50 -10.19
N LYS A 32 8.64 -2.07 -10.93
CA LYS A 32 8.04 -1.32 -12.05
C LYS A 32 6.49 -1.27 -11.95
N PRO A 33 5.94 -0.90 -10.79
CA PRO A 33 4.48 -0.81 -10.65
C PRO A 33 3.97 0.46 -11.32
N SER A 34 2.94 0.35 -12.10
CA SER A 34 2.38 1.54 -12.79
C SER A 34 1.76 2.47 -11.76
N LEU A 35 1.84 3.76 -11.98
CA LEU A 35 1.20 4.72 -11.03
C LEU A 35 -0.30 4.43 -11.04
N GLN A 36 -0.78 3.95 -12.16
CA GLN A 36 -2.23 3.58 -12.26
C GLN A 36 -2.42 2.35 -11.38
N GLN A 37 -1.45 1.47 -11.39
CA GLN A 37 -1.51 0.26 -10.53
C GLN A 37 -1.53 0.69 -9.06
N ILE A 38 -0.93 1.83 -8.76
CA ILE A 38 -0.94 2.31 -7.34
C ILE A 38 -2.37 2.76 -7.03
N THR A 39 -3.07 3.27 -8.01
CA THR A 39 -4.50 3.68 -7.78
C THR A 39 -5.27 2.40 -7.44
N HIS A 40 -4.96 1.33 -8.12
CA HIS A 40 -5.62 0.03 -7.84
C HIS A 40 -5.15 -0.47 -6.46
N ILE A 41 -3.99 -0.04 -6.04
CA ILE A 41 -3.48 -0.46 -4.70
C ILE A 41 -4.42 0.17 -3.65
N ALA A 42 -4.74 1.43 -3.81
CA ALA A 42 -5.64 2.13 -2.84
C ALA A 42 -6.97 1.39 -2.74
N ASN A 43 -7.63 1.20 -3.85
CA ASN A 43 -8.91 0.44 -3.84
C ASN A 43 -8.62 -0.99 -3.35
N GLN A 44 -7.38 -1.41 -3.43
CA GLN A 44 -7.00 -2.78 -2.99
C GLN A 44 -6.94 -2.88 -1.45
N LEU A 45 -6.60 -1.81 -0.76
CA LEU A 45 -6.55 -1.89 0.75
C LEU A 45 -7.39 -0.77 1.39
N GLY A 46 -8.28 -0.17 0.65
CA GLY A 46 -9.18 0.91 1.21
C GLY A 46 -8.40 1.98 2.00
N LEU A 47 -7.15 2.22 1.66
CA LEU A 47 -6.39 3.28 2.40
C LEU A 47 -6.36 4.57 1.56
N GLU A 48 -5.79 5.61 2.11
CA GLU A 48 -5.69 6.89 1.37
C GLU A 48 -4.36 6.89 0.61
N LYS A 49 -4.32 7.50 -0.54
CA LYS A 49 -3.04 7.54 -1.32
C LYS A 49 -1.94 8.20 -0.49
N ASP A 50 -2.28 8.92 0.55
CA ASP A 50 -1.23 9.58 1.38
C ASP A 50 -0.51 8.55 2.26
N VAL A 51 -1.20 7.54 2.75
CA VAL A 51 -0.52 6.52 3.60
C VAL A 51 0.15 5.49 2.68
N VAL A 52 -0.34 5.33 1.48
CA VAL A 52 0.27 4.36 0.53
C VAL A 52 1.57 4.97 -0.04
N ARG A 53 1.62 6.28 -0.15
CA ARG A 53 2.84 6.96 -0.68
C ARG A 53 3.88 7.09 0.42
N VAL A 54 3.46 7.36 1.63
CA VAL A 54 4.43 7.49 2.75
C VAL A 54 5.07 6.13 3.00
N TRP A 55 4.32 5.07 2.92
CA TRP A 55 4.92 3.72 3.11
C TRP A 55 5.83 3.46 1.91
N PHE A 56 5.43 3.92 0.74
CA PHE A 56 6.29 3.70 -0.45
C PHE A 56 7.43 4.72 -0.49
N CYS A 57 7.44 5.68 0.40
CA CYS A 57 8.58 6.64 0.40
C CYS A 57 9.76 5.89 1.02
N ASN A 58 9.48 5.07 1.99
CA ASN A 58 10.55 4.26 2.62
C ASN A 58 10.75 2.96 1.81
N ARG A 59 9.73 2.52 1.10
CA ARG A 59 9.87 1.28 0.28
C ARG A 59 10.60 1.61 -1.03
N ARG A 60 10.61 2.88 -1.44
CA ARG A 60 11.33 3.25 -2.68
C ARG A 60 12.78 3.64 -2.35
N GLN A 61 13.00 4.13 -1.15
CA GLN A 61 14.38 4.53 -0.75
C GLN A 61 14.83 3.70 0.45
N LYS A 62 14.81 2.40 0.31
CA LYS A 62 15.25 1.51 1.42
C LYS A 62 16.78 1.43 1.44
N GLY A 63 17.41 1.64 0.30
CA GLY A 63 18.89 1.58 0.24
C GLY A 63 19.33 1.60 -1.23
N LYS A 64 19.19 2.72 -1.88
CA LYS A 64 19.58 2.81 -3.32
C LYS A 64 20.93 3.53 -3.44
N ARG A 65 21.17 4.49 -2.59
CA ARG A 65 22.47 5.22 -2.65
C ARG A 65 23.05 5.36 -1.24
N SER A 66 24.04 4.55 -0.93
CA SER A 66 24.66 4.63 0.43
C SER A 66 25.97 5.42 0.33
N SER A 67 25.87 6.71 0.19
CA SER A 67 27.10 7.55 0.08
C SER A 67 26.97 8.77 0.99
N MET A 1 -5.38 -25.02 -24.34
CA MET A 1 -4.62 -23.86 -24.87
C MET A 1 -4.69 -22.70 -23.87
N GLU A 2 -3.58 -22.04 -23.64
CA GLU A 2 -3.57 -20.90 -22.68
C GLU A 2 -4.06 -21.36 -21.31
N THR A 3 -3.66 -22.53 -20.87
CA THR A 3 -4.11 -23.04 -19.55
C THR A 3 -2.96 -22.89 -18.54
N LEU A 4 -2.35 -21.73 -18.49
CA LEU A 4 -1.23 -21.50 -17.55
C LEU A 4 -1.47 -20.20 -16.78
N VAL A 5 -2.71 -19.90 -16.45
CA VAL A 5 -3.01 -18.65 -15.71
C VAL A 5 -4.38 -18.80 -15.02
N GLN A 6 -4.45 -19.60 -14.00
CA GLN A 6 -5.74 -19.80 -13.27
C GLN A 6 -5.84 -18.81 -12.11
N ALA A 7 -6.91 -18.85 -11.37
CA ALA A 7 -7.08 -17.92 -10.22
C ALA A 7 -6.00 -18.22 -9.17
N ARG A 8 -4.96 -17.42 -9.14
CA ARG A 8 -3.88 -17.63 -8.15
C ARG A 8 -3.08 -16.33 -7.98
N LYS A 9 -2.36 -15.93 -8.98
CA LYS A 9 -1.56 -14.68 -8.89
C LYS A 9 -2.47 -13.48 -9.20
N ARG A 10 -3.25 -13.06 -8.22
CA ARG A 10 -4.16 -11.91 -8.43
C ARG A 10 -4.56 -11.32 -7.08
N LYS A 11 -3.73 -10.47 -6.52
CA LYS A 11 -4.05 -9.86 -5.21
C LYS A 11 -4.89 -8.60 -5.41
N ARG A 12 -6.19 -8.72 -5.27
CA ARG A 12 -7.08 -7.53 -5.45
C ARG A 12 -8.40 -7.78 -4.73
N THR A 13 -8.35 -8.41 -3.59
CA THR A 13 -9.61 -8.67 -2.82
C THR A 13 -9.99 -7.40 -2.06
N SER A 14 -9.00 -6.66 -1.63
CA SER A 14 -9.28 -5.39 -0.90
C SER A 14 -8.04 -4.48 -1.00
N ILE A 15 -7.31 -4.60 -2.08
CA ILE A 15 -6.11 -3.76 -2.28
C ILE A 15 -5.88 -3.57 -3.78
N GLU A 16 -6.71 -2.77 -4.40
CA GLU A 16 -6.56 -2.51 -5.85
C GLU A 16 -5.24 -1.77 -6.06
N ASN A 17 -4.66 -1.90 -7.21
CA ASN A 17 -3.37 -1.19 -7.48
C ASN A 17 -3.57 0.32 -7.32
N ARG A 18 -4.78 0.79 -7.47
CA ARG A 18 -5.04 2.24 -7.32
C ARG A 18 -5.21 2.56 -5.82
N VAL A 19 -5.69 1.61 -5.06
CA VAL A 19 -5.87 1.86 -3.59
C VAL A 19 -4.50 2.07 -2.96
N ARG A 20 -3.55 1.25 -3.30
CA ARG A 20 -2.19 1.40 -2.70
C ARG A 20 -1.61 2.75 -3.10
N TRP A 21 -1.78 3.15 -4.33
CA TRP A 21 -1.25 4.46 -4.76
C TRP A 21 -2.23 5.58 -4.39
N SER A 22 -3.37 5.21 -3.85
CA SER A 22 -4.31 6.23 -3.29
C SER A 22 -3.72 6.58 -1.92
N LEU A 23 -3.16 5.57 -1.24
CA LEU A 23 -2.49 5.81 0.06
C LEU A 23 -1.37 6.83 -0.21
N GLU A 24 -0.60 6.55 -1.23
CA GLU A 24 0.53 7.45 -1.60
C GLU A 24 0.02 8.86 -1.88
N THR A 25 -1.20 8.98 -2.32
CA THR A 25 -1.77 10.32 -2.61
C THR A 25 -1.94 11.08 -1.30
N MET A 26 -2.32 10.39 -0.25
CA MET A 26 -2.52 11.06 1.07
C MET A 26 -1.18 11.20 1.83
N PHE A 27 -0.20 10.38 1.54
CA PHE A 27 1.11 10.48 2.27
C PHE A 27 2.07 11.42 1.54
N LEU A 28 1.83 11.69 0.28
CA LEU A 28 2.75 12.59 -0.48
C LEU A 28 2.28 14.05 -0.39
N LYS A 29 1.27 14.32 0.42
CA LYS A 29 0.79 15.73 0.55
C LYS A 29 1.38 16.32 1.83
N CYS A 30 1.49 15.52 2.85
CA CYS A 30 2.07 15.97 4.13
C CYS A 30 2.91 14.82 4.72
N PRO A 31 4.12 15.11 5.19
CA PRO A 31 4.99 14.08 5.79
C PRO A 31 4.67 13.93 7.28
N LYS A 32 3.49 14.30 7.71
CA LYS A 32 3.16 14.22 9.15
C LYS A 32 1.87 13.39 9.38
N PRO A 33 1.84 12.15 8.90
CA PRO A 33 0.66 11.29 9.12
C PRO A 33 0.64 10.80 10.56
N SER A 34 -0.49 10.86 11.20
CA SER A 34 -0.58 10.42 12.62
C SER A 34 -0.96 8.95 12.67
N LEU A 35 -0.60 8.28 13.75
CA LEU A 35 -0.98 6.85 13.89
C LEU A 35 -2.51 6.78 13.89
N GLN A 36 -3.17 7.88 14.21
CA GLN A 36 -4.66 7.90 14.19
C GLN A 36 -5.08 7.85 12.73
N GLN A 37 -4.38 8.58 11.89
CA GLN A 37 -4.69 8.58 10.43
C GLN A 37 -4.28 7.22 9.85
N ILE A 38 -3.41 6.49 10.51
CA ILE A 38 -3.00 5.16 9.98
C ILE A 38 -4.15 4.17 10.24
N THR A 39 -4.85 4.36 11.33
CA THR A 39 -6.01 3.46 11.63
C THR A 39 -7.09 3.77 10.59
N HIS A 40 -7.35 5.04 10.38
CA HIS A 40 -8.36 5.44 9.36
C HIS A 40 -7.80 5.12 7.96
N ILE A 41 -6.50 4.96 7.84
CA ILE A 41 -5.89 4.60 6.52
C ILE A 41 -6.34 3.18 6.21
N ALA A 42 -6.31 2.35 7.20
CA ALA A 42 -6.73 0.93 7.02
C ALA A 42 -8.18 0.92 6.55
N ASN A 43 -9.03 1.64 7.23
CA ASN A 43 -10.45 1.72 6.82
C ASN A 43 -10.52 2.40 5.45
N GLN A 44 -9.50 3.15 5.07
CA GLN A 44 -9.51 3.85 3.76
C GLN A 44 -9.18 2.86 2.61
N LEU A 45 -8.47 1.79 2.88
CA LEU A 45 -8.19 0.80 1.79
C LEU A 45 -8.51 -0.64 2.25
N GLY A 46 -9.33 -0.78 3.25
CA GLY A 46 -9.75 -2.14 3.75
C GLY A 46 -8.55 -3.10 3.94
N LEU A 47 -7.37 -2.60 4.22
CA LEU A 47 -6.21 -3.52 4.44
C LEU A 47 -5.92 -3.63 5.95
N GLU A 48 -4.96 -4.44 6.32
CA GLU A 48 -4.59 -4.58 7.75
C GLU A 48 -3.49 -3.58 8.10
N LYS A 49 -2.94 -3.66 9.28
CA LYS A 49 -1.85 -2.72 9.65
C LYS A 49 -0.48 -3.33 9.26
N ASP A 50 -0.46 -4.58 8.85
CA ASP A 50 0.83 -5.22 8.46
C ASP A 50 1.19 -4.83 7.03
N VAL A 51 0.23 -4.85 6.13
CA VAL A 51 0.54 -4.47 4.71
C VAL A 51 0.56 -2.94 4.62
N VAL A 52 -0.09 -2.25 5.55
CA VAL A 52 -0.09 -0.77 5.51
C VAL A 52 1.24 -0.25 6.09
N ARG A 53 1.80 -0.94 7.05
CA ARG A 53 3.09 -0.49 7.66
C ARG A 53 4.24 -0.84 6.72
N VAL A 54 4.23 -2.01 6.16
CA VAL A 54 5.32 -2.41 5.23
C VAL A 54 5.20 -1.61 3.93
N TRP A 55 3.99 -1.34 3.52
CA TRP A 55 3.79 -0.55 2.27
C TRP A 55 4.26 0.89 2.50
N PHE A 56 4.07 1.40 3.69
CA PHE A 56 4.54 2.80 3.96
C PHE A 56 5.98 2.79 4.47
N CYS A 57 6.53 1.63 4.77
CA CYS A 57 7.94 1.59 5.25
C CYS A 57 8.84 1.93 4.07
N ASN A 58 8.51 1.45 2.91
CA ASN A 58 9.31 1.77 1.70
C ASN A 58 8.93 3.18 1.25
N ARG A 59 7.67 3.50 1.34
CA ARG A 59 7.22 4.88 0.94
C ARG A 59 7.89 5.93 1.85
N ARG A 60 8.34 5.52 3.01
CA ARG A 60 9.01 6.48 3.93
C ARG A 60 10.50 6.55 3.59
N GLN A 61 11.09 5.41 3.30
CA GLN A 61 12.54 5.37 2.94
C GLN A 61 12.72 4.56 1.67
N LYS A 62 12.22 5.06 0.57
CA LYS A 62 12.36 4.34 -0.72
C LYS A 62 13.77 4.59 -1.26
N GLY A 63 14.41 5.66 -0.85
CA GLY A 63 15.78 5.96 -1.34
C GLY A 63 16.48 6.90 -0.35
N LYS A 64 16.37 6.63 0.92
CA LYS A 64 17.03 7.49 1.94
C LYS A 64 18.30 6.81 2.45
N ARG A 65 18.98 6.11 1.58
CA ARG A 65 20.24 5.41 2.00
C ARG A 65 21.40 5.87 1.12
N SER A 66 21.35 7.09 0.65
CA SER A 66 22.46 7.60 -0.22
C SER A 66 22.99 8.92 0.37
N SER A 67 23.83 8.84 1.36
CA SER A 67 24.40 10.07 1.98
C SER A 67 25.83 9.80 2.44
N MET A 1 -13.59 2.15 -10.81
CA MET A 1 -14.47 1.05 -10.33
C MET A 1 -15.28 0.50 -11.50
N GLU A 2 -14.86 -0.62 -12.05
CA GLU A 2 -15.60 -1.22 -13.21
C GLU A 2 -15.65 -0.22 -14.37
N THR A 3 -14.68 0.64 -14.46
CA THR A 3 -14.65 1.64 -15.57
C THR A 3 -13.81 1.10 -16.73
N LEU A 4 -12.82 0.29 -16.42
CA LEU A 4 -11.96 -0.28 -17.49
C LEU A 4 -12.60 -1.55 -18.05
N VAL A 5 -12.94 -1.55 -19.31
CA VAL A 5 -13.58 -2.75 -19.94
C VAL A 5 -12.50 -3.57 -20.65
N GLN A 6 -11.57 -2.91 -21.28
CA GLN A 6 -10.49 -3.63 -22.01
C GLN A 6 -9.22 -3.67 -21.14
N ALA A 7 -9.33 -4.25 -19.97
CA ALA A 7 -8.16 -4.33 -19.06
C ALA A 7 -7.09 -5.25 -19.66
N ARG A 8 -5.97 -4.69 -20.04
CA ARG A 8 -4.88 -5.52 -20.63
C ARG A 8 -4.09 -6.19 -19.50
N LYS A 9 -3.73 -5.46 -18.49
CA LYS A 9 -2.98 -6.04 -17.35
C LYS A 9 -3.12 -5.13 -16.13
N ARG A 10 -4.30 -5.07 -15.56
CA ARG A 10 -4.51 -4.20 -14.37
C ARG A 10 -5.59 -4.82 -13.48
N LYS A 11 -5.25 -5.87 -12.76
CA LYS A 11 -6.24 -6.52 -11.86
C LYS A 11 -5.75 -6.41 -10.41
N ARG A 12 -6.66 -6.31 -9.47
CA ARG A 12 -6.25 -6.18 -8.05
C ARG A 12 -6.37 -7.52 -7.33
N THR A 13 -6.09 -8.60 -8.02
CA THR A 13 -6.17 -9.95 -7.39
C THR A 13 -4.89 -10.22 -6.60
N SER A 14 -3.80 -9.58 -6.95
CA SER A 14 -2.52 -9.79 -6.22
C SER A 14 -1.88 -8.44 -5.91
N ILE A 15 -0.61 -8.43 -5.57
CA ILE A 15 0.08 -7.14 -5.26
C ILE A 15 0.47 -6.47 -6.58
N GLU A 16 -0.39 -5.62 -7.09
CA GLU A 16 -0.08 -4.90 -8.34
C GLU A 16 0.75 -3.68 -7.98
N ASN A 17 1.45 -3.11 -8.92
CA ASN A 17 2.28 -1.92 -8.61
C ASN A 17 1.38 -0.77 -8.14
N ARG A 18 0.16 -0.74 -8.59
CA ARG A 18 -0.76 0.34 -8.16
C ARG A 18 -1.28 0.02 -6.76
N VAL A 19 -1.33 -1.24 -6.39
CA VAL A 19 -1.83 -1.59 -5.03
C VAL A 19 -0.80 -1.16 -3.99
N ARG A 20 0.46 -1.48 -4.22
CA ARG A 20 1.51 -1.09 -3.25
C ARG A 20 1.60 0.42 -3.15
N TRP A 21 1.58 1.10 -4.26
CA TRP A 21 1.65 2.59 -4.20
C TRP A 21 0.27 3.17 -3.91
N SER A 22 -0.73 2.31 -3.78
CA SER A 22 -2.06 2.79 -3.33
C SER A 22 -1.92 2.87 -1.81
N LEU A 23 -1.24 1.89 -1.22
CA LEU A 23 -0.96 1.92 0.25
C LEU A 23 -0.27 3.26 0.54
N GLU A 24 0.68 3.59 -0.30
CA GLU A 24 1.47 4.85 -0.13
C GLU A 24 0.54 6.07 0.01
N THR A 25 -0.35 6.29 -0.93
CA THR A 25 -1.24 7.49 -0.83
C THR A 25 -2.03 7.43 0.49
N MET A 26 -2.27 6.26 1.01
CA MET A 26 -3.03 6.15 2.29
C MET A 26 -2.10 6.50 3.48
N PHE A 27 -0.83 6.22 3.36
CA PHE A 27 0.11 6.51 4.49
C PHE A 27 0.74 7.91 4.35
N LEU A 28 0.54 8.59 3.24
CA LEU A 28 1.17 9.93 3.08
C LEU A 28 0.25 11.06 3.56
N LYS A 29 -0.77 10.74 4.33
CA LYS A 29 -1.66 11.80 4.85
C LYS A 29 -1.29 12.08 6.31
N CYS A 30 -1.05 11.03 7.04
CA CYS A 30 -0.65 11.16 8.46
C CYS A 30 0.43 10.10 8.75
N PRO A 31 1.43 10.44 9.54
CA PRO A 31 2.51 9.50 9.88
C PRO A 31 2.11 8.65 11.10
N LYS A 32 0.84 8.66 11.47
CA LYS A 32 0.41 7.88 12.66
C LYS A 32 -0.63 6.81 12.28
N PRO A 33 -0.22 5.76 11.58
CA PRO A 33 -1.16 4.69 11.20
C PRO A 33 -1.45 3.80 12.42
N SER A 34 -2.69 3.49 12.64
CA SER A 34 -3.06 2.63 13.81
C SER A 34 -2.85 1.17 13.45
N LEU A 35 -2.61 0.33 14.42
CA LEU A 35 -2.46 -1.12 14.12
C LEU A 35 -3.78 -1.63 13.55
N GLN A 36 -4.86 -0.91 13.84
CA GLN A 36 -6.18 -1.29 13.29
C GLN A 36 -6.19 -0.90 11.82
N GLN A 37 -5.57 0.21 11.50
CA GLN A 37 -5.51 0.66 10.09
C GLN A 37 -4.56 -0.26 9.32
N ILE A 38 -3.63 -0.91 9.99
CA ILE A 38 -2.70 -1.84 9.27
C ILE A 38 -3.44 -3.15 9.01
N THR A 39 -4.39 -3.49 9.85
CA THR A 39 -5.18 -4.74 9.61
C THR A 39 -6.10 -4.47 8.42
N HIS A 40 -6.62 -3.28 8.33
CA HIS A 40 -7.50 -2.91 7.19
C HIS A 40 -6.62 -2.69 5.95
N ILE A 41 -5.36 -2.37 6.16
CA ILE A 41 -4.43 -2.18 5.02
C ILE A 41 -4.23 -3.55 4.36
N ALA A 42 -4.02 -4.56 5.16
CA ALA A 42 -3.81 -5.93 4.63
C ALA A 42 -5.03 -6.38 3.85
N ASN A 43 -6.19 -6.31 4.47
CA ASN A 43 -7.43 -6.68 3.74
C ASN A 43 -7.65 -5.69 2.59
N GLN A 44 -6.97 -4.56 2.64
CA GLN A 44 -7.11 -3.54 1.56
C GLN A 44 -6.36 -4.01 0.30
N LEU A 45 -5.29 -4.75 0.46
CA LEU A 45 -4.54 -5.24 -0.75
C LEU A 45 -4.33 -6.77 -0.69
N GLY A 46 -5.12 -7.46 0.08
CA GLY A 46 -5.04 -8.96 0.17
C GLY A 46 -3.60 -9.48 0.28
N LEU A 47 -2.71 -8.76 0.91
CA LEU A 47 -1.31 -9.27 1.06
C LEU A 47 -1.12 -9.86 2.47
N GLU A 48 0.07 -10.33 2.76
CA GLU A 48 0.35 -10.88 4.11
C GLU A 48 0.89 -9.75 4.98
N LYS A 49 0.57 -9.75 6.25
CA LYS A 49 1.06 -8.68 7.16
C LYS A 49 2.59 -8.58 7.13
N ASP A 50 3.26 -9.61 6.71
CA ASP A 50 4.76 -9.57 6.67
C ASP A 50 5.23 -8.69 5.51
N VAL A 51 4.56 -8.73 4.38
CA VAL A 51 5.00 -7.88 3.23
C VAL A 51 4.45 -6.45 3.43
N VAL A 52 3.41 -6.32 4.21
CA VAL A 52 2.82 -4.97 4.44
C VAL A 52 3.69 -4.20 5.45
N ARG A 53 4.35 -4.90 6.34
CA ARG A 53 5.22 -4.22 7.34
C ARG A 53 6.58 -3.90 6.71
N VAL A 54 7.15 -4.84 6.00
CA VAL A 54 8.48 -4.58 5.34
C VAL A 54 8.28 -3.51 4.26
N TRP A 55 7.12 -3.47 3.66
CA TRP A 55 6.85 -2.45 2.60
C TRP A 55 6.65 -1.08 3.28
N PHE A 56 5.95 -1.04 4.39
CA PHE A 56 5.76 0.26 5.08
C PHE A 56 6.89 0.51 6.08
N CYS A 57 7.87 -0.37 6.15
CA CYS A 57 9.00 -0.14 7.10
C CYS A 57 9.98 0.82 6.44
N ASN A 58 10.13 0.70 5.15
CA ASN A 58 11.02 1.63 4.41
C ASN A 58 10.23 2.90 4.14
N ARG A 59 8.96 2.76 3.86
CA ARG A 59 8.10 3.95 3.59
C ARG A 59 8.08 4.85 4.84
N ARG A 60 8.27 4.28 6.02
CA ARG A 60 8.23 5.11 7.26
C ARG A 60 9.62 5.70 7.55
N GLN A 61 10.67 5.01 7.15
CA GLN A 61 12.05 5.54 7.41
C GLN A 61 12.87 5.51 6.13
N LYS A 62 12.40 6.16 5.11
CA LYS A 62 13.15 6.20 3.82
C LYS A 62 14.27 7.24 3.93
N GLY A 63 14.04 8.28 4.69
CA GLY A 63 15.09 9.33 4.87
C GLY A 63 14.50 10.47 5.71
N LYS A 64 14.67 10.41 7.01
CA LYS A 64 14.13 11.48 7.89
C LYS A 64 15.07 12.69 7.89
N ARG A 65 16.30 12.50 7.52
CA ARG A 65 17.26 13.65 7.49
C ARG A 65 17.37 14.18 6.07
N SER A 66 17.51 13.29 5.11
CA SER A 66 17.62 13.72 3.69
C SER A 66 16.24 13.71 3.04
N SER A 67 15.62 14.85 2.92
CA SER A 67 14.26 14.91 2.29
C SER A 67 14.40 15.05 0.77
N MET A 1 28.87 -3.54 -0.23
CA MET A 1 28.94 -3.07 1.18
C MET A 1 29.19 -1.57 1.21
N GLU A 2 28.77 -0.90 2.27
CA GLU A 2 28.97 0.57 2.39
C GLU A 2 28.28 1.27 1.21
N THR A 3 27.23 0.69 0.69
CA THR A 3 26.51 1.32 -0.45
C THR A 3 25.09 1.71 0.00
N LEU A 4 24.39 2.46 -0.80
CA LEU A 4 23.01 2.88 -0.43
C LEU A 4 22.21 3.16 -1.71
N VAL A 5 22.41 2.36 -2.72
CA VAL A 5 21.67 2.55 -4.00
C VAL A 5 21.17 1.19 -4.52
N GLN A 6 20.24 0.58 -3.82
CA GLN A 6 19.71 -0.74 -4.25
C GLN A 6 18.25 -0.87 -3.83
N ALA A 7 17.93 -0.49 -2.61
CA ALA A 7 16.52 -0.60 -2.13
C ALA A 7 15.65 0.38 -2.91
N ARG A 8 14.78 -0.11 -3.74
CA ARG A 8 13.90 0.79 -4.54
C ARG A 8 12.54 0.13 -4.78
N LYS A 9 11.53 0.91 -5.05
CA LYS A 9 10.17 0.35 -5.29
C LYS A 9 9.95 0.20 -6.80
N ARG A 10 10.88 -0.43 -7.48
CA ARG A 10 10.74 -0.60 -8.95
C ARG A 10 10.23 -2.01 -9.27
N LYS A 11 9.40 -2.58 -8.41
CA LYS A 11 8.88 -3.94 -8.67
C LYS A 11 7.49 -3.83 -9.32
N ARG A 12 7.26 -4.55 -10.38
CA ARG A 12 5.94 -4.49 -11.07
C ARG A 12 5.54 -5.90 -11.53
N THR A 13 5.69 -6.87 -10.67
CA THR A 13 5.30 -8.26 -11.05
C THR A 13 3.77 -8.36 -10.94
N SER A 14 3.21 -7.65 -10.00
CA SER A 14 1.74 -7.64 -9.83
C SER A 14 1.36 -6.39 -9.04
N ILE A 15 2.10 -5.32 -9.23
CA ILE A 15 1.81 -4.05 -8.50
C ILE A 15 2.24 -2.85 -9.34
N GLU A 16 1.46 -2.52 -10.33
CA GLU A 16 1.78 -1.34 -11.16
C GLU A 16 1.68 -0.11 -10.26
N ASN A 17 2.38 0.93 -10.56
CA ASN A 17 2.33 2.15 -9.70
C ASN A 17 0.90 2.69 -9.65
N ARG A 18 0.13 2.47 -10.68
CA ARG A 18 -1.26 2.96 -10.69
C ARG A 18 -2.14 2.02 -9.84
N VAL A 19 -1.76 0.77 -9.73
CA VAL A 19 -2.57 -0.17 -8.92
C VAL A 19 -2.47 0.22 -7.44
N ARG A 20 -1.29 0.48 -6.96
CA ARG A 20 -1.13 0.85 -5.53
C ARG A 20 -1.91 2.14 -5.26
N TRP A 21 -1.70 3.15 -6.06
CA TRP A 21 -2.45 4.40 -5.80
C TRP A 21 -3.93 4.19 -6.17
N SER A 22 -4.25 3.09 -6.84
CA SER A 22 -5.67 2.79 -7.12
C SER A 22 -6.27 2.36 -5.77
N LEU A 23 -5.50 1.60 -5.00
CA LEU A 23 -5.96 1.19 -3.64
C LEU A 23 -6.30 2.47 -2.88
N GLU A 24 -5.46 3.47 -3.02
CA GLU A 24 -5.68 4.78 -2.33
C GLU A 24 -7.04 5.36 -2.71
N THR A 25 -7.30 5.51 -3.98
CA THR A 25 -8.60 6.10 -4.43
C THR A 25 -9.79 5.31 -3.87
N MET A 26 -9.60 4.04 -3.57
CA MET A 26 -10.73 3.24 -3.04
C MET A 26 -10.81 3.34 -1.51
N PHE A 27 -9.71 3.63 -0.85
CA PHE A 27 -9.73 3.72 0.64
C PHE A 27 -9.98 5.17 1.10
N LEU A 28 -9.94 6.12 0.21
CA LEU A 28 -10.16 7.54 0.63
C LEU A 28 -11.64 7.93 0.53
N LYS A 29 -12.54 6.98 0.64
CA LYS A 29 -13.99 7.30 0.59
C LYS A 29 -14.58 7.04 1.97
N CYS A 30 -14.19 5.94 2.57
CA CYS A 30 -14.69 5.58 3.92
C CYS A 30 -13.51 4.95 4.69
N PRO A 31 -13.26 5.38 5.92
CA PRO A 31 -12.16 4.84 6.74
C PRO A 31 -12.65 3.62 7.52
N LYS A 32 -13.67 2.94 7.04
CA LYS A 32 -14.19 1.77 7.79
C LYS A 32 -14.20 0.50 6.89
N PRO A 33 -13.08 0.17 6.27
CA PRO A 33 -13.01 -1.04 5.43
C PRO A 33 -12.97 -2.30 6.31
N SER A 34 -13.36 -3.41 5.76
CA SER A 34 -13.34 -4.67 6.56
C SER A 34 -12.01 -5.37 6.40
N LEU A 35 -11.50 -5.99 7.45
CA LEU A 35 -10.22 -6.72 7.32
C LEU A 35 -10.45 -7.86 6.29
N GLN A 36 -11.70 -8.28 6.14
CA GLN A 36 -12.02 -9.33 5.14
C GLN A 36 -11.79 -8.71 3.78
N GLN A 37 -12.20 -7.47 3.62
CA GLN A 37 -11.99 -6.77 2.34
C GLN A 37 -10.49 -6.56 2.14
N ILE A 38 -9.72 -6.52 3.21
CA ILE A 38 -8.24 -6.35 3.07
C ILE A 38 -7.68 -7.66 2.50
N THR A 39 -8.28 -8.77 2.83
CA THR A 39 -7.82 -10.08 2.29
C THR A 39 -8.07 -10.05 0.77
N HIS A 40 -9.27 -9.70 0.40
CA HIS A 40 -9.61 -9.61 -1.05
C HIS A 40 -8.79 -8.47 -1.68
N ILE A 41 -8.27 -7.56 -0.87
CA ILE A 41 -7.45 -6.46 -1.41
C ILE A 41 -6.15 -7.11 -1.90
N ALA A 42 -5.63 -8.02 -1.13
CA ALA A 42 -4.36 -8.72 -1.50
C ALA A 42 -4.56 -9.43 -2.83
N ASN A 43 -5.56 -10.26 -2.93
CA ASN A 43 -5.83 -10.93 -4.24
C ASN A 43 -6.13 -9.85 -5.28
N GLN A 44 -6.52 -8.68 -4.84
CA GLN A 44 -6.83 -7.55 -5.76
C GLN A 44 -5.53 -7.03 -6.41
N LEU A 45 -4.44 -7.00 -5.68
CA LEU A 45 -3.16 -6.50 -6.29
C LEU A 45 -2.03 -7.52 -6.12
N GLY A 46 -2.36 -8.78 -5.95
CA GLY A 46 -1.33 -9.87 -5.83
C GLY A 46 -0.16 -9.48 -4.90
N LEU A 47 -0.38 -8.68 -3.90
CA LEU A 47 0.74 -8.31 -2.97
C LEU A 47 0.61 -9.10 -1.66
N GLU A 48 1.59 -8.97 -0.80
CA GLU A 48 1.54 -9.67 0.50
C GLU A 48 0.84 -8.75 1.50
N LYS A 49 0.14 -9.30 2.44
CA LYS A 49 -0.58 -8.46 3.44
C LYS A 49 0.41 -7.55 4.19
N ASP A 50 1.69 -7.85 4.15
CA ASP A 50 2.68 -6.99 4.86
C ASP A 50 2.88 -5.68 4.11
N VAL A 51 2.88 -5.70 2.79
CA VAL A 51 3.07 -4.44 2.03
C VAL A 51 1.72 -3.70 1.95
N VAL A 52 0.62 -4.42 2.03
CA VAL A 52 -0.70 -3.76 1.96
C VAL A 52 -0.99 -3.07 3.30
N ARG A 53 -0.46 -3.61 4.37
CA ARG A 53 -0.69 -2.99 5.71
C ARG A 53 0.24 -1.80 5.90
N VAL A 54 1.46 -1.91 5.42
CA VAL A 54 2.42 -0.77 5.56
C VAL A 54 1.88 0.44 4.79
N TRP A 55 1.36 0.23 3.59
CA TRP A 55 0.80 1.38 2.85
C TRP A 55 -0.45 1.86 3.59
N PHE A 56 -1.23 0.97 4.16
CA PHE A 56 -2.44 1.43 4.89
C PHE A 56 -2.11 1.84 6.32
N CYS A 57 -0.86 1.73 6.72
CA CYS A 57 -0.49 2.20 8.09
C CYS A 57 -0.42 3.71 8.01
N ASN A 58 0.10 4.21 6.91
CA ASN A 58 0.17 5.69 6.72
C ASN A 58 -1.18 6.17 6.17
N ARG A 59 -1.84 5.35 5.38
CA ARG A 59 -3.17 5.75 4.84
C ARG A 59 -4.20 5.73 5.98
N ARG A 60 -3.91 5.02 7.06
CA ARG A 60 -4.87 4.98 8.21
C ARG A 60 -4.68 6.24 9.05
N GLN A 61 -3.47 6.68 9.20
CA GLN A 61 -3.21 7.92 10.00
C GLN A 61 -2.55 8.97 9.11
N LYS A 62 -3.29 9.51 8.18
CA LYS A 62 -2.73 10.55 7.27
C LYS A 62 -2.71 11.91 7.99
N GLY A 63 -3.45 12.05 9.08
CA GLY A 63 -3.49 13.34 9.81
C GLY A 63 -2.44 13.33 10.92
N LYS A 64 -2.15 12.18 11.48
CA LYS A 64 -1.14 12.10 12.57
C LYS A 64 0.26 12.11 11.97
N ARG A 65 0.63 11.06 11.27
CA ARG A 65 1.99 11.00 10.65
C ARG A 65 1.85 10.85 9.13
N SER A 66 2.31 11.83 8.40
CA SER A 66 2.22 11.76 6.91
C SER A 66 3.37 12.56 6.30
N SER A 67 4.37 11.88 5.80
CA SER A 67 5.53 12.59 5.19
C SER A 67 6.21 11.67 4.16
N MET A 1 -16.31 11.43 -10.94
CA MET A 1 -16.42 10.01 -10.48
C MET A 1 -17.64 9.88 -9.58
N GLU A 2 -18.76 9.52 -10.15
CA GLU A 2 -20.00 9.35 -9.34
C GLU A 2 -20.78 8.12 -9.85
N THR A 3 -20.29 6.94 -9.56
CA THR A 3 -20.98 5.71 -10.01
C THR A 3 -22.10 5.36 -9.03
N LEU A 4 -22.77 4.26 -9.27
CA LEU A 4 -23.88 3.84 -8.36
C LEU A 4 -23.82 2.33 -8.17
N VAL A 5 -22.76 1.84 -7.57
CA VAL A 5 -22.63 0.38 -7.34
C VAL A 5 -21.68 0.13 -6.16
N GLN A 6 -22.20 0.20 -4.96
CA GLN A 6 -21.35 -0.03 -3.75
C GLN A 6 -21.74 -1.36 -3.10
N ALA A 7 -20.98 -2.39 -3.35
CA ALA A 7 -21.29 -3.72 -2.74
C ALA A 7 -21.22 -3.63 -1.22
N ARG A 8 -21.07 -4.74 -0.54
CA ARG A 8 -20.99 -4.73 0.94
C ARG A 8 -19.93 -5.71 1.42
N LYS A 9 -18.95 -6.01 0.58
CA LYS A 9 -17.88 -6.96 0.99
C LYS A 9 -16.56 -6.58 0.31
N ARG A 10 -16.41 -5.35 -0.10
CA ARG A 10 -15.15 -4.92 -0.77
C ARG A 10 -15.02 -3.39 -0.71
N LYS A 11 -15.39 -2.79 0.39
CA LYS A 11 -15.29 -1.31 0.51
C LYS A 11 -13.84 -0.93 0.82
N ARG A 12 -13.03 -0.78 -0.21
CA ARG A 12 -11.60 -0.42 0.00
C ARG A 12 -11.25 0.82 -0.84
N THR A 13 -11.91 1.93 -0.58
CA THR A 13 -11.63 3.18 -1.34
C THR A 13 -10.57 3.99 -0.59
N SER A 14 -10.57 3.90 0.73
CA SER A 14 -9.58 4.66 1.54
C SER A 14 -8.54 3.68 2.10
N ILE A 15 -7.72 4.15 3.02
CA ILE A 15 -6.68 3.25 3.61
C ILE A 15 -7.33 2.38 4.70
N GLU A 16 -7.85 1.25 4.32
CA GLU A 16 -8.44 0.34 5.33
C GLU A 16 -7.27 -0.25 6.12
N ASN A 17 -7.47 -0.58 7.36
CA ASN A 17 -6.35 -1.16 8.16
C ASN A 17 -5.84 -2.44 7.50
N ARG A 18 -6.65 -3.07 6.69
CA ARG A 18 -6.21 -4.31 6.01
C ARG A 18 -5.46 -3.93 4.73
N VAL A 19 -5.82 -2.83 4.12
CA VAL A 19 -5.12 -2.40 2.87
C VAL A 19 -3.68 -2.05 3.20
N ARG A 20 -3.45 -1.33 4.26
CA ARG A 20 -2.07 -0.94 4.64
C ARG A 20 -1.23 -2.18 4.90
N TRP A 21 -1.69 -3.08 5.74
CA TRP A 21 -0.86 -4.28 6.01
C TRP A 21 -0.94 -5.23 4.81
N SER A 22 -1.81 -4.95 3.85
CA SER A 22 -1.84 -5.76 2.61
C SER A 22 -0.63 -5.31 1.81
N LEU A 23 -0.34 -4.02 1.84
CA LEU A 23 0.87 -3.46 1.15
C LEU A 23 2.07 -4.22 1.69
N GLU A 24 2.13 -4.35 2.99
CA GLU A 24 3.27 -5.06 3.66
C GLU A 24 3.49 -6.46 3.05
N THR A 25 2.44 -7.21 2.86
CA THR A 25 2.60 -8.58 2.30
C THR A 25 3.13 -8.51 0.86
N MET A 26 2.78 -7.49 0.14
CA MET A 26 3.23 -7.36 -1.28
C MET A 26 4.70 -6.91 -1.35
N PHE A 27 5.16 -6.17 -0.38
CA PHE A 27 6.56 -5.67 -0.40
C PHE A 27 7.50 -6.65 0.32
N LEU A 28 6.97 -7.53 1.13
CA LEU A 28 7.84 -8.49 1.88
C LEU A 28 8.04 -9.79 1.10
N LYS A 29 7.50 -9.91 -0.09
CA LYS A 29 7.69 -11.16 -0.88
C LYS A 29 8.81 -10.95 -1.90
N CYS A 30 8.89 -9.75 -2.43
CA CYS A 30 9.94 -9.43 -3.42
C CYS A 30 10.45 -8.00 -3.13
N PRO A 31 11.74 -7.83 -2.91
CA PRO A 31 12.32 -6.50 -2.64
C PRO A 31 12.71 -5.83 -3.96
N LYS A 32 11.91 -5.99 -4.98
CA LYS A 32 12.26 -5.36 -6.29
C LYS A 32 11.14 -4.43 -6.82
N PRO A 33 10.58 -3.57 -5.98
CA PRO A 33 9.53 -2.65 -6.44
C PRO A 33 10.15 -1.47 -7.20
N SER A 34 9.57 -1.10 -8.31
CA SER A 34 10.11 0.04 -9.10
C SER A 34 9.47 1.32 -8.62
N LEU A 35 10.15 2.44 -8.70
CA LEU A 35 9.53 3.73 -8.28
C LEU A 35 8.30 3.96 -9.15
N GLN A 36 8.27 3.35 -10.32
CA GLN A 36 7.07 3.49 -11.20
C GLN A 36 5.96 2.65 -10.61
N GLN A 37 6.31 1.49 -10.07
CA GLN A 37 5.30 0.61 -9.44
C GLN A 37 4.87 1.19 -8.10
N ILE A 38 5.62 2.12 -7.54
CA ILE A 38 5.20 2.75 -6.25
C ILE A 38 4.12 3.76 -6.59
N THR A 39 4.27 4.44 -7.69
CA THR A 39 3.22 5.41 -8.12
C THR A 39 1.97 4.58 -8.44
N HIS A 40 2.18 3.41 -9.00
CA HIS A 40 1.06 2.49 -9.32
C HIS A 40 0.52 1.91 -8.01
N ILE A 41 1.33 1.88 -6.97
CA ILE A 41 0.86 1.36 -5.66
C ILE A 41 -0.21 2.33 -5.17
N ALA A 42 0.03 3.60 -5.34
CA ALA A 42 -0.93 4.64 -4.89
C ALA A 42 -2.24 4.44 -5.62
N ASN A 43 -2.20 4.42 -6.92
CA ASN A 43 -3.44 4.16 -7.70
C ASN A 43 -3.96 2.75 -7.38
N GLN A 44 -3.12 1.91 -6.80
CA GLN A 44 -3.53 0.53 -6.46
C GLN A 44 -4.43 0.53 -5.23
N LEU A 45 -4.17 1.37 -4.24
CA LEU A 45 -5.05 1.39 -3.04
C LEU A 45 -6.00 2.60 -3.06
N GLY A 46 -5.93 3.42 -4.10
CA GLY A 46 -6.88 4.59 -4.19
C GLY A 46 -6.33 5.83 -3.48
N LEU A 47 -5.06 5.85 -3.14
CA LEU A 47 -4.51 7.07 -2.45
C LEU A 47 -3.30 7.62 -3.21
N GLU A 48 -2.52 8.47 -2.57
CA GLU A 48 -1.32 9.06 -3.22
C GLU A 48 -0.09 8.22 -2.90
N LYS A 49 0.95 8.37 -3.67
CA LYS A 49 2.18 7.60 -3.39
C LYS A 49 2.89 8.18 -2.15
N ASP A 50 2.45 9.31 -1.65
CA ASP A 50 3.08 9.91 -0.44
C ASP A 50 2.63 9.17 0.82
N VAL A 51 1.41 8.69 0.84
CA VAL A 51 0.93 7.96 2.06
C VAL A 51 1.63 6.60 2.09
N VAL A 52 1.70 6.00 0.94
CA VAL A 52 2.36 4.68 0.83
C VAL A 52 3.86 4.83 1.11
N ARG A 53 4.41 5.99 0.87
CA ARG A 53 5.86 6.22 1.10
C ARG A 53 6.16 6.30 2.61
N VAL A 54 5.34 7.00 3.35
CA VAL A 54 5.58 7.12 4.83
C VAL A 54 5.48 5.73 5.46
N TRP A 55 4.52 4.94 5.06
CA TRP A 55 4.44 3.58 5.62
C TRP A 55 5.65 2.77 5.06
N PHE A 56 6.12 3.12 3.89
CA PHE A 56 7.29 2.38 3.33
C PHE A 56 8.60 2.99 3.80
N CYS A 57 8.55 4.06 4.57
CA CYS A 57 9.81 4.62 5.11
C CYS A 57 10.22 3.69 6.25
N ASN A 58 9.23 3.24 7.00
CA ASN A 58 9.51 2.30 8.11
C ASN A 58 9.63 0.87 7.53
N ARG A 59 8.86 0.56 6.50
CA ARG A 59 8.95 -0.80 5.89
C ARG A 59 10.28 -0.94 5.15
N ARG A 60 10.89 0.16 4.76
CA ARG A 60 12.19 0.09 4.06
C ARG A 60 13.31 0.15 5.10
N GLN A 61 13.07 0.84 6.19
CA GLN A 61 14.10 0.95 7.26
C GLN A 61 13.50 0.42 8.57
N LYS A 62 13.20 -0.85 8.62
CA LYS A 62 12.62 -1.44 9.85
C LYS A 62 13.72 -1.67 10.89
N GLY A 63 14.97 -1.74 10.46
CA GLY A 63 16.07 -1.94 11.44
C GLY A 63 17.15 -2.84 10.81
N LYS A 64 18.04 -2.26 10.04
CA LYS A 64 19.12 -3.06 9.40
C LYS A 64 20.25 -3.30 10.41
N ARG A 65 20.50 -2.34 11.26
CA ARG A 65 21.59 -2.51 12.27
C ARG A 65 21.17 -1.82 13.58
N SER A 66 20.84 -2.59 14.59
CA SER A 66 20.43 -2.00 15.90
C SER A 66 20.92 -2.89 17.03
N SER A 67 21.63 -2.32 17.97
CA SER A 67 22.15 -3.14 19.11
C SER A 67 21.05 -3.30 20.16
N MET A 1 -15.90 24.71 8.73
CA MET A 1 -15.44 24.48 10.12
C MET A 1 -15.81 23.07 10.55
N GLU A 2 -16.99 22.62 10.20
CA GLU A 2 -17.43 21.26 10.58
C GLU A 2 -18.08 20.57 9.38
N THR A 3 -17.57 20.81 8.20
CA THR A 3 -18.15 20.19 6.98
C THR A 3 -17.39 18.89 6.66
N LEU A 4 -17.31 17.99 7.61
CA LEU A 4 -16.59 16.71 7.37
C LEU A 4 -17.60 15.55 7.41
N VAL A 5 -17.12 14.34 7.38
CA VAL A 5 -18.04 13.16 7.40
C VAL A 5 -17.65 12.23 8.55
N GLN A 6 -17.99 12.61 9.77
CA GLN A 6 -17.64 11.76 10.94
C GLN A 6 -18.90 11.03 11.44
N ALA A 7 -19.60 10.38 10.56
CA ALA A 7 -20.84 9.65 10.96
C ALA A 7 -20.50 8.56 11.97
N ARG A 8 -19.33 7.99 11.88
CA ARG A 8 -18.93 6.91 12.83
C ARG A 8 -17.40 6.91 12.98
N LYS A 9 -16.87 5.97 13.71
CA LYS A 9 -15.39 5.91 13.89
C LYS A 9 -14.74 5.26 12.67
N ARG A 10 -14.35 6.06 11.71
CA ARG A 10 -13.71 5.50 10.49
C ARG A 10 -12.93 6.60 9.78
N LYS A 11 -11.66 6.75 10.10
CA LYS A 11 -10.84 7.80 9.44
C LYS A 11 -10.11 7.21 8.24
N ARG A 12 -10.32 7.77 7.08
CA ARG A 12 -9.65 7.26 5.84
C ARG A 12 -9.52 8.40 4.83
N THR A 13 -8.40 9.08 4.84
CA THR A 13 -8.21 10.19 3.87
C THR A 13 -7.85 9.58 2.52
N SER A 14 -6.73 8.91 2.45
CA SER A 14 -6.32 8.25 1.17
C SER A 14 -5.41 7.06 1.44
N ILE A 15 -5.42 6.54 2.64
CA ILE A 15 -4.58 5.34 2.96
C ILE A 15 -5.20 4.61 4.15
N GLU A 16 -6.32 3.97 3.94
CA GLU A 16 -6.95 3.20 5.04
C GLU A 16 -6.03 2.02 5.35
N ASN A 17 -6.06 1.50 6.53
CA ASN A 17 -5.17 0.35 6.87
C ASN A 17 -5.49 -0.83 5.95
N ARG A 18 -6.66 -0.84 5.37
CA ARG A 18 -7.03 -1.94 4.44
C ARG A 18 -6.42 -1.66 3.08
N VAL A 19 -6.28 -0.40 2.72
CA VAL A 19 -5.69 -0.06 1.39
C VAL A 19 -4.25 -0.57 1.33
N ARG A 20 -3.49 -0.32 2.36
CA ARG A 20 -2.06 -0.77 2.37
C ARG A 20 -1.98 -2.27 2.22
N TRP A 21 -2.70 -3.01 3.01
CA TRP A 21 -2.64 -4.48 2.85
C TRP A 21 -3.34 -4.86 1.54
N SER A 22 -4.09 -3.93 0.94
CA SER A 22 -4.70 -4.20 -0.38
C SER A 22 -3.54 -4.20 -1.37
N LEU A 23 -2.57 -3.32 -1.16
CA LEU A 23 -1.36 -3.30 -2.03
C LEU A 23 -0.78 -4.71 -2.01
N GLU A 24 -0.69 -5.25 -0.82
CA GLU A 24 -0.17 -6.65 -0.66
C GLU A 24 -0.94 -7.63 -1.56
N THR A 25 -2.24 -7.46 -1.65
CA THR A 25 -3.06 -8.38 -2.50
C THR A 25 -2.67 -8.22 -3.98
N MET A 26 -2.33 -7.02 -4.39
CA MET A 26 -1.94 -6.79 -5.81
C MET A 26 -0.55 -7.36 -6.10
N PHE A 27 0.32 -7.36 -5.12
CA PHE A 27 1.70 -7.88 -5.34
C PHE A 27 1.78 -9.38 -5.00
N LEU A 28 0.77 -9.93 -4.38
CA LEU A 28 0.80 -11.37 -4.03
C LEU A 28 0.19 -12.22 -5.14
N LYS A 29 -0.24 -11.62 -6.23
CA LYS A 29 -0.83 -12.41 -7.34
C LYS A 29 0.24 -12.60 -8.42
N CYS A 30 1.00 -11.56 -8.67
CA CYS A 30 2.07 -11.64 -9.69
C CYS A 30 3.29 -10.84 -9.19
N PRO A 31 4.46 -11.47 -9.08
CA PRO A 31 5.67 -10.78 -8.63
C PRO A 31 6.38 -10.13 -9.82
N LYS A 32 5.64 -9.79 -10.85
CA LYS A 32 6.28 -9.19 -12.06
C LYS A 32 5.73 -7.78 -12.37
N PRO A 33 5.62 -6.90 -11.38
CA PRO A 33 5.12 -5.53 -11.64
C PRO A 33 6.22 -4.71 -12.31
N SER A 34 5.85 -3.73 -13.09
CA SER A 34 6.86 -2.87 -13.76
C SER A 34 7.23 -1.72 -12.85
N LEU A 35 8.46 -1.26 -12.90
CA LEU A 35 8.84 -0.09 -12.05
C LEU A 35 7.93 1.08 -12.41
N GLN A 36 7.42 1.08 -13.61
CA GLN A 36 6.49 2.14 -14.05
C GLN A 36 5.16 1.94 -13.31
N GLN A 37 4.74 0.69 -13.20
CA GLN A 37 3.48 0.38 -12.48
C GLN A 37 3.64 0.77 -11.01
N ILE A 38 4.85 0.73 -10.48
CA ILE A 38 5.05 1.13 -9.06
C ILE A 38 4.86 2.65 -8.98
N THR A 39 5.22 3.35 -10.01
CA THR A 39 4.99 4.83 -10.02
C THR A 39 3.47 5.03 -10.02
N HIS A 40 2.76 4.15 -10.69
CA HIS A 40 1.27 4.22 -10.71
C HIS A 40 0.75 3.84 -9.33
N ILE A 41 1.49 3.05 -8.57
CA ILE A 41 1.04 2.69 -7.19
C ILE A 41 1.05 4.00 -6.38
N ALA A 42 2.13 4.73 -6.48
CA ALA A 42 2.27 6.01 -5.72
C ALA A 42 1.06 6.91 -5.96
N ASN A 43 0.80 7.23 -7.21
CA ASN A 43 -0.39 8.07 -7.51
C ASN A 43 -1.65 7.30 -7.10
N GLN A 44 -1.54 6.00 -6.98
CA GLN A 44 -2.71 5.14 -6.62
C GLN A 44 -2.98 5.14 -5.09
N LEU A 45 -2.02 5.49 -4.27
CA LEU A 45 -2.28 5.49 -2.79
C LEU A 45 -1.61 6.71 -2.12
N GLY A 46 -1.27 7.73 -2.87
CA GLY A 46 -0.64 8.94 -2.28
C GLY A 46 0.70 8.61 -1.60
N LEU A 47 1.33 7.52 -1.96
CA LEU A 47 2.66 7.17 -1.33
C LEU A 47 3.76 7.46 -2.33
N GLU A 48 4.82 8.10 -1.91
CA GLU A 48 5.95 8.35 -2.85
C GLU A 48 6.56 6.98 -3.17
N LYS A 49 7.56 6.93 -4.00
CA LYS A 49 8.15 5.61 -4.34
C LYS A 49 9.12 5.16 -3.23
N ASP A 50 9.51 6.05 -2.36
CA ASP A 50 10.44 5.66 -1.26
C ASP A 50 9.64 4.90 -0.18
N VAL A 51 8.50 5.41 0.18
CA VAL A 51 7.66 4.72 1.20
C VAL A 51 7.11 3.44 0.58
N VAL A 52 6.74 3.51 -0.67
CA VAL A 52 6.17 2.31 -1.35
C VAL A 52 7.25 1.21 -1.45
N ARG A 53 8.48 1.59 -1.59
CA ARG A 53 9.57 0.59 -1.68
C ARG A 53 9.85 0.01 -0.29
N VAL A 54 9.61 0.80 0.74
CA VAL A 54 9.86 0.30 2.13
C VAL A 54 8.84 -0.79 2.47
N TRP A 55 7.57 -0.55 2.21
CA TRP A 55 6.57 -1.61 2.52
C TRP A 55 6.86 -2.83 1.63
N PHE A 56 7.30 -2.62 0.41
CA PHE A 56 7.58 -3.80 -0.46
C PHE A 56 8.93 -4.41 -0.13
N CYS A 57 9.75 -3.73 0.64
CA CYS A 57 11.05 -4.35 1.03
C CYS A 57 10.73 -5.48 2.00
N ASN A 58 9.74 -5.26 2.83
CA ASN A 58 9.31 -6.33 3.78
C ASN A 58 8.37 -7.29 3.05
N ARG A 59 7.66 -6.81 2.05
CA ARG A 59 6.74 -7.70 1.28
C ARG A 59 7.58 -8.60 0.36
N ARG A 60 8.83 -8.26 0.12
CA ARG A 60 9.70 -9.09 -0.75
C ARG A 60 10.42 -10.12 0.12
N GLN A 61 10.78 -9.74 1.32
CA GLN A 61 11.48 -10.69 2.23
C GLN A 61 10.58 -10.97 3.44
N LYS A 62 9.42 -11.51 3.18
CA LYS A 62 8.48 -11.85 4.28
C LYS A 62 8.93 -13.15 4.95
N GLY A 63 9.68 -13.98 4.24
CA GLY A 63 10.15 -15.26 4.83
C GLY A 63 11.06 -15.97 3.83
N LYS A 64 11.91 -15.25 3.17
CA LYS A 64 12.84 -15.88 2.18
C LYS A 64 14.22 -16.04 2.80
N ARG A 65 14.28 -16.32 4.08
CA ARG A 65 15.60 -16.47 4.76
C ARG A 65 15.62 -17.77 5.56
N SER A 66 14.54 -18.09 6.23
CA SER A 66 14.49 -19.35 7.04
C SER A 66 14.23 -20.54 6.11
N SER A 67 15.26 -21.19 5.67
CA SER A 67 15.09 -22.36 4.76
C SER A 67 15.17 -23.66 5.58
N MET A 1 -24.55 11.66 -9.10
CA MET A 1 -25.00 12.45 -7.93
C MET A 1 -25.35 11.50 -6.77
N GLU A 2 -24.37 11.06 -6.04
CA GLU A 2 -24.63 10.15 -4.89
C GLU A 2 -23.89 10.65 -3.66
N THR A 3 -24.24 11.81 -3.18
CA THR A 3 -23.57 12.37 -1.97
C THR A 3 -24.41 12.09 -0.73
N LEU A 4 -24.38 10.87 -0.26
CA LEU A 4 -25.19 10.50 0.95
C LEU A 4 -24.41 9.49 1.79
N VAL A 5 -24.22 8.31 1.27
CA VAL A 5 -23.47 7.26 2.02
C VAL A 5 -22.40 6.64 1.12
N GLN A 6 -21.31 7.34 0.91
CA GLN A 6 -20.22 6.80 0.04
C GLN A 6 -19.35 5.82 0.84
N ALA A 7 -18.30 5.35 0.25
CA ALA A 7 -17.40 4.39 0.95
C ALA A 7 -16.81 5.04 2.21
N ARG A 8 -17.30 4.67 3.36
CA ARG A 8 -16.79 5.26 4.63
C ARG A 8 -15.58 4.46 5.11
N LYS A 9 -14.95 4.90 6.18
CA LYS A 9 -13.77 4.17 6.72
C LYS A 9 -14.20 3.24 7.86
N ARG A 10 -15.33 2.60 7.72
CA ARG A 10 -15.82 1.69 8.79
C ARG A 10 -15.22 0.31 8.62
N LYS A 11 -15.19 -0.19 7.41
CA LYS A 11 -14.63 -1.55 7.16
C LYS A 11 -13.10 -1.45 7.07
N ARG A 12 -12.44 -2.54 6.78
CA ARG A 12 -10.95 -2.52 6.67
C ARG A 12 -10.51 -2.99 5.28
N THR A 13 -11.43 -3.06 4.33
CA THR A 13 -11.05 -3.50 2.96
C THR A 13 -10.41 -2.33 2.22
N SER A 14 -10.75 -1.12 2.60
CA SER A 14 -10.15 0.07 1.93
C SER A 14 -8.76 0.33 2.51
N ILE A 15 -8.21 1.50 2.30
CA ILE A 15 -6.86 1.81 2.82
C ILE A 15 -6.96 2.35 4.26
N GLU A 16 -6.99 1.47 5.22
CA GLU A 16 -7.03 1.92 6.64
C GLU A 16 -5.66 2.53 6.94
N ASN A 17 -5.60 3.48 7.81
CA ASN A 17 -4.29 4.12 8.13
C ASN A 17 -3.31 3.06 8.66
N ARG A 18 -3.82 1.98 9.17
CA ARG A 18 -2.92 0.91 9.68
C ARG A 18 -2.56 -0.03 8.53
N VAL A 19 -3.43 -0.15 7.55
CA VAL A 19 -3.13 -1.05 6.41
C VAL A 19 -1.96 -0.48 5.62
N ARG A 20 -1.96 0.81 5.38
CA ARG A 20 -0.85 1.43 4.60
C ARG A 20 0.47 1.22 5.32
N TRP A 21 0.56 1.61 6.56
CA TRP A 21 1.85 1.42 7.27
C TRP A 21 2.04 -0.07 7.57
N SER A 22 1.02 -0.88 7.37
CA SER A 22 1.19 -2.35 7.53
C SER A 22 1.97 -2.81 6.29
N LEU A 23 1.69 -2.19 5.14
CA LEU A 23 2.44 -2.52 3.89
C LEU A 23 3.91 -2.28 4.20
N GLU A 24 4.17 -1.16 4.84
CA GLU A 24 5.57 -0.80 5.22
C GLU A 24 6.20 -1.91 6.08
N THR A 25 5.49 -2.40 7.06
CA THR A 25 6.05 -3.47 7.94
C THR A 25 6.36 -4.72 7.13
N MET A 26 5.67 -4.93 6.02
CA MET A 26 5.92 -6.14 5.20
C MET A 26 7.04 -5.90 4.17
N PHE A 27 7.26 -4.68 3.78
CA PHE A 27 8.33 -4.39 2.78
C PHE A 27 9.67 -4.10 3.48
N LEU A 28 9.66 -3.87 4.76
CA LEU A 28 10.94 -3.58 5.49
C LEU A 28 11.58 -4.88 5.99
N LYS A 29 11.19 -6.01 5.46
CA LYS A 29 11.81 -7.30 5.90
C LYS A 29 12.86 -7.70 4.85
N CYS A 30 12.52 -7.54 3.61
CA CYS A 30 13.46 -7.88 2.51
C CYS A 30 13.30 -6.83 1.40
N PRO A 31 14.40 -6.40 0.80
CA PRO A 31 14.36 -5.41 -0.28
C PRO A 31 14.15 -6.11 -1.63
N LYS A 32 13.69 -7.34 -1.63
CA LYS A 32 13.52 -8.06 -2.91
C LYS A 32 12.07 -8.58 -3.09
N PRO A 33 11.09 -7.68 -3.07
CA PRO A 33 9.68 -8.09 -3.25
C PRO A 33 9.43 -8.42 -4.72
N SER A 34 8.89 -9.58 -4.98
CA SER A 34 8.61 -9.98 -6.39
C SER A 34 7.48 -9.16 -6.96
N LEU A 35 7.50 -8.89 -8.24
CA LEU A 35 6.39 -8.14 -8.88
C LEU A 35 5.11 -8.96 -8.70
N GLN A 36 5.26 -10.25 -8.60
CA GLN A 36 4.10 -11.13 -8.36
C GLN A 36 3.61 -10.85 -6.94
N GLN A 37 4.55 -10.65 -6.04
CA GLN A 37 4.19 -10.34 -4.63
C GLN A 37 3.46 -9.00 -4.61
N ILE A 38 3.75 -8.12 -5.54
CA ILE A 38 3.03 -6.81 -5.56
C ILE A 38 1.60 -7.07 -6.03
N THR A 39 1.41 -8.05 -6.86
CA THR A 39 0.03 -8.38 -7.33
C THR A 39 -0.78 -8.83 -6.11
N HIS A 40 -0.19 -9.65 -5.28
CA HIS A 40 -0.89 -10.10 -4.04
C HIS A 40 -0.96 -8.94 -3.04
N ILE A 41 -0.11 -7.96 -3.19
CA ILE A 41 -0.13 -6.79 -2.27
C ILE A 41 -1.43 -6.01 -2.55
N ALA A 42 -1.73 -5.76 -3.79
CA ALA A 42 -2.98 -5.01 -4.13
C ALA A 42 -4.19 -5.80 -3.66
N ASN A 43 -4.28 -7.05 -4.04
CA ASN A 43 -5.40 -7.89 -3.56
C ASN A 43 -5.30 -8.03 -2.03
N GLN A 44 -4.14 -7.73 -1.47
CA GLN A 44 -3.96 -7.84 0.00
C GLN A 44 -4.64 -6.66 0.71
N LEU A 45 -4.69 -5.50 0.10
CA LEU A 45 -5.36 -4.35 0.77
C LEU A 45 -6.44 -3.70 -0.15
N GLY A 46 -6.88 -4.43 -1.15
CA GLY A 46 -7.95 -3.92 -2.06
C GLY A 46 -7.63 -2.54 -2.67
N LEU A 47 -6.37 -2.18 -2.78
CA LEU A 47 -6.05 -0.84 -3.39
C LEU A 47 -5.63 -1.06 -4.86
N GLU A 48 -5.36 0.00 -5.57
CA GLU A 48 -4.91 -0.13 -6.98
C GLU A 48 -3.39 -0.21 -7.03
N LYS A 49 -2.83 -0.36 -8.20
CA LYS A 49 -1.35 -0.42 -8.31
C LYS A 49 -0.79 1.01 -8.38
N ASP A 50 -1.64 2.02 -8.41
CA ASP A 50 -1.14 3.41 -8.48
C ASP A 50 -0.86 3.95 -7.08
N VAL A 51 -1.68 3.62 -6.10
CA VAL A 51 -1.39 4.10 -4.72
C VAL A 51 -0.38 3.16 -4.07
N VAL A 52 -0.34 1.92 -4.52
CA VAL A 52 0.62 0.94 -3.95
C VAL A 52 2.02 1.25 -4.51
N ARG A 53 2.09 1.66 -5.76
CA ARG A 53 3.42 1.97 -6.38
C ARG A 53 3.92 3.34 -5.93
N VAL A 54 3.04 4.28 -5.71
CA VAL A 54 3.48 5.64 -5.25
C VAL A 54 4.06 5.53 -3.85
N TRP A 55 3.39 4.83 -2.96
CA TRP A 55 3.93 4.70 -1.58
C TRP A 55 5.25 3.93 -1.66
N PHE A 56 5.33 2.91 -2.48
CA PHE A 56 6.60 2.13 -2.55
C PHE A 56 7.61 2.82 -3.45
N CYS A 57 7.25 3.89 -4.11
CA CYS A 57 8.25 4.62 -4.93
C CYS A 57 9.14 5.36 -3.94
N ASN A 58 8.57 5.86 -2.89
CA ASN A 58 9.35 6.57 -1.84
C ASN A 58 9.98 5.52 -0.91
N ARG A 59 9.27 4.43 -0.64
CA ARG A 59 9.84 3.37 0.25
C ARG A 59 11.02 2.71 -0.45
N ARG A 60 11.07 2.78 -1.76
CA ARG A 60 12.22 2.18 -2.52
C ARG A 60 13.35 3.21 -2.58
N GLN A 61 13.02 4.47 -2.60
CA GLN A 61 14.07 5.53 -2.67
C GLN A 61 14.08 6.34 -1.37
N LYS A 62 14.29 5.68 -0.26
CA LYS A 62 14.33 6.41 1.05
C LYS A 62 15.68 7.12 1.21
N GLY A 63 16.71 6.62 0.56
CA GLY A 63 18.05 7.25 0.67
C GLY A 63 19.14 6.22 0.43
N LYS A 64 19.06 5.50 -0.65
CA LYS A 64 20.08 4.46 -0.96
C LYS A 64 20.76 4.78 -2.30
N ARG A 65 20.90 6.04 -2.61
CA ARG A 65 21.55 6.44 -3.89
C ARG A 65 22.46 7.64 -3.63
N SER A 66 23.29 7.56 -2.62
CA SER A 66 24.21 8.70 -2.30
C SER A 66 25.65 8.29 -2.57
N SER A 67 25.96 7.01 -2.42
CA SER A 67 27.35 6.54 -2.68
C SER A 67 27.31 5.07 -3.08
N MET A 1 -2.28 -16.63 -11.93
CA MET A 1 -0.87 -16.15 -11.89
C MET A 1 -0.78 -14.85 -11.09
N GLU A 2 -0.33 -14.93 -9.87
CA GLU A 2 -0.23 -13.69 -9.03
C GLU A 2 1.00 -13.79 -8.12
N THR A 3 2.08 -14.31 -8.62
CA THR A 3 3.33 -14.44 -7.80
C THR A 3 4.34 -13.39 -8.27
N LEU A 4 5.47 -13.32 -7.60
CA LEU A 4 6.51 -12.33 -7.99
C LEU A 4 7.91 -12.95 -7.82
N VAL A 5 8.93 -12.19 -8.09
CA VAL A 5 10.33 -12.73 -7.95
C VAL A 5 11.24 -11.61 -7.44
N GLN A 6 11.15 -10.44 -8.03
CA GLN A 6 12.01 -9.31 -7.58
C GLN A 6 11.14 -8.07 -7.36
N ALA A 7 11.73 -7.00 -6.88
CA ALA A 7 10.95 -5.76 -6.64
C ALA A 7 10.44 -5.21 -7.97
N ARG A 8 10.06 -3.96 -8.01
CA ARG A 8 9.55 -3.36 -9.27
C ARG A 8 10.00 -1.89 -9.36
N LYS A 9 9.34 -1.10 -10.16
CA LYS A 9 9.72 0.33 -10.29
C LYS A 9 9.16 1.13 -9.11
N ARG A 10 9.93 1.26 -8.05
CA ARG A 10 9.46 2.02 -6.86
C ARG A 10 10.20 3.36 -6.80
N LYS A 11 10.25 4.07 -7.90
CA LYS A 11 10.96 5.38 -7.91
C LYS A 11 10.05 6.46 -7.30
N ARG A 12 10.44 7.70 -7.41
CA ARG A 12 9.61 8.79 -6.82
C ARG A 12 8.96 9.62 -7.93
N THR A 13 8.40 8.96 -8.92
CA THR A 13 7.72 9.71 -10.02
C THR A 13 6.35 10.15 -9.52
N SER A 14 5.72 9.30 -8.75
CA SER A 14 4.39 9.63 -8.17
C SER A 14 4.24 8.91 -6.85
N ILE A 15 5.34 8.68 -6.18
CA ILE A 15 5.32 7.97 -4.86
C ILE A 15 6.56 8.39 -4.07
N GLU A 16 6.51 9.50 -3.40
CA GLU A 16 7.68 9.94 -2.59
C GLU A 16 7.95 8.85 -1.55
N ASN A 17 9.18 8.62 -1.21
CA ASN A 17 9.49 7.53 -0.22
C ASN A 17 8.75 7.78 1.09
N ARG A 18 8.35 9.00 1.34
CA ARG A 18 7.60 9.29 2.60
C ARG A 18 6.11 9.08 2.35
N VAL A 19 5.67 9.31 1.13
CA VAL A 19 4.22 9.14 0.82
C VAL A 19 3.85 7.66 0.94
N ARG A 20 4.69 6.80 0.44
CA ARG A 20 4.37 5.34 0.50
C ARG A 20 4.37 4.87 1.93
N TRP A 21 5.43 5.11 2.66
CA TRP A 21 5.43 4.65 4.07
C TRP A 21 4.53 5.58 4.90
N SER A 22 4.02 6.65 4.31
CA SER A 22 3.05 7.51 5.03
C SER A 22 1.75 6.71 5.00
N LEU A 23 1.47 6.08 3.86
CA LEU A 23 0.27 5.20 3.75
C LEU A 23 0.36 4.17 4.88
N GLU A 24 1.54 3.62 5.03
CA GLU A 24 1.78 2.61 6.10
C GLU A 24 1.51 3.21 7.49
N THR A 25 1.84 4.46 7.68
CA THR A 25 1.60 5.10 9.00
C THR A 25 0.10 5.21 9.28
N MET A 26 -0.70 5.28 8.24
CA MET A 26 -2.17 5.41 8.44
C MET A 26 -2.86 4.04 8.51
N PHE A 27 -2.30 3.01 7.92
CA PHE A 27 -2.97 1.67 7.96
C PHE A 27 -2.52 0.86 9.17
N LEU A 28 -1.37 1.16 9.73
CA LEU A 28 -0.90 0.40 10.93
C LEU A 28 -1.66 0.85 12.18
N LYS A 29 -2.27 2.01 12.14
CA LYS A 29 -3.06 2.48 13.31
C LYS A 29 -4.53 2.18 13.06
N CYS A 30 -4.94 2.25 11.82
CA CYS A 30 -6.37 2.01 11.51
C CYS A 30 -6.53 0.70 10.72
N PRO A 31 -6.81 -0.39 11.40
CA PRO A 31 -7.06 -1.69 10.75
C PRO A 31 -8.54 -1.74 10.32
N LYS A 32 -9.26 -0.63 10.43
CA LYS A 32 -10.69 -0.59 10.07
C LYS A 32 -10.96 0.41 8.91
N PRO A 33 -10.14 0.44 7.86
CA PRO A 33 -10.37 1.37 6.73
C PRO A 33 -11.49 0.85 5.82
N SER A 34 -12.27 1.75 5.28
CA SER A 34 -13.36 1.34 4.37
C SER A 34 -12.82 1.34 2.94
N LEU A 35 -13.33 0.49 2.08
CA LEU A 35 -12.85 0.49 0.68
C LEU A 35 -13.13 1.89 0.09
N GLN A 36 -14.07 2.61 0.67
CA GLN A 36 -14.35 3.99 0.19
C GLN A 36 -13.16 4.85 0.61
N GLN A 37 -12.68 4.63 1.80
CA GLN A 37 -11.49 5.37 2.28
C GLN A 37 -10.29 4.97 1.39
N ILE A 38 -10.35 3.81 0.77
CA ILE A 38 -9.24 3.40 -0.13
C ILE A 38 -9.31 4.27 -1.38
N THR A 39 -10.50 4.61 -1.80
CA THR A 39 -10.66 5.49 -3.00
C THR A 39 -10.06 6.86 -2.64
N HIS A 40 -10.32 7.32 -1.45
CA HIS A 40 -9.75 8.62 -1.00
C HIS A 40 -8.25 8.45 -0.68
N ILE A 41 -7.81 7.22 -0.51
CA ILE A 41 -6.37 6.96 -0.24
C ILE A 41 -5.63 7.25 -1.55
N ALA A 42 -6.19 6.81 -2.63
CA ALA A 42 -5.58 7.02 -3.96
C ALA A 42 -5.51 8.51 -4.23
N ASN A 43 -6.63 9.18 -4.13
CA ASN A 43 -6.63 10.65 -4.32
C ASN A 43 -5.70 11.28 -3.26
N GLN A 44 -5.45 10.56 -2.19
CA GLN A 44 -4.56 11.06 -1.12
C GLN A 44 -3.14 11.19 -1.64
N LEU A 45 -2.68 10.21 -2.39
CA LEU A 45 -1.28 10.28 -2.94
C LEU A 45 -1.30 10.29 -4.49
N GLY A 46 -2.41 10.63 -5.08
CA GLY A 46 -2.51 10.69 -6.57
C GLY A 46 -1.93 9.43 -7.25
N LEU A 47 -1.99 8.29 -6.61
CA LEU A 47 -1.44 7.04 -7.25
C LEU A 47 -2.58 6.21 -7.85
N GLU A 48 -2.24 5.07 -8.40
CA GLU A 48 -3.29 4.17 -8.99
C GLU A 48 -3.76 3.18 -7.94
N LYS A 49 -4.90 2.59 -8.16
CA LYS A 49 -5.39 1.56 -7.18
C LYS A 49 -4.48 0.33 -7.25
N ASP A 50 -3.63 0.23 -8.25
CA ASP A 50 -2.72 -0.94 -8.38
C ASP A 50 -1.51 -0.74 -7.45
N VAL A 51 -1.16 0.50 -7.14
CA VAL A 51 -0.01 0.74 -6.23
C VAL A 51 -0.52 0.60 -4.80
N VAL A 52 -1.68 1.12 -4.57
CA VAL A 52 -2.26 1.08 -3.21
C VAL A 52 -2.72 -0.36 -2.87
N ARG A 53 -3.07 -1.13 -3.87
CA ARG A 53 -3.54 -2.52 -3.59
C ARG A 53 -2.36 -3.48 -3.52
N VAL A 54 -1.29 -3.24 -4.26
CA VAL A 54 -0.12 -4.17 -4.19
C VAL A 54 0.62 -3.94 -2.87
N TRP A 55 0.69 -2.72 -2.42
CA TRP A 55 1.38 -2.47 -1.13
C TRP A 55 0.46 -2.96 0.01
N PHE A 56 -0.84 -2.78 -0.10
CA PHE A 56 -1.72 -3.25 1.01
C PHE A 56 -2.02 -4.73 0.88
N CYS A 57 -1.65 -5.37 -0.20
CA CYS A 57 -1.86 -6.83 -0.29
C CYS A 57 -0.82 -7.49 0.62
N ASN A 58 0.33 -6.87 0.72
CA ASN A 58 1.40 -7.41 1.61
C ASN A 58 1.22 -6.78 3.01
N ARG A 59 0.62 -5.61 3.10
CA ARG A 59 0.40 -4.98 4.44
C ARG A 59 -0.76 -5.67 5.15
N ARG A 60 -1.64 -6.33 4.42
CA ARG A 60 -2.78 -7.02 5.08
C ARG A 60 -2.33 -8.42 5.55
N GLN A 61 -1.46 -9.05 4.80
CA GLN A 61 -0.97 -10.40 5.20
C GLN A 61 0.55 -10.37 5.38
N LYS A 62 1.02 -9.57 6.30
CA LYS A 62 2.49 -9.48 6.54
C LYS A 62 2.94 -10.65 7.43
N GLY A 63 2.06 -11.11 8.28
CA GLY A 63 2.42 -12.25 9.18
C GLY A 63 1.75 -12.05 10.54
N LYS A 64 0.44 -12.19 10.58
CA LYS A 64 -0.28 -12.01 11.87
C LYS A 64 -0.19 -13.29 12.70
N ARG A 65 -0.78 -14.35 12.23
CA ARG A 65 -0.72 -15.64 12.98
C ARG A 65 0.14 -16.65 12.21
N SER A 66 1.42 -16.67 12.49
CA SER A 66 2.32 -17.62 11.78
C SER A 66 3.21 -18.34 12.80
N SER A 67 2.61 -19.19 13.61
CA SER A 67 3.40 -19.94 14.63
C SER A 67 3.19 -21.44 14.43
#